data_2NN4
# 
_entry.id   2NN4 
# 
_audit_conform.dict_name       mmcif_pdbx.dic 
_audit_conform.dict_version    5.383 
_audit_conform.dict_location   http://mmcif.pdb.org/dictionaries/ascii/mmcif_pdbx.dic 
# 
loop_
_database_2.database_id 
_database_2.database_code 
_database_2.pdbx_database_accession 
_database_2.pdbx_DOI 
PDB   2NN4         pdb_00002nn4 10.2210/pdb2nn4/pdb 
RCSB  RCSB040064   ?            ?                   
WWPDB D_1000040064 ?            ?                   
# 
loop_
_pdbx_audit_revision_history.ordinal 
_pdbx_audit_revision_history.data_content_type 
_pdbx_audit_revision_history.major_revision 
_pdbx_audit_revision_history.minor_revision 
_pdbx_audit_revision_history.revision_date 
1 'Structure model' 1 0 2006-10-31 
2 'Structure model' 1 1 2008-05-01 
3 'Structure model' 1 2 2011-07-13 
4 'Structure model' 1 3 2012-10-24 
5 'Structure model' 1 4 2021-02-03 
6 'Structure model' 1 5 2023-12-27 
# 
_pdbx_audit_revision_details.ordinal             1 
_pdbx_audit_revision_details.revision_ordinal    1 
_pdbx_audit_revision_details.data_content_type   'Structure model' 
_pdbx_audit_revision_details.provider            repository 
_pdbx_audit_revision_details.type                'Initial release' 
_pdbx_audit_revision_details.description         ? 
_pdbx_audit_revision_details.details             ? 
# 
loop_
_pdbx_audit_revision_group.ordinal 
_pdbx_audit_revision_group.revision_ordinal 
_pdbx_audit_revision_group.data_content_type 
_pdbx_audit_revision_group.group 
1 2 'Structure model' 'Version format compliance' 
2 3 'Structure model' 'Version format compliance' 
3 4 'Structure model' 'Database references'       
4 5 'Structure model' 'Database references'       
5 5 'Structure model' 'Structure summary'         
6 6 'Structure model' 'Data collection'           
7 6 'Structure model' 'Database references'       
# 
loop_
_pdbx_audit_revision_category.ordinal 
_pdbx_audit_revision_category.revision_ordinal 
_pdbx_audit_revision_category.data_content_type 
_pdbx_audit_revision_category.category 
1 5 'Structure model' audit_author       
2 5 'Structure model' citation_author    
3 5 'Structure model' struct_ref_seq_dif 
4 6 'Structure model' chem_comp_atom     
5 6 'Structure model' chem_comp_bond     
6 6 'Structure model' database_2         
# 
loop_
_pdbx_audit_revision_item.ordinal 
_pdbx_audit_revision_item.revision_ordinal 
_pdbx_audit_revision_item.data_content_type 
_pdbx_audit_revision_item.item 
1 5 'Structure model' '_audit_author.identifier_ORCID'      
2 5 'Structure model' '_citation_author.identifier_ORCID'   
3 5 'Structure model' '_struct_ref_seq_dif.details'         
4 6 'Structure model' '_database_2.pdbx_DOI'                
5 6 'Structure model' '_database_2.pdbx_database_accession' 
# 
_pdbx_database_status.status_code                     REL 
_pdbx_database_status.entry_id                        2NN4 
_pdbx_database_status.recvd_initial_deposition_date   2006-10-23 
_pdbx_database_status.deposit_site                    RCSB 
_pdbx_database_status.process_site                    RCSB 
_pdbx_database_status.status_code_sf                  REL 
_pdbx_database_status.status_code_mr                  ? 
_pdbx_database_status.SG_entry                        Y 
_pdbx_database_status.status_code_cs                  ? 
_pdbx_database_status.pdb_format_compatible           Y 
_pdbx_database_status.status_code_nmr_data            ? 
_pdbx_database_status.methods_development_category    ? 
# 
_pdbx_database_related.db_name        TargetDB 
_pdbx_database_related.db_id          NYSGXRC-10278a 
_pdbx_database_related.details        . 
_pdbx_database_related.content_type   unspecified 
# 
loop_
_audit_author.name 
_audit_author.pdbx_ordinal 
_audit_author.identifier_ORCID 
'Damodharan, L.'                                                 1 ?                   
'Eswaramoorthy, S.'                                              2 ?                   
'Burley, S.K.'                                                   3 0000-0002-2487-9713 
'Swaminathan, S.'                                                4 ?                   
'New York SGX Research Center for Structural Genomics (NYSGXRC)' 5 ?                   
# 
_citation.id                        primary 
_citation.title                     'Structure of YqgQ protein from Bacillus subtilis, a conserved hypothetical protein.' 
_citation.journal_abbrev            'Acta Crystallogr.,Sect.F' 
_citation.journal_volume            66 
_citation.page_first                8 
_citation.page_last                 11 
_citation.year                      2010 
_citation.journal_id_ASTM           ? 
_citation.country                   DK 
_citation.journal_id_ISSN           1744-3091 
_citation.journal_id_CSD            ? 
_citation.book_publisher            ? 
_citation.pdbx_database_id_PubMed   20057058 
_citation.pdbx_database_id_DOI      10.1107/S1744309109047009 
# 
loop_
_citation_author.citation_id 
_citation_author.name 
_citation_author.ordinal 
_citation_author.identifier_ORCID 
primary 'Lakshminarasimhan, D.' 1 ?                   
primary 'Eswaramoorthy, S.'     2 ?                   
primary 'Burley, S.K.'          3 0000-0002-2487-9713 
primary 'Swaminathan, S.'       4 ?                   
# 
loop_
_entity.id 
_entity.type 
_entity.src_method 
_entity.pdbx_description 
_entity.formula_weight 
_entity.pdbx_number_of_molecules 
_entity.pdbx_ec 
_entity.pdbx_mutation 
_entity.pdbx_fragment 
_entity.details 
1 polymer man 'Hypothetical protein yqgQ' 8701.916 3  ? ? ? ? 
2 water   nat water                       18.015   47 ? ? ? ? 
# 
_entity_poly.entity_id                      1 
_entity_poly.type                           'polypeptide(L)' 
_entity_poly.nstd_linkage                   no 
_entity_poly.nstd_monomer                   no 
_entity_poly.pdbx_seq_one_letter_code       SLNTFYDVQQLLKTFGHIVYFGDRELEIEFMLDELKELYMNHMIEKEQWARAAAVLRKELEQTKNGRDFYKG 
_entity_poly.pdbx_seq_one_letter_code_can   SLNTFYDVQQLLKTFGHIVYFGDRELEIEFMLDELKELYMNHMIEKEQWARAAAVLRKELEQTKNGRDFYKG 
_entity_poly.pdbx_strand_id                 A,B,C 
_entity_poly.pdbx_target_identifier         NYSGXRC-10278a 
# 
_pdbx_entity_nonpoly.entity_id   2 
_pdbx_entity_nonpoly.name        water 
_pdbx_entity_nonpoly.comp_id     HOH 
# 
loop_
_entity_poly_seq.entity_id 
_entity_poly_seq.num 
_entity_poly_seq.mon_id 
_entity_poly_seq.hetero 
1 1  SER n 
1 2  LEU n 
1 3  ASN n 
1 4  THR n 
1 5  PHE n 
1 6  TYR n 
1 7  ASP n 
1 8  VAL n 
1 9  GLN n 
1 10 GLN n 
1 11 LEU n 
1 12 LEU n 
1 13 LYS n 
1 14 THR n 
1 15 PHE n 
1 16 GLY n 
1 17 HIS n 
1 18 ILE n 
1 19 VAL n 
1 20 TYR n 
1 21 PHE n 
1 22 GLY n 
1 23 ASP n 
1 24 ARG n 
1 25 GLU n 
1 26 LEU n 
1 27 GLU n 
1 28 ILE n 
1 29 GLU n 
1 30 PHE n 
1 31 MET n 
1 32 LEU n 
1 33 ASP n 
1 34 GLU n 
1 35 LEU n 
1 36 LYS n 
1 37 GLU n 
1 38 LEU n 
1 39 TYR n 
1 40 MET n 
1 41 ASN n 
1 42 HIS n 
1 43 MET n 
1 44 ILE n 
1 45 GLU n 
1 46 LYS n 
1 47 GLU n 
1 48 GLN n 
1 49 TRP n 
1 50 ALA n 
1 51 ARG n 
1 52 ALA n 
1 53 ALA n 
1 54 ALA n 
1 55 VAL n 
1 56 LEU n 
1 57 ARG n 
1 58 LYS n 
1 59 GLU n 
1 60 LEU n 
1 61 GLU n 
1 62 GLN n 
1 63 THR n 
1 64 LYS n 
1 65 ASN n 
1 66 GLY n 
1 67 ARG n 
1 68 ASP n 
1 69 PHE n 
1 70 TYR n 
1 71 LYS n 
1 72 GLY n 
# 
_entity_src_gen.entity_id                          1 
_entity_src_gen.pdbx_src_id                        1 
_entity_src_gen.pdbx_alt_source_flag               sample 
_entity_src_gen.pdbx_seq_type                      ? 
_entity_src_gen.pdbx_beg_seq_num                   ? 
_entity_src_gen.pdbx_end_seq_num                   ? 
_entity_src_gen.gene_src_common_name               ? 
_entity_src_gen.gene_src_genus                     Bacillus 
_entity_src_gen.pdbx_gene_src_gene                 yqgQ 
_entity_src_gen.gene_src_species                   ? 
_entity_src_gen.gene_src_strain                    ? 
_entity_src_gen.gene_src_tissue                    ? 
_entity_src_gen.gene_src_tissue_fraction           ? 
_entity_src_gen.gene_src_details                   ? 
_entity_src_gen.pdbx_gene_src_fragment             ? 
_entity_src_gen.pdbx_gene_src_scientific_name      'Bacillus subtilis' 
_entity_src_gen.pdbx_gene_src_ncbi_taxonomy_id     1423 
_entity_src_gen.pdbx_gene_src_variant              ? 
_entity_src_gen.pdbx_gene_src_cell_line            ? 
_entity_src_gen.pdbx_gene_src_atcc                 ? 
_entity_src_gen.pdbx_gene_src_organ                ? 
_entity_src_gen.pdbx_gene_src_organelle            ? 
_entity_src_gen.pdbx_gene_src_cell                 ? 
_entity_src_gen.pdbx_gene_src_cellular_location    ? 
_entity_src_gen.host_org_common_name               ? 
_entity_src_gen.pdbx_host_org_scientific_name      'Escherichia coli' 
_entity_src_gen.pdbx_host_org_ncbi_taxonomy_id     562 
_entity_src_gen.host_org_genus                     Escherichia 
_entity_src_gen.pdbx_host_org_gene                 ? 
_entity_src_gen.pdbx_host_org_organ                ? 
_entity_src_gen.host_org_species                   ? 
_entity_src_gen.pdbx_host_org_tissue               ? 
_entity_src_gen.pdbx_host_org_tissue_fraction      ? 
_entity_src_gen.pdbx_host_org_strain               'BL21(DE3)-Codon+RIL' 
_entity_src_gen.pdbx_host_org_variant              ? 
_entity_src_gen.pdbx_host_org_cell_line            ? 
_entity_src_gen.pdbx_host_org_atcc                 ? 
_entity_src_gen.pdbx_host_org_culture_collection   ? 
_entity_src_gen.pdbx_host_org_cell                 ? 
_entity_src_gen.pdbx_host_org_organelle            ? 
_entity_src_gen.pdbx_host_org_cellular_location    ? 
_entity_src_gen.pdbx_host_org_vector_type          Plasmid 
_entity_src_gen.pdbx_host_org_vector               ? 
_entity_src_gen.host_org_details                   ? 
_entity_src_gen.expression_system_id               ? 
_entity_src_gen.plasmid_name                       'pSGX4 (BS)' 
_entity_src_gen.plasmid_details                    ? 
_entity_src_gen.pdbx_description                   ? 
# 
loop_
_chem_comp.id 
_chem_comp.type 
_chem_comp.mon_nstd_flag 
_chem_comp.name 
_chem_comp.pdbx_synonyms 
_chem_comp.formula 
_chem_comp.formula_weight 
ALA 'L-peptide linking' y ALANINE         ? 'C3 H7 N O2'     89.093  
ARG 'L-peptide linking' y ARGININE        ? 'C6 H15 N4 O2 1' 175.209 
ASN 'L-peptide linking' y ASPARAGINE      ? 'C4 H8 N2 O3'    132.118 
ASP 'L-peptide linking' y 'ASPARTIC ACID' ? 'C4 H7 N O4'     133.103 
GLN 'L-peptide linking' y GLUTAMINE       ? 'C5 H10 N2 O3'   146.144 
GLU 'L-peptide linking' y 'GLUTAMIC ACID' ? 'C5 H9 N O4'     147.129 
GLY 'peptide linking'   y GLYCINE         ? 'C2 H5 N O2'     75.067  
HIS 'L-peptide linking' y HISTIDINE       ? 'C6 H10 N3 O2 1' 156.162 
HOH non-polymer         . WATER           ? 'H2 O'           18.015  
ILE 'L-peptide linking' y ISOLEUCINE      ? 'C6 H13 N O2'    131.173 
LEU 'L-peptide linking' y LEUCINE         ? 'C6 H13 N O2'    131.173 
LYS 'L-peptide linking' y LYSINE          ? 'C6 H15 N2 O2 1' 147.195 
MET 'L-peptide linking' y METHIONINE      ? 'C5 H11 N O2 S'  149.211 
PHE 'L-peptide linking' y PHENYLALANINE   ? 'C9 H11 N O2'    165.189 
SER 'L-peptide linking' y SERINE          ? 'C3 H7 N O3'     105.093 
THR 'L-peptide linking' y THREONINE       ? 'C4 H9 N O3'     119.119 
TRP 'L-peptide linking' y TRYPTOPHAN      ? 'C11 H12 N2 O2'  204.225 
TYR 'L-peptide linking' y TYROSINE        ? 'C9 H11 N O3'    181.189 
VAL 'L-peptide linking' y VALINE          ? 'C5 H11 N O2'    117.146 
# 
loop_
_pdbx_poly_seq_scheme.asym_id 
_pdbx_poly_seq_scheme.entity_id 
_pdbx_poly_seq_scheme.seq_id 
_pdbx_poly_seq_scheme.mon_id 
_pdbx_poly_seq_scheme.ndb_seq_num 
_pdbx_poly_seq_scheme.pdb_seq_num 
_pdbx_poly_seq_scheme.auth_seq_num 
_pdbx_poly_seq_scheme.pdb_mon_id 
_pdbx_poly_seq_scheme.auth_mon_id 
_pdbx_poly_seq_scheme.pdb_strand_id 
_pdbx_poly_seq_scheme.pdb_ins_code 
_pdbx_poly_seq_scheme.hetero 
A 1 1  SER 1  0  ?  ?   ?   A . n 
A 1 2  LEU 2  1  1  LEU LEU A . n 
A 1 3  ASN 3  2  2  ASN ASN A . n 
A 1 4  THR 4  3  3  THR THR A . n 
A 1 5  PHE 5  4  4  PHE PHE A . n 
A 1 6  TYR 6  5  5  TYR TYR A . n 
A 1 7  ASP 7  6  6  ASP ASP A . n 
A 1 8  VAL 8  7  7  VAL VAL A . n 
A 1 9  GLN 9  8  8  GLN GLN A . n 
A 1 10 GLN 10 9  9  GLN GLN A . n 
A 1 11 LEU 11 10 10 LEU LEU A . n 
A 1 12 LEU 12 11 11 LEU LEU A . n 
A 1 13 LYS 13 12 12 LYS LYS A . n 
A 1 14 THR 14 13 13 THR THR A . n 
A 1 15 PHE 15 14 14 PHE PHE A . n 
A 1 16 GLY 16 15 15 GLY GLY A . n 
A 1 17 HIS 17 16 16 HIS HIS A . n 
A 1 18 ILE 18 17 17 ILE ILE A . n 
A 1 19 VAL 19 18 18 VAL VAL A . n 
A 1 20 TYR 20 19 19 TYR TYR A . n 
A 1 21 PHE 21 20 20 PHE PHE A . n 
A 1 22 GLY 22 21 21 GLY GLY A . n 
A 1 23 ASP 23 22 22 ASP ASP A . n 
A 1 24 ARG 24 23 23 ARG ARG A . n 
A 1 25 GLU 25 24 24 GLU GLU A . n 
A 1 26 LEU 26 25 25 LEU LEU A . n 
A 1 27 GLU 27 26 26 GLU GLU A . n 
A 1 28 ILE 28 27 27 ILE ILE A . n 
A 1 29 GLU 29 28 28 GLU GLU A . n 
A 1 30 PHE 30 29 29 PHE PHE A . n 
A 1 31 MET 31 30 30 MET MET A . n 
A 1 32 LEU 32 31 31 LEU LEU A . n 
A 1 33 ASP 33 32 32 ASP ASP A . n 
A 1 34 GLU 34 33 33 GLU GLU A . n 
A 1 35 LEU 35 34 34 LEU LEU A . n 
A 1 36 LYS 36 35 35 LYS LYS A . n 
A 1 37 GLU 37 36 36 GLU GLU A . n 
A 1 38 LEU 38 37 37 LEU LEU A . n 
A 1 39 TYR 39 38 38 TYR TYR A . n 
A 1 40 MET 40 39 39 MET MET A . n 
A 1 41 ASN 41 40 40 ASN ASN A . n 
A 1 42 HIS 42 41 41 HIS HIS A . n 
A 1 43 MET 43 42 42 MET MET A . n 
A 1 44 ILE 44 43 43 ILE ILE A . n 
A 1 45 GLU 45 44 44 GLU GLU A . n 
A 1 46 LYS 46 45 45 LYS LYS A . n 
A 1 47 GLU 47 46 46 GLU GLU A . n 
A 1 48 GLN 48 47 47 GLN GLN A . n 
A 1 49 TRP 49 48 48 TRP TRP A . n 
A 1 50 ALA 50 49 49 ALA ALA A . n 
A 1 51 ARG 51 50 50 ARG ARG A . n 
A 1 52 ALA 52 51 51 ALA ALA A . n 
A 1 53 ALA 53 52 52 ALA ALA A . n 
A 1 54 ALA 54 53 53 ALA ALA A . n 
A 1 55 VAL 55 54 54 VAL VAL A . n 
A 1 56 LEU 56 55 55 LEU LEU A . n 
A 1 57 ARG 57 56 56 ARG ARG A . n 
A 1 58 LYS 58 57 57 LYS LYS A . n 
A 1 59 GLU 59 58 58 GLU GLU A . n 
A 1 60 LEU 60 59 59 LEU LEU A . n 
A 1 61 GLU 61 60 60 GLU GLU A . n 
A 1 62 GLN 62 61 61 GLN GLN A . n 
A 1 63 THR 63 62 62 THR THR A . n 
A 1 64 LYS 64 63 ?  ?   ?   A . n 
A 1 65 ASN 65 64 ?  ?   ?   A . n 
A 1 66 GLY 66 65 ?  ?   ?   A . n 
A 1 67 ARG 67 66 ?  ?   ?   A . n 
A 1 68 ASP 68 67 ?  ?   ?   A . n 
A 1 69 PHE 69 68 ?  ?   ?   A . n 
A 1 70 TYR 70 69 ?  ?   ?   A . n 
A 1 71 LYS 71 70 ?  ?   ?   A . n 
A 1 72 GLY 72 71 ?  ?   ?   A . n 
B 1 1  SER 1  0  ?  ?   ?   B . n 
B 1 2  LEU 2  1  1  LEU LEU B . n 
B 1 3  ASN 3  2  2  ASN ASN B . n 
B 1 4  THR 4  3  3  THR THR B . n 
B 1 5  PHE 5  4  4  PHE PHE B . n 
B 1 6  TYR 6  5  5  TYR TYR B . n 
B 1 7  ASP 7  6  6  ASP ASP B . n 
B 1 8  VAL 8  7  7  VAL VAL B . n 
B 1 9  GLN 9  8  8  GLN GLN B . n 
B 1 10 GLN 10 9  9  GLN GLN B . n 
B 1 11 LEU 11 10 10 LEU LEU B . n 
B 1 12 LEU 12 11 11 LEU LEU B . n 
B 1 13 LYS 13 12 12 LYS LYS B . n 
B 1 14 THR 14 13 13 THR THR B . n 
B 1 15 PHE 15 14 14 PHE PHE B . n 
B 1 16 GLY 16 15 15 GLY GLY B . n 
B 1 17 HIS 17 16 16 HIS HIS B . n 
B 1 18 ILE 18 17 17 ILE ILE B . n 
B 1 19 VAL 19 18 18 VAL VAL B . n 
B 1 20 TYR 20 19 19 TYR TYR B . n 
B 1 21 PHE 21 20 20 PHE PHE B . n 
B 1 22 GLY 22 21 21 GLY GLY B . n 
B 1 23 ASP 23 22 22 ASP ASP B . n 
B 1 24 ARG 24 23 23 ARG ARG B . n 
B 1 25 GLU 25 24 24 GLU GLU B . n 
B 1 26 LEU 26 25 25 LEU LEU B . n 
B 1 27 GLU 27 26 26 GLU GLU B . n 
B 1 28 ILE 28 27 27 ILE ILE B . n 
B 1 29 GLU 29 28 28 GLU GLU B . n 
B 1 30 PHE 30 29 29 PHE PHE B . n 
B 1 31 MET 31 30 30 MET MET B . n 
B 1 32 LEU 32 31 31 LEU LEU B . n 
B 1 33 ASP 33 32 32 ASP ASP B . n 
B 1 34 GLU 34 33 33 GLU GLU B . n 
B 1 35 LEU 35 34 34 LEU LEU B . n 
B 1 36 LYS 36 35 35 LYS LYS B . n 
B 1 37 GLU 37 36 36 GLU GLU B . n 
B 1 38 LEU 38 37 37 LEU LEU B . n 
B 1 39 TYR 39 38 38 TYR TYR B . n 
B 1 40 MET 40 39 39 MET MET B . n 
B 1 41 ASN 41 40 40 ASN ASN B . n 
B 1 42 HIS 42 41 41 HIS HIS B . n 
B 1 43 MET 43 42 42 MET MET B . n 
B 1 44 ILE 44 43 43 ILE ILE B . n 
B 1 45 GLU 45 44 44 GLU GLU B . n 
B 1 46 LYS 46 45 45 LYS LYS B . n 
B 1 47 GLU 47 46 46 GLU GLU B . n 
B 1 48 GLN 48 47 47 GLN GLN B . n 
B 1 49 TRP 49 48 48 TRP TRP B . n 
B 1 50 ALA 50 49 49 ALA ALA B . n 
B 1 51 ARG 51 50 50 ARG ARG B . n 
B 1 52 ALA 52 51 51 ALA ALA B . n 
B 1 53 ALA 53 52 52 ALA ALA B . n 
B 1 54 ALA 54 53 53 ALA ALA B . n 
B 1 55 VAL 55 54 54 VAL VAL B . n 
B 1 56 LEU 56 55 55 LEU LEU B . n 
B 1 57 ARG 57 56 56 ARG ARG B . n 
B 1 58 LYS 58 57 57 LYS LYS B . n 
B 1 59 GLU 59 58 58 GLU GLU B . n 
B 1 60 LEU 60 59 59 LEU LEU B . n 
B 1 61 GLU 61 60 60 GLU GLU B . n 
B 1 62 GLN 62 61 61 GLN GLN B . n 
B 1 63 THR 63 62 62 THR THR B . n 
B 1 64 LYS 64 63 ?  ?   ?   B . n 
B 1 65 ASN 65 64 ?  ?   ?   B . n 
B 1 66 GLY 66 65 ?  ?   ?   B . n 
B 1 67 ARG 67 66 ?  ?   ?   B . n 
B 1 68 ASP 68 67 ?  ?   ?   B . n 
B 1 69 PHE 69 68 ?  ?   ?   B . n 
B 1 70 TYR 70 69 ?  ?   ?   B . n 
B 1 71 LYS 71 70 ?  ?   ?   B . n 
B 1 72 GLY 72 71 ?  ?   ?   B . n 
C 1 1  SER 1  0  ?  ?   ?   C . n 
C 1 2  LEU 2  1  1  LEU LEU C . n 
C 1 3  ASN 3  2  2  ASN ASN C . n 
C 1 4  THR 4  3  3  THR THR C . n 
C 1 5  PHE 5  4  4  PHE PHE C . n 
C 1 6  TYR 6  5  5  TYR TYR C . n 
C 1 7  ASP 7  6  6  ASP ASP C . n 
C 1 8  VAL 8  7  7  VAL VAL C . n 
C 1 9  GLN 9  8  8  GLN GLN C . n 
C 1 10 GLN 10 9  9  GLN GLN C . n 
C 1 11 LEU 11 10 10 LEU LEU C . n 
C 1 12 LEU 12 11 11 LEU LEU C . n 
C 1 13 LYS 13 12 12 LYS LYS C . n 
C 1 14 THR 14 13 13 THR THR C . n 
C 1 15 PHE 15 14 14 PHE PHE C . n 
C 1 16 GLY 16 15 15 GLY GLY C . n 
C 1 17 HIS 17 16 16 HIS HIS C . n 
C 1 18 ILE 18 17 17 ILE ILE C . n 
C 1 19 VAL 19 18 18 VAL VAL C . n 
C 1 20 TYR 20 19 19 TYR TYR C . n 
C 1 21 PHE 21 20 20 PHE PHE C . n 
C 1 22 GLY 22 21 21 GLY GLY C . n 
C 1 23 ASP 23 22 22 ASP ASP C . n 
C 1 24 ARG 24 23 23 ARG ARG C . n 
C 1 25 GLU 25 24 24 GLU GLU C . n 
C 1 26 LEU 26 25 25 LEU LEU C . n 
C 1 27 GLU 27 26 26 GLU GLU C . n 
C 1 28 ILE 28 27 27 ILE ILE C . n 
C 1 29 GLU 29 28 28 GLU GLU C . n 
C 1 30 PHE 30 29 29 PHE PHE C . n 
C 1 31 MET 31 30 30 MET MET C . n 
C 1 32 LEU 32 31 31 LEU LEU C . n 
C 1 33 ASP 33 32 32 ASP ASP C . n 
C 1 34 GLU 34 33 33 GLU GLU C . n 
C 1 35 LEU 35 34 34 LEU LEU C . n 
C 1 36 LYS 36 35 35 LYS LYS C . n 
C 1 37 GLU 37 36 36 GLU GLU C . n 
C 1 38 LEU 38 37 37 LEU LEU C . n 
C 1 39 TYR 39 38 38 TYR TYR C . n 
C 1 40 MET 40 39 39 MET MET C . n 
C 1 41 ASN 41 40 40 ASN ASN C . n 
C 1 42 HIS 42 41 41 HIS HIS C . n 
C 1 43 MET 43 42 42 MET MET C . n 
C 1 44 ILE 44 43 43 ILE ILE C . n 
C 1 45 GLU 45 44 44 GLU GLU C . n 
C 1 46 LYS 46 45 45 LYS LYS C . n 
C 1 47 GLU 47 46 46 GLU GLU C . n 
C 1 48 GLN 48 47 47 GLN GLN C . n 
C 1 49 TRP 49 48 48 TRP TRP C . n 
C 1 50 ALA 50 49 49 ALA ALA C . n 
C 1 51 ARG 51 50 50 ARG ARG C . n 
C 1 52 ALA 52 51 51 ALA ALA C . n 
C 1 53 ALA 53 52 52 ALA ALA C . n 
C 1 54 ALA 54 53 53 ALA ALA C . n 
C 1 55 VAL 55 54 54 VAL VAL C . n 
C 1 56 LEU 56 55 55 LEU LEU C . n 
C 1 57 ARG 57 56 56 ARG ARG C . n 
C 1 58 LYS 58 57 57 LYS LYS C . n 
C 1 59 GLU 59 58 58 GLU GLU C . n 
C 1 60 LEU 60 59 59 LEU LEU C . n 
C 1 61 GLU 61 60 60 GLU GLU C . n 
C 1 62 GLN 62 61 61 GLN GLN C . n 
C 1 63 THR 63 62 62 THR THR C . n 
C 1 64 LYS 64 63 ?  ?   ?   C . n 
C 1 65 ASN 65 64 ?  ?   ?   C . n 
C 1 66 GLY 66 65 ?  ?   ?   C . n 
C 1 67 ARG 67 66 ?  ?   ?   C . n 
C 1 68 ASP 68 67 ?  ?   ?   C . n 
C 1 69 PHE 69 68 ?  ?   ?   C . n 
C 1 70 TYR 70 69 ?  ?   ?   C . n 
C 1 71 LYS 71 70 ?  ?   ?   C . n 
C 1 72 GLY 72 71 ?  ?   ?   C . n 
# 
loop_
_pdbx_nonpoly_scheme.asym_id 
_pdbx_nonpoly_scheme.entity_id 
_pdbx_nonpoly_scheme.mon_id 
_pdbx_nonpoly_scheme.ndb_seq_num 
_pdbx_nonpoly_scheme.pdb_seq_num 
_pdbx_nonpoly_scheme.auth_seq_num 
_pdbx_nonpoly_scheme.pdb_mon_id 
_pdbx_nonpoly_scheme.auth_mon_id 
_pdbx_nonpoly_scheme.pdb_strand_id 
_pdbx_nonpoly_scheme.pdb_ins_code 
D 2 HOH 1  72 2  HOH TIP A . 
D 2 HOH 2  73 4  HOH TIP A . 
D 2 HOH 3  74 7  HOH TIP A . 
D 2 HOH 4  75 8  HOH TIP A . 
D 2 HOH 5  76 9  HOH TIP A . 
D 2 HOH 6  77 13 HOH TIP A . 
D 2 HOH 7  78 14 HOH TIP A . 
D 2 HOH 8  79 15 HOH TIP A . 
D 2 HOH 9  80 18 HOH TIP A . 
D 2 HOH 10 81 20 HOH TIP A . 
D 2 HOH 11 82 22 HOH TIP A . 
D 2 HOH 12 83 23 HOH TIP A . 
D 2 HOH 13 84 24 HOH TIP A . 
D 2 HOH 14 85 25 HOH TIP A . 
D 2 HOH 15 86 26 HOH TIP A . 
D 2 HOH 16 87 30 HOH TIP A . 
D 2 HOH 17 88 34 HOH TIP A . 
D 2 HOH 18 89 37 HOH TIP A . 
D 2 HOH 19 90 38 HOH TIP A . 
D 2 HOH 20 91 40 HOH TIP A . 
D 2 HOH 21 92 42 HOH TIP A . 
D 2 HOH 22 93 43 HOH TIP A . 
D 2 HOH 23 94 44 HOH TIP A . 
D 2 HOH 24 95 45 HOH TIP A . 
D 2 HOH 25 96 46 HOH TIP A . 
D 2 HOH 26 97 47 HOH TIP A . 
E 2 HOH 1  72 1  HOH TIP B . 
E 2 HOH 2  73 3  HOH TIP B . 
E 2 HOH 3  74 5  HOH TIP B . 
E 2 HOH 4  75 6  HOH TIP B . 
E 2 HOH 5  76 10 HOH TIP B . 
E 2 HOH 6  77 11 HOH TIP B . 
E 2 HOH 7  78 12 HOH TIP B . 
E 2 HOH 8  79 19 HOH TIP B . 
E 2 HOH 9  80 21 HOH TIP B . 
E 2 HOH 10 81 28 HOH TIP B . 
E 2 HOH 11 82 29 HOH TIP B . 
E 2 HOH 12 83 31 HOH TIP B . 
E 2 HOH 13 84 32 HOH TIP B . 
E 2 HOH 14 85 35 HOH TIP B . 
E 2 HOH 15 86 36 HOH TIP B . 
F 2 HOH 1  72 16 HOH TIP C . 
F 2 HOH 2  73 17 HOH TIP C . 
F 2 HOH 3  74 27 HOH TIP C . 
F 2 HOH 4  75 33 HOH TIP C . 
F 2 HOH 5  76 39 HOH TIP C . 
F 2 HOH 6  77 41 HOH TIP C . 
# 
loop_
_software.name 
_software.classification 
_software.version 
_software.citation_id 
_software.pdbx_ordinal 
CNS      refinement        1.1 ? 1 
CBASS    'data collection' .   ? 2 
HKL-2000 'data reduction'  .   ? 3 
HKL-2000 'data scaling'    .   ? 4 
SOLVE    phasing           .   ? 5 
SHARP    phasing           .   ? 6 
# 
_cell.entry_id           2NN4 
_cell.length_a           51.85 
_cell.length_b           41.25 
_cell.length_c           55.18 
_cell.angle_alpha        90.00 
_cell.angle_beta         113.39 
_cell.angle_gamma        90.00 
_cell.Z_PDB              6 
_cell.pdbx_unique_axis   ? 
_cell.length_a_esd       ? 
_cell.length_b_esd       ? 
_cell.length_c_esd       ? 
_cell.angle_alpha_esd    ? 
_cell.angle_beta_esd     ? 
_cell.angle_gamma_esd    ? 
# 
_symmetry.entry_id                         2NN4 
_symmetry.space_group_name_H-M             'P 1 21 1' 
_symmetry.pdbx_full_space_group_name_H-M   ? 
_symmetry.cell_setting                     ? 
_symmetry.Int_Tables_number                4 
_symmetry.space_group_name_Hall            ? 
# 
_exptl.entry_id          2NN4 
_exptl.method            'X-RAY DIFFRACTION' 
_exptl.crystals_number   1 
# 
_exptl_crystal.id                    1 
_exptl_crystal.density_meas          ? 
_exptl_crystal.density_Matthews      2.07 
_exptl_crystal.density_percent_sol   40.71 
_exptl_crystal.description           ? 
_exptl_crystal.F_000                 ? 
_exptl_crystal.preparation           ? 
# 
_exptl_crystal_grow.crystal_id      1 
_exptl_crystal_grow.method          'VAPOR DIFFUSION, SITTING DROP' 
_exptl_crystal_grow.temp            278 
_exptl_crystal_grow.temp_details    ? 
_exptl_crystal_grow.pH              8.2 
_exptl_crystal_grow.pdbx_details    
'0.066M sodium di-hydrogen phophate, 3.385M di-potassium hydrogen phosphate, pH 8.2, VAPOR DIFFUSION, SITTING DROP, temperature 278K' 
_exptl_crystal_grow.pdbx_pH_range   . 
# 
_diffrn.id                     1 
_diffrn.ambient_temp           100 
_diffrn.ambient_temp_details   ? 
_diffrn.crystal_id             1 
# 
_diffrn_detector.diffrn_id              1 
_diffrn_detector.detector               CCD 
_diffrn_detector.type                   'ADSC QUANTUM 315' 
_diffrn_detector.pdbx_collection_date   2006-10-14 
_diffrn_detector.details                Mirrors 
# 
_diffrn_radiation.diffrn_id                        1 
_diffrn_radiation.wavelength_id                    1 
_diffrn_radiation.pdbx_monochromatic_or_laue_m_l   M 
_diffrn_radiation.monochromator                    'Si(111)' 
_diffrn_radiation.pdbx_diffrn_protocol             'SINGLE WAVELENGTH' 
_diffrn_radiation.pdbx_scattering_type             x-ray 
# 
_diffrn_radiation_wavelength.id           1 
_diffrn_radiation_wavelength.wavelength   0.9801 
_diffrn_radiation_wavelength.wt           1.0 
# 
_diffrn_source.diffrn_id                   1 
_diffrn_source.source                      SYNCHROTRON 
_diffrn_source.type                        'NSLS BEAMLINE X25' 
_diffrn_source.pdbx_synchrotron_site       NSLS 
_diffrn_source.pdbx_synchrotron_beamline   X25 
_diffrn_source.pdbx_wavelength             0.9801 
_diffrn_source.pdbx_wavelength_list        ? 
# 
_reflns.entry_id                     2NN4 
_reflns.observed_criterion_sigma_I   0 
_reflns.observed_criterion_sigma_F   ? 
_reflns.d_resolution_low             50.0 
_reflns.d_resolution_high            2.1 
_reflns.number_obs                   12344 
_reflns.number_all                   12344 
_reflns.percent_possible_obs         97.5 
_reflns.pdbx_Rmerge_I_obs            0.08 
_reflns.pdbx_Rsym_value              ? 
_reflns.pdbx_netI_over_sigmaI        12.2 
_reflns.B_iso_Wilson_estimate        17.7 
_reflns.pdbx_redundancy              6.5 
_reflns.R_free_details               ? 
_reflns.limit_h_max                  ? 
_reflns.limit_h_min                  ? 
_reflns.limit_k_max                  ? 
_reflns.limit_k_min                  ? 
_reflns.limit_l_max                  ? 
_reflns.limit_l_min                  ? 
_reflns.observed_criterion_F_max     ? 
_reflns.observed_criterion_F_min     ? 
_reflns.pdbx_chi_squared             ? 
_reflns.pdbx_scaling_rejects         ? 
_reflns.pdbx_ordinal                 1 
_reflns.pdbx_diffrn_id               1 
# 
_reflns_shell.d_res_high             2.1 
_reflns_shell.d_res_low              2.18 
_reflns_shell.percent_possible_all   84.7 
_reflns_shell.Rmerge_I_obs           0.37 
_reflns_shell.pdbx_Rsym_value        ? 
_reflns_shell.meanI_over_sigI_obs    2.8 
_reflns_shell.pdbx_redundancy        3.9 
_reflns_shell.percent_possible_obs   ? 
_reflns_shell.number_unique_all      1075 
_reflns_shell.number_measured_all    ? 
_reflns_shell.number_measured_obs    ? 
_reflns_shell.number_unique_obs      ? 
_reflns_shell.pdbx_chi_squared       ? 
_reflns_shell.pdbx_ordinal           1 
_reflns_shell.pdbx_diffrn_id         1 
# 
_refine.entry_id                                 2NN4 
_refine.ls_number_reflns_obs                     11871 
_refine.ls_number_reflns_all                     11871 
_refine.pdbx_ls_sigma_I                          ? 
_refine.pdbx_ls_sigma_F                          0.0 
_refine.pdbx_data_cutoff_high_absF               127065.32 
_refine.pdbx_data_cutoff_low_absF                0.000000 
_refine.pdbx_data_cutoff_high_rms_absF           ? 
_refine.ls_d_res_low                             47.59 
_refine.ls_d_res_high                            2.10 
_refine.ls_percent_reflns_obs                    93.6 
_refine.ls_R_factor_obs                          0.247 
_refine.ls_R_factor_all                          ? 
_refine.ls_R_factor_R_work                       0.247 
_refine.ls_R_factor_R_free                       0.28 
_refine.ls_R_factor_R_free_error                 0.009 
_refine.ls_R_factor_R_free_error_details         ? 
_refine.ls_percent_reflns_R_free                 8.1 
_refine.ls_number_reflns_R_free                  959 
_refine.ls_number_parameters                     ? 
_refine.ls_number_restraints                     ? 
_refine.occupancy_min                            ? 
_refine.occupancy_max                            ? 
_refine.correlation_coeff_Fo_to_Fc               ? 
_refine.correlation_coeff_Fo_to_Fc_free          ? 
_refine.B_iso_mean                               38.1 
_refine.aniso_B[1][1]                            3.42 
_refine.aniso_B[2][2]                            -6.56 
_refine.aniso_B[3][3]                            3.15 
_refine.aniso_B[1][2]                            0.00 
_refine.aniso_B[1][3]                            6.15 
_refine.aniso_B[2][3]                            0.00 
_refine.solvent_model_details                    'FLAT MODEL' 
_refine.solvent_model_param_ksol                 0.390188 
_refine.solvent_model_param_bsol                 51.1294 
_refine.pdbx_solvent_vdw_probe_radii             ? 
_refine.pdbx_solvent_ion_probe_radii             ? 
_refine.pdbx_solvent_shrinkage_radii             ? 
_refine.pdbx_ls_cross_valid_method               THROUGHOUT 
_refine.details                                  'the missing residues listed in Remark 465 are due to lack of electron density.' 
_refine.pdbx_starting_model                      ? 
_refine.pdbx_method_to_determine_struct          SAD 
_refine.pdbx_isotropic_thermal_model             RESTRAINED 
_refine.pdbx_stereochemistry_target_values       'Engh & Huber' 
_refine.pdbx_stereochem_target_val_spec_case     ? 
_refine.pdbx_R_Free_selection_details            RANDOM 
_refine.pdbx_overall_ESU_R                       ? 
_refine.pdbx_overall_ESU_R_Free                  ? 
_refine.overall_SU_ML                            ? 
_refine.overall_SU_B                             ? 
_refine.ls_redundancy_reflns_obs                 ? 
_refine.B_iso_min                                ? 
_refine.B_iso_max                                ? 
_refine.overall_SU_R_Cruickshank_DPI             ? 
_refine.overall_SU_R_free                        ? 
_refine.ls_wR_factor_R_free                      ? 
_refine.ls_wR_factor_R_work                      ? 
_refine.overall_FOM_free_R_set                   ? 
_refine.overall_FOM_work_R_set                   ? 
_refine.pdbx_refine_id                           'X-RAY DIFFRACTION' 
_refine.pdbx_diffrn_id                           1 
_refine.pdbx_TLS_residual_ADP_flag               ? 
_refine.pdbx_overall_phase_error                 ? 
_refine.pdbx_overall_SU_R_free_Cruickshank_DPI   ? 
_refine.pdbx_overall_SU_R_Blow_DPI               ? 
_refine.pdbx_overall_SU_R_free_Blow_DPI          ? 
# 
_refine_analyze.entry_id                        2NN4 
_refine_analyze.Luzzati_coordinate_error_obs    0.31 
_refine_analyze.Luzzati_sigma_a_obs             0.29 
_refine_analyze.Luzzati_d_res_low_obs           5.00 
_refine_analyze.Luzzati_coordinate_error_free   0.38 
_refine_analyze.Luzzati_sigma_a_free            0.34 
_refine_analyze.Luzzati_d_res_low_free          ? 
_refine_analyze.number_disordered_residues      ? 
_refine_analyze.occupancy_sum_hydrogen          ? 
_refine_analyze.occupancy_sum_non_hydrogen      ? 
_refine_analyze.pdbx_Luzzati_d_res_high_obs     ? 
_refine_analyze.pdbx_refine_id                  'X-RAY DIFFRACTION' 
# 
_refine_hist.pdbx_refine_id                   'X-RAY DIFFRACTION' 
_refine_hist.cycle_id                         LAST 
_refine_hist.pdbx_number_atoms_protein        1590 
_refine_hist.pdbx_number_atoms_nucleic_acid   0 
_refine_hist.pdbx_number_atoms_ligand         0 
_refine_hist.number_atoms_solvent             47 
_refine_hist.number_atoms_total               1637 
_refine_hist.d_res_high                       2.10 
_refine_hist.d_res_low                        47.59 
# 
loop_
_refine_ls_restr.type 
_refine_ls_restr.dev_ideal 
_refine_ls_restr.dev_ideal_target 
_refine_ls_restr.weight 
_refine_ls_restr.number 
_refine_ls_restr.pdbx_refine_id 
_refine_ls_restr.pdbx_restraint_function 
c_bond_d           0.017 ?    ? ? 'X-RAY DIFFRACTION' ? 
c_angle_deg        1.8   ?    ? ? 'X-RAY DIFFRACTION' ? 
c_dihedral_angle_d 17.6  ?    ? ? 'X-RAY DIFFRACTION' ? 
c_improper_angle_d 1.93  ?    ? ? 'X-RAY DIFFRACTION' ? 
c_mcbond_it        1.55  1.50 ? ? 'X-RAY DIFFRACTION' ? 
c_mcangle_it       2.49  2.00 ? ? 'X-RAY DIFFRACTION' ? 
c_scbond_it        2.44  2.00 ? ? 'X-RAY DIFFRACTION' ? 
c_scangle_it       3.85  2.50 ? ? 'X-RAY DIFFRACTION' ? 
# 
_refine_ls_shell.pdbx_total_number_of_bins_used   6 
_refine_ls_shell.d_res_high                       2.10 
_refine_ls_shell.d_res_low                        2.23 
_refine_ls_shell.number_reflns_R_work             1447 
_refine_ls_shell.R_factor_R_work                  0.314 
_refine_ls_shell.percent_reflns_obs               75.6 
_refine_ls_shell.R_factor_R_free                  0.369 
_refine_ls_shell.R_factor_R_free_error            0.033 
_refine_ls_shell.percent_reflns_R_free            8.1 
_refine_ls_shell.number_reflns_R_free             128 
_refine_ls_shell.number_reflns_all                ? 
_refine_ls_shell.R_factor_all                     ? 
_refine_ls_shell.number_reflns_obs                ? 
_refine_ls_shell.redundancy_reflns_obs            ? 
_refine_ls_shell.pdbx_refine_id                   'X-RAY DIFFRACTION' 
# 
loop_
_pdbx_xplor_file.serial_no 
_pdbx_xplor_file.param_file 
_pdbx_xplor_file.topol_file 
_pdbx_xplor_file.pdbx_refine_id 
1 protein_rep.param protein.top 'X-RAY DIFFRACTION' 
2 water_rep.param   water.top   'X-RAY DIFFRACTION' 
# 
_struct.entry_id                  2NN4 
_struct.title                     'Crystal structure of Bacillus subtilis yqgQ, Pfam DUF910' 
_struct.pdbx_model_details        ? 
_struct.pdbx_CASP_flag            ? 
_struct.pdbx_model_type_details   ? 
# 
_struct_keywords.entry_id        2NN4 
_struct_keywords.pdbx_keywords   'STRUCTURAL GENOMICS, UNKNOWN FUNCTION' 
_struct_keywords.text            
;Novel fold, pfam:DUF910, 10278a, Structural Genomics, PSI-2, Protein Structure Initiative, New York SGX Research Center for Structural Genomics, NYSGXRC, UNKNOWN FUNCTION
;
# 
loop_
_struct_asym.id 
_struct_asym.pdbx_blank_PDB_chainid_flag 
_struct_asym.pdbx_modified 
_struct_asym.entity_id 
_struct_asym.details 
A N N 1 ? 
B N N 1 ? 
C N N 1 ? 
D N N 2 ? 
E N N 2 ? 
F N N 2 ? 
# 
_struct_ref.id                         1 
_struct_ref.db_name                    UNP 
_struct_ref.db_code                    YQGQ_BACSU 
_struct_ref.pdbx_db_accession          P54494 
_struct_ref.entity_id                  1 
_struct_ref.pdbx_align_begin           2 
_struct_ref.pdbx_db_isoform            ? 
_struct_ref.pdbx_seq_one_letter_code   ? 
# 
loop_
_struct_ref_seq.align_id 
_struct_ref_seq.ref_id 
_struct_ref_seq.pdbx_PDB_id_code 
_struct_ref_seq.pdbx_strand_id 
_struct_ref_seq.seq_align_beg 
_struct_ref_seq.pdbx_seq_align_beg_ins_code 
_struct_ref_seq.seq_align_end 
_struct_ref_seq.pdbx_seq_align_end_ins_code 
_struct_ref_seq.pdbx_db_accession 
_struct_ref_seq.db_align_beg 
_struct_ref_seq.pdbx_db_align_beg_ins_code 
_struct_ref_seq.db_align_end 
_struct_ref_seq.pdbx_db_align_end_ins_code 
_struct_ref_seq.pdbx_auth_seq_align_beg 
_struct_ref_seq.pdbx_auth_seq_align_end 
1 1 2NN4 A 3 ? 72 ? P54494 2 ? 71 ? 2 71 
2 1 2NN4 B 3 ? 72 ? P54494 2 ? 71 ? 2 71 
3 1 2NN4 C 3 ? 72 ? P54494 2 ? 71 ? 2 71 
# 
loop_
_struct_ref_seq_dif.align_id 
_struct_ref_seq_dif.pdbx_pdb_id_code 
_struct_ref_seq_dif.mon_id 
_struct_ref_seq_dif.pdbx_pdb_strand_id 
_struct_ref_seq_dif.seq_num 
_struct_ref_seq_dif.pdbx_pdb_ins_code 
_struct_ref_seq_dif.pdbx_seq_db_name 
_struct_ref_seq_dif.pdbx_seq_db_accession_code 
_struct_ref_seq_dif.db_mon_id 
_struct_ref_seq_dif.pdbx_seq_db_seq_num 
_struct_ref_seq_dif.details 
_struct_ref_seq_dif.pdbx_auth_seq_num 
_struct_ref_seq_dif.pdbx_ordinal 
1 2NN4 SER A 1 ? UNP P54494 ? ? 'cloning artifact' 0 1 
1 2NN4 LEU A 2 ? UNP P54494 ? ? 'cloning artifact' 1 2 
2 2NN4 SER B 1 ? UNP P54494 ? ? 'cloning artifact' 0 3 
2 2NN4 LEU B 2 ? UNP P54494 ? ? 'cloning artifact' 1 4 
3 2NN4 SER C 1 ? UNP P54494 ? ? 'cloning artifact' 0 5 
3 2NN4 LEU C 2 ? UNP P54494 ? ? 'cloning artifact' 1 6 
# 
loop_
_pdbx_struct_assembly.id 
_pdbx_struct_assembly.details 
_pdbx_struct_assembly.method_details 
_pdbx_struct_assembly.oligomeric_details 
_pdbx_struct_assembly.oligomeric_count 
1 author_defined_assembly ? monomeric 1 
2 author_defined_assembly ? monomeric 1 
3 author_defined_assembly ? monomeric 1 
# 
loop_
_pdbx_struct_assembly_gen.assembly_id 
_pdbx_struct_assembly_gen.oper_expression 
_pdbx_struct_assembly_gen.asym_id_list 
1 1 A,D 
2 1 B,E 
3 1 C,F 
# 
_pdbx_struct_oper_list.id                   1 
_pdbx_struct_oper_list.type                 'identity operation' 
_pdbx_struct_oper_list.name                 1_555 
_pdbx_struct_oper_list.symmetry_operation   x,y,z 
_pdbx_struct_oper_list.matrix[1][1]         1.0000000000 
_pdbx_struct_oper_list.matrix[1][2]         0.0000000000 
_pdbx_struct_oper_list.matrix[1][3]         0.0000000000 
_pdbx_struct_oper_list.vector[1]            0.0000000000 
_pdbx_struct_oper_list.matrix[2][1]         0.0000000000 
_pdbx_struct_oper_list.matrix[2][2]         1.0000000000 
_pdbx_struct_oper_list.matrix[2][3]         0.0000000000 
_pdbx_struct_oper_list.vector[2]            0.0000000000 
_pdbx_struct_oper_list.matrix[3][1]         0.0000000000 
_pdbx_struct_oper_list.matrix[3][2]         0.0000000000 
_pdbx_struct_oper_list.matrix[3][3]         1.0000000000 
_pdbx_struct_oper_list.vector[3]            0.0000000000 
# 
_struct_biol.id   1 
# 
loop_
_struct_conf.conf_type_id 
_struct_conf.id 
_struct_conf.pdbx_PDB_helix_id 
_struct_conf.beg_label_comp_id 
_struct_conf.beg_label_asym_id 
_struct_conf.beg_label_seq_id 
_struct_conf.pdbx_beg_PDB_ins_code 
_struct_conf.end_label_comp_id 
_struct_conf.end_label_asym_id 
_struct_conf.end_label_seq_id 
_struct_conf.pdbx_end_PDB_ins_code 
_struct_conf.beg_auth_comp_id 
_struct_conf.beg_auth_asym_id 
_struct_conf.beg_auth_seq_id 
_struct_conf.end_auth_comp_id 
_struct_conf.end_auth_asym_id 
_struct_conf.end_auth_seq_id 
_struct_conf.pdbx_PDB_helix_class 
_struct_conf.details 
_struct_conf.pdbx_PDB_helix_length 
HELX_P HELX_P1  1  THR A 4  ? THR A 14 ? THR A 3  THR A 13 1 ? 11 
HELX_P HELX_P2  2  ASP A 23 ? ASN A 41 ? ASP A 22 ASN A 40 1 ? 19 
HELX_P HELX_P3  3  GLU A 45 ? THR A 63 ? GLU A 44 THR A 62 1 ? 19 
HELX_P HELX_P4  4  THR B 4  ? LYS B 13 ? THR B 3  LYS B 12 1 ? 10 
HELX_P HELX_P5  5  THR B 14 ? GLY B 16 ? THR B 13 GLY B 15 5 ? 3  
HELX_P HELX_P6  6  ASP B 23 ? ASN B 41 ? ASP B 22 ASN B 40 1 ? 19 
HELX_P HELX_P7  7  GLU B 45 ? THR B 63 ? GLU B 44 THR B 62 1 ? 19 
HELX_P HELX_P8  8  THR C 4  ? THR C 14 ? THR C 3  THR C 13 1 ? 11 
HELX_P HELX_P9  9  ASP C 23 ? ASN C 41 ? ASP C 22 ASN C 40 1 ? 19 
HELX_P HELX_P10 10 GLU C 45 ? THR C 63 ? GLU C 44 THR C 62 1 ? 19 
# 
_struct_conf_type.id          HELX_P 
_struct_conf_type.criteria    ? 
_struct_conf_type.reference   ? 
# 
loop_
_pdbx_validate_torsion.id 
_pdbx_validate_torsion.PDB_model_num 
_pdbx_validate_torsion.auth_comp_id 
_pdbx_validate_torsion.auth_asym_id 
_pdbx_validate_torsion.auth_seq_id 
_pdbx_validate_torsion.PDB_ins_code 
_pdbx_validate_torsion.label_alt_id 
_pdbx_validate_torsion.phi 
_pdbx_validate_torsion.psi 
1 1 ASN C 2  ? ? -162.14 28.00   
2 1 HIS C 16 ? ? 58.86   -133.74 
3 1 ILE C 17 ? ? 74.90   82.86   
4 1 VAL C 18 ? ? -50.07  -101.81 
5 1 TYR C 19 ? ? 78.48   87.81   
6 1 ASP C 22 ? ? -160.86 108.32  
# 
_pdbx_SG_project.id                    1 
_pdbx_SG_project.project_name          'PSI, Protein Structure Initiative' 
_pdbx_SG_project.full_name_of_center   'New York SGX Research Center for Structural Genomics' 
_pdbx_SG_project.initial_of_center     NYSGXRC 
# 
loop_
_pdbx_unobs_or_zero_occ_residues.id 
_pdbx_unobs_or_zero_occ_residues.PDB_model_num 
_pdbx_unobs_or_zero_occ_residues.polymer_flag 
_pdbx_unobs_or_zero_occ_residues.occupancy_flag 
_pdbx_unobs_or_zero_occ_residues.auth_asym_id 
_pdbx_unobs_or_zero_occ_residues.auth_comp_id 
_pdbx_unobs_or_zero_occ_residues.auth_seq_id 
_pdbx_unobs_or_zero_occ_residues.PDB_ins_code 
_pdbx_unobs_or_zero_occ_residues.label_asym_id 
_pdbx_unobs_or_zero_occ_residues.label_comp_id 
_pdbx_unobs_or_zero_occ_residues.label_seq_id 
1  1 Y 1 A SER 0  ? A SER 1  
2  1 Y 1 A LYS 63 ? A LYS 64 
3  1 Y 1 A ASN 64 ? A ASN 65 
4  1 Y 1 A GLY 65 ? A GLY 66 
5  1 Y 1 A ARG 66 ? A ARG 67 
6  1 Y 1 A ASP 67 ? A ASP 68 
7  1 Y 1 A PHE 68 ? A PHE 69 
8  1 Y 1 A TYR 69 ? A TYR 70 
9  1 Y 1 A LYS 70 ? A LYS 71 
10 1 Y 1 A GLY 71 ? A GLY 72 
11 1 Y 1 B SER 0  ? B SER 1  
12 1 Y 1 B LYS 63 ? B LYS 64 
13 1 Y 1 B ASN 64 ? B ASN 65 
14 1 Y 1 B GLY 65 ? B GLY 66 
15 1 Y 1 B ARG 66 ? B ARG 67 
16 1 Y 1 B ASP 67 ? B ASP 68 
17 1 Y 1 B PHE 68 ? B PHE 69 
18 1 Y 1 B TYR 69 ? B TYR 70 
19 1 Y 1 B LYS 70 ? B LYS 71 
20 1 Y 1 B GLY 71 ? B GLY 72 
21 1 Y 1 C SER 0  ? C SER 1  
22 1 Y 1 C LYS 63 ? C LYS 64 
23 1 Y 1 C ASN 64 ? C ASN 65 
24 1 Y 1 C GLY 65 ? C GLY 66 
25 1 Y 1 C ARG 66 ? C ARG 67 
26 1 Y 1 C ASP 67 ? C ASP 68 
27 1 Y 1 C PHE 68 ? C PHE 69 
28 1 Y 1 C TYR 69 ? C TYR 70 
29 1 Y 1 C LYS 70 ? C LYS 71 
30 1 Y 1 C GLY 71 ? C GLY 72 
# 
loop_
_chem_comp_atom.comp_id 
_chem_comp_atom.atom_id 
_chem_comp_atom.type_symbol 
_chem_comp_atom.pdbx_aromatic_flag 
_chem_comp_atom.pdbx_stereo_config 
_chem_comp_atom.pdbx_ordinal 
ALA N    N N N 1   
ALA CA   C N S 2   
ALA C    C N N 3   
ALA O    O N N 4   
ALA CB   C N N 5   
ALA OXT  O N N 6   
ALA H    H N N 7   
ALA H2   H N N 8   
ALA HA   H N N 9   
ALA HB1  H N N 10  
ALA HB2  H N N 11  
ALA HB3  H N N 12  
ALA HXT  H N N 13  
ARG N    N N N 14  
ARG CA   C N S 15  
ARG C    C N N 16  
ARG O    O N N 17  
ARG CB   C N N 18  
ARG CG   C N N 19  
ARG CD   C N N 20  
ARG NE   N N N 21  
ARG CZ   C N N 22  
ARG NH1  N N N 23  
ARG NH2  N N N 24  
ARG OXT  O N N 25  
ARG H    H N N 26  
ARG H2   H N N 27  
ARG HA   H N N 28  
ARG HB2  H N N 29  
ARG HB3  H N N 30  
ARG HG2  H N N 31  
ARG HG3  H N N 32  
ARG HD2  H N N 33  
ARG HD3  H N N 34  
ARG HE   H N N 35  
ARG HH11 H N N 36  
ARG HH12 H N N 37  
ARG HH21 H N N 38  
ARG HH22 H N N 39  
ARG HXT  H N N 40  
ASN N    N N N 41  
ASN CA   C N S 42  
ASN C    C N N 43  
ASN O    O N N 44  
ASN CB   C N N 45  
ASN CG   C N N 46  
ASN OD1  O N N 47  
ASN ND2  N N N 48  
ASN OXT  O N N 49  
ASN H    H N N 50  
ASN H2   H N N 51  
ASN HA   H N N 52  
ASN HB2  H N N 53  
ASN HB3  H N N 54  
ASN HD21 H N N 55  
ASN HD22 H N N 56  
ASN HXT  H N N 57  
ASP N    N N N 58  
ASP CA   C N S 59  
ASP C    C N N 60  
ASP O    O N N 61  
ASP CB   C N N 62  
ASP CG   C N N 63  
ASP OD1  O N N 64  
ASP OD2  O N N 65  
ASP OXT  O N N 66  
ASP H    H N N 67  
ASP H2   H N N 68  
ASP HA   H N N 69  
ASP HB2  H N N 70  
ASP HB3  H N N 71  
ASP HD2  H N N 72  
ASP HXT  H N N 73  
GLN N    N N N 74  
GLN CA   C N S 75  
GLN C    C N N 76  
GLN O    O N N 77  
GLN CB   C N N 78  
GLN CG   C N N 79  
GLN CD   C N N 80  
GLN OE1  O N N 81  
GLN NE2  N N N 82  
GLN OXT  O N N 83  
GLN H    H N N 84  
GLN H2   H N N 85  
GLN HA   H N N 86  
GLN HB2  H N N 87  
GLN HB3  H N N 88  
GLN HG2  H N N 89  
GLN HG3  H N N 90  
GLN HE21 H N N 91  
GLN HE22 H N N 92  
GLN HXT  H N N 93  
GLU N    N N N 94  
GLU CA   C N S 95  
GLU C    C N N 96  
GLU O    O N N 97  
GLU CB   C N N 98  
GLU CG   C N N 99  
GLU CD   C N N 100 
GLU OE1  O N N 101 
GLU OE2  O N N 102 
GLU OXT  O N N 103 
GLU H    H N N 104 
GLU H2   H N N 105 
GLU HA   H N N 106 
GLU HB2  H N N 107 
GLU HB3  H N N 108 
GLU HG2  H N N 109 
GLU HG3  H N N 110 
GLU HE2  H N N 111 
GLU HXT  H N N 112 
GLY N    N N N 113 
GLY CA   C N N 114 
GLY C    C N N 115 
GLY O    O N N 116 
GLY OXT  O N N 117 
GLY H    H N N 118 
GLY H2   H N N 119 
GLY HA2  H N N 120 
GLY HA3  H N N 121 
GLY HXT  H N N 122 
HIS N    N N N 123 
HIS CA   C N S 124 
HIS C    C N N 125 
HIS O    O N N 126 
HIS CB   C N N 127 
HIS CG   C Y N 128 
HIS ND1  N Y N 129 
HIS CD2  C Y N 130 
HIS CE1  C Y N 131 
HIS NE2  N Y N 132 
HIS OXT  O N N 133 
HIS H    H N N 134 
HIS H2   H N N 135 
HIS HA   H N N 136 
HIS HB2  H N N 137 
HIS HB3  H N N 138 
HIS HD1  H N N 139 
HIS HD2  H N N 140 
HIS HE1  H N N 141 
HIS HE2  H N N 142 
HIS HXT  H N N 143 
HOH O    O N N 144 
HOH H1   H N N 145 
HOH H2   H N N 146 
ILE N    N N N 147 
ILE CA   C N S 148 
ILE C    C N N 149 
ILE O    O N N 150 
ILE CB   C N S 151 
ILE CG1  C N N 152 
ILE CG2  C N N 153 
ILE CD1  C N N 154 
ILE OXT  O N N 155 
ILE H    H N N 156 
ILE H2   H N N 157 
ILE HA   H N N 158 
ILE HB   H N N 159 
ILE HG12 H N N 160 
ILE HG13 H N N 161 
ILE HG21 H N N 162 
ILE HG22 H N N 163 
ILE HG23 H N N 164 
ILE HD11 H N N 165 
ILE HD12 H N N 166 
ILE HD13 H N N 167 
ILE HXT  H N N 168 
LEU N    N N N 169 
LEU CA   C N S 170 
LEU C    C N N 171 
LEU O    O N N 172 
LEU CB   C N N 173 
LEU CG   C N N 174 
LEU CD1  C N N 175 
LEU CD2  C N N 176 
LEU OXT  O N N 177 
LEU H    H N N 178 
LEU H2   H N N 179 
LEU HA   H N N 180 
LEU HB2  H N N 181 
LEU HB3  H N N 182 
LEU HG   H N N 183 
LEU HD11 H N N 184 
LEU HD12 H N N 185 
LEU HD13 H N N 186 
LEU HD21 H N N 187 
LEU HD22 H N N 188 
LEU HD23 H N N 189 
LEU HXT  H N N 190 
LYS N    N N N 191 
LYS CA   C N S 192 
LYS C    C N N 193 
LYS O    O N N 194 
LYS CB   C N N 195 
LYS CG   C N N 196 
LYS CD   C N N 197 
LYS CE   C N N 198 
LYS NZ   N N N 199 
LYS OXT  O N N 200 
LYS H    H N N 201 
LYS H2   H N N 202 
LYS HA   H N N 203 
LYS HB2  H N N 204 
LYS HB3  H N N 205 
LYS HG2  H N N 206 
LYS HG3  H N N 207 
LYS HD2  H N N 208 
LYS HD3  H N N 209 
LYS HE2  H N N 210 
LYS HE3  H N N 211 
LYS HZ1  H N N 212 
LYS HZ2  H N N 213 
LYS HZ3  H N N 214 
LYS HXT  H N N 215 
MET N    N N N 216 
MET CA   C N S 217 
MET C    C N N 218 
MET O    O N N 219 
MET CB   C N N 220 
MET CG   C N N 221 
MET SD   S N N 222 
MET CE   C N N 223 
MET OXT  O N N 224 
MET H    H N N 225 
MET H2   H N N 226 
MET HA   H N N 227 
MET HB2  H N N 228 
MET HB3  H N N 229 
MET HG2  H N N 230 
MET HG3  H N N 231 
MET HE1  H N N 232 
MET HE2  H N N 233 
MET HE3  H N N 234 
MET HXT  H N N 235 
PHE N    N N N 236 
PHE CA   C N S 237 
PHE C    C N N 238 
PHE O    O N N 239 
PHE CB   C N N 240 
PHE CG   C Y N 241 
PHE CD1  C Y N 242 
PHE CD2  C Y N 243 
PHE CE1  C Y N 244 
PHE CE2  C Y N 245 
PHE CZ   C Y N 246 
PHE OXT  O N N 247 
PHE H    H N N 248 
PHE H2   H N N 249 
PHE HA   H N N 250 
PHE HB2  H N N 251 
PHE HB3  H N N 252 
PHE HD1  H N N 253 
PHE HD2  H N N 254 
PHE HE1  H N N 255 
PHE HE2  H N N 256 
PHE HZ   H N N 257 
PHE HXT  H N N 258 
SER N    N N N 259 
SER CA   C N S 260 
SER C    C N N 261 
SER O    O N N 262 
SER CB   C N N 263 
SER OG   O N N 264 
SER OXT  O N N 265 
SER H    H N N 266 
SER H2   H N N 267 
SER HA   H N N 268 
SER HB2  H N N 269 
SER HB3  H N N 270 
SER HG   H N N 271 
SER HXT  H N N 272 
THR N    N N N 273 
THR CA   C N S 274 
THR C    C N N 275 
THR O    O N N 276 
THR CB   C N R 277 
THR OG1  O N N 278 
THR CG2  C N N 279 
THR OXT  O N N 280 
THR H    H N N 281 
THR H2   H N N 282 
THR HA   H N N 283 
THR HB   H N N 284 
THR HG1  H N N 285 
THR HG21 H N N 286 
THR HG22 H N N 287 
THR HG23 H N N 288 
THR HXT  H N N 289 
TRP N    N N N 290 
TRP CA   C N S 291 
TRP C    C N N 292 
TRP O    O N N 293 
TRP CB   C N N 294 
TRP CG   C Y N 295 
TRP CD1  C Y N 296 
TRP CD2  C Y N 297 
TRP NE1  N Y N 298 
TRP CE2  C Y N 299 
TRP CE3  C Y N 300 
TRP CZ2  C Y N 301 
TRP CZ3  C Y N 302 
TRP CH2  C Y N 303 
TRP OXT  O N N 304 
TRP H    H N N 305 
TRP H2   H N N 306 
TRP HA   H N N 307 
TRP HB2  H N N 308 
TRP HB3  H N N 309 
TRP HD1  H N N 310 
TRP HE1  H N N 311 
TRP HE3  H N N 312 
TRP HZ2  H N N 313 
TRP HZ3  H N N 314 
TRP HH2  H N N 315 
TRP HXT  H N N 316 
TYR N    N N N 317 
TYR CA   C N S 318 
TYR C    C N N 319 
TYR O    O N N 320 
TYR CB   C N N 321 
TYR CG   C Y N 322 
TYR CD1  C Y N 323 
TYR CD2  C Y N 324 
TYR CE1  C Y N 325 
TYR CE2  C Y N 326 
TYR CZ   C Y N 327 
TYR OH   O N N 328 
TYR OXT  O N N 329 
TYR H    H N N 330 
TYR H2   H N N 331 
TYR HA   H N N 332 
TYR HB2  H N N 333 
TYR HB3  H N N 334 
TYR HD1  H N N 335 
TYR HD2  H N N 336 
TYR HE1  H N N 337 
TYR HE2  H N N 338 
TYR HH   H N N 339 
TYR HXT  H N N 340 
VAL N    N N N 341 
VAL CA   C N S 342 
VAL C    C N N 343 
VAL O    O N N 344 
VAL CB   C N N 345 
VAL CG1  C N N 346 
VAL CG2  C N N 347 
VAL OXT  O N N 348 
VAL H    H N N 349 
VAL H2   H N N 350 
VAL HA   H N N 351 
VAL HB   H N N 352 
VAL HG11 H N N 353 
VAL HG12 H N N 354 
VAL HG13 H N N 355 
VAL HG21 H N N 356 
VAL HG22 H N N 357 
VAL HG23 H N N 358 
VAL HXT  H N N 359 
# 
loop_
_chem_comp_bond.comp_id 
_chem_comp_bond.atom_id_1 
_chem_comp_bond.atom_id_2 
_chem_comp_bond.value_order 
_chem_comp_bond.pdbx_aromatic_flag 
_chem_comp_bond.pdbx_stereo_config 
_chem_comp_bond.pdbx_ordinal 
ALA N   CA   sing N N 1   
ALA N   H    sing N N 2   
ALA N   H2   sing N N 3   
ALA CA  C    sing N N 4   
ALA CA  CB   sing N N 5   
ALA CA  HA   sing N N 6   
ALA C   O    doub N N 7   
ALA C   OXT  sing N N 8   
ALA CB  HB1  sing N N 9   
ALA CB  HB2  sing N N 10  
ALA CB  HB3  sing N N 11  
ALA OXT HXT  sing N N 12  
ARG N   CA   sing N N 13  
ARG N   H    sing N N 14  
ARG N   H2   sing N N 15  
ARG CA  C    sing N N 16  
ARG CA  CB   sing N N 17  
ARG CA  HA   sing N N 18  
ARG C   O    doub N N 19  
ARG C   OXT  sing N N 20  
ARG CB  CG   sing N N 21  
ARG CB  HB2  sing N N 22  
ARG CB  HB3  sing N N 23  
ARG CG  CD   sing N N 24  
ARG CG  HG2  sing N N 25  
ARG CG  HG3  sing N N 26  
ARG CD  NE   sing N N 27  
ARG CD  HD2  sing N N 28  
ARG CD  HD3  sing N N 29  
ARG NE  CZ   sing N N 30  
ARG NE  HE   sing N N 31  
ARG CZ  NH1  sing N N 32  
ARG CZ  NH2  doub N N 33  
ARG NH1 HH11 sing N N 34  
ARG NH1 HH12 sing N N 35  
ARG NH2 HH21 sing N N 36  
ARG NH2 HH22 sing N N 37  
ARG OXT HXT  sing N N 38  
ASN N   CA   sing N N 39  
ASN N   H    sing N N 40  
ASN N   H2   sing N N 41  
ASN CA  C    sing N N 42  
ASN CA  CB   sing N N 43  
ASN CA  HA   sing N N 44  
ASN C   O    doub N N 45  
ASN C   OXT  sing N N 46  
ASN CB  CG   sing N N 47  
ASN CB  HB2  sing N N 48  
ASN CB  HB3  sing N N 49  
ASN CG  OD1  doub N N 50  
ASN CG  ND2  sing N N 51  
ASN ND2 HD21 sing N N 52  
ASN ND2 HD22 sing N N 53  
ASN OXT HXT  sing N N 54  
ASP N   CA   sing N N 55  
ASP N   H    sing N N 56  
ASP N   H2   sing N N 57  
ASP CA  C    sing N N 58  
ASP CA  CB   sing N N 59  
ASP CA  HA   sing N N 60  
ASP C   O    doub N N 61  
ASP C   OXT  sing N N 62  
ASP CB  CG   sing N N 63  
ASP CB  HB2  sing N N 64  
ASP CB  HB3  sing N N 65  
ASP CG  OD1  doub N N 66  
ASP CG  OD2  sing N N 67  
ASP OD2 HD2  sing N N 68  
ASP OXT HXT  sing N N 69  
GLN N   CA   sing N N 70  
GLN N   H    sing N N 71  
GLN N   H2   sing N N 72  
GLN CA  C    sing N N 73  
GLN CA  CB   sing N N 74  
GLN CA  HA   sing N N 75  
GLN C   O    doub N N 76  
GLN C   OXT  sing N N 77  
GLN CB  CG   sing N N 78  
GLN CB  HB2  sing N N 79  
GLN CB  HB3  sing N N 80  
GLN CG  CD   sing N N 81  
GLN CG  HG2  sing N N 82  
GLN CG  HG3  sing N N 83  
GLN CD  OE1  doub N N 84  
GLN CD  NE2  sing N N 85  
GLN NE2 HE21 sing N N 86  
GLN NE2 HE22 sing N N 87  
GLN OXT HXT  sing N N 88  
GLU N   CA   sing N N 89  
GLU N   H    sing N N 90  
GLU N   H2   sing N N 91  
GLU CA  C    sing N N 92  
GLU CA  CB   sing N N 93  
GLU CA  HA   sing N N 94  
GLU C   O    doub N N 95  
GLU C   OXT  sing N N 96  
GLU CB  CG   sing N N 97  
GLU CB  HB2  sing N N 98  
GLU CB  HB3  sing N N 99  
GLU CG  CD   sing N N 100 
GLU CG  HG2  sing N N 101 
GLU CG  HG3  sing N N 102 
GLU CD  OE1  doub N N 103 
GLU CD  OE2  sing N N 104 
GLU OE2 HE2  sing N N 105 
GLU OXT HXT  sing N N 106 
GLY N   CA   sing N N 107 
GLY N   H    sing N N 108 
GLY N   H2   sing N N 109 
GLY CA  C    sing N N 110 
GLY CA  HA2  sing N N 111 
GLY CA  HA3  sing N N 112 
GLY C   O    doub N N 113 
GLY C   OXT  sing N N 114 
GLY OXT HXT  sing N N 115 
HIS N   CA   sing N N 116 
HIS N   H    sing N N 117 
HIS N   H2   sing N N 118 
HIS CA  C    sing N N 119 
HIS CA  CB   sing N N 120 
HIS CA  HA   sing N N 121 
HIS C   O    doub N N 122 
HIS C   OXT  sing N N 123 
HIS CB  CG   sing N N 124 
HIS CB  HB2  sing N N 125 
HIS CB  HB3  sing N N 126 
HIS CG  ND1  sing Y N 127 
HIS CG  CD2  doub Y N 128 
HIS ND1 CE1  doub Y N 129 
HIS ND1 HD1  sing N N 130 
HIS CD2 NE2  sing Y N 131 
HIS CD2 HD2  sing N N 132 
HIS CE1 NE2  sing Y N 133 
HIS CE1 HE1  sing N N 134 
HIS NE2 HE2  sing N N 135 
HIS OXT HXT  sing N N 136 
HOH O   H1   sing N N 137 
HOH O   H2   sing N N 138 
ILE N   CA   sing N N 139 
ILE N   H    sing N N 140 
ILE N   H2   sing N N 141 
ILE CA  C    sing N N 142 
ILE CA  CB   sing N N 143 
ILE CA  HA   sing N N 144 
ILE C   O    doub N N 145 
ILE C   OXT  sing N N 146 
ILE CB  CG1  sing N N 147 
ILE CB  CG2  sing N N 148 
ILE CB  HB   sing N N 149 
ILE CG1 CD1  sing N N 150 
ILE CG1 HG12 sing N N 151 
ILE CG1 HG13 sing N N 152 
ILE CG2 HG21 sing N N 153 
ILE CG2 HG22 sing N N 154 
ILE CG2 HG23 sing N N 155 
ILE CD1 HD11 sing N N 156 
ILE CD1 HD12 sing N N 157 
ILE CD1 HD13 sing N N 158 
ILE OXT HXT  sing N N 159 
LEU N   CA   sing N N 160 
LEU N   H    sing N N 161 
LEU N   H2   sing N N 162 
LEU CA  C    sing N N 163 
LEU CA  CB   sing N N 164 
LEU CA  HA   sing N N 165 
LEU C   O    doub N N 166 
LEU C   OXT  sing N N 167 
LEU CB  CG   sing N N 168 
LEU CB  HB2  sing N N 169 
LEU CB  HB3  sing N N 170 
LEU CG  CD1  sing N N 171 
LEU CG  CD2  sing N N 172 
LEU CG  HG   sing N N 173 
LEU CD1 HD11 sing N N 174 
LEU CD1 HD12 sing N N 175 
LEU CD1 HD13 sing N N 176 
LEU CD2 HD21 sing N N 177 
LEU CD2 HD22 sing N N 178 
LEU CD2 HD23 sing N N 179 
LEU OXT HXT  sing N N 180 
LYS N   CA   sing N N 181 
LYS N   H    sing N N 182 
LYS N   H2   sing N N 183 
LYS CA  C    sing N N 184 
LYS CA  CB   sing N N 185 
LYS CA  HA   sing N N 186 
LYS C   O    doub N N 187 
LYS C   OXT  sing N N 188 
LYS CB  CG   sing N N 189 
LYS CB  HB2  sing N N 190 
LYS CB  HB3  sing N N 191 
LYS CG  CD   sing N N 192 
LYS CG  HG2  sing N N 193 
LYS CG  HG3  sing N N 194 
LYS CD  CE   sing N N 195 
LYS CD  HD2  sing N N 196 
LYS CD  HD3  sing N N 197 
LYS CE  NZ   sing N N 198 
LYS CE  HE2  sing N N 199 
LYS CE  HE3  sing N N 200 
LYS NZ  HZ1  sing N N 201 
LYS NZ  HZ2  sing N N 202 
LYS NZ  HZ3  sing N N 203 
LYS OXT HXT  sing N N 204 
MET N   CA   sing N N 205 
MET N   H    sing N N 206 
MET N   H2   sing N N 207 
MET CA  C    sing N N 208 
MET CA  CB   sing N N 209 
MET CA  HA   sing N N 210 
MET C   O    doub N N 211 
MET C   OXT  sing N N 212 
MET CB  CG   sing N N 213 
MET CB  HB2  sing N N 214 
MET CB  HB3  sing N N 215 
MET CG  SD   sing N N 216 
MET CG  HG2  sing N N 217 
MET CG  HG3  sing N N 218 
MET SD  CE   sing N N 219 
MET CE  HE1  sing N N 220 
MET CE  HE2  sing N N 221 
MET CE  HE3  sing N N 222 
MET OXT HXT  sing N N 223 
PHE N   CA   sing N N 224 
PHE N   H    sing N N 225 
PHE N   H2   sing N N 226 
PHE CA  C    sing N N 227 
PHE CA  CB   sing N N 228 
PHE CA  HA   sing N N 229 
PHE C   O    doub N N 230 
PHE C   OXT  sing N N 231 
PHE CB  CG   sing N N 232 
PHE CB  HB2  sing N N 233 
PHE CB  HB3  sing N N 234 
PHE CG  CD1  doub Y N 235 
PHE CG  CD2  sing Y N 236 
PHE CD1 CE1  sing Y N 237 
PHE CD1 HD1  sing N N 238 
PHE CD2 CE2  doub Y N 239 
PHE CD2 HD2  sing N N 240 
PHE CE1 CZ   doub Y N 241 
PHE CE1 HE1  sing N N 242 
PHE CE2 CZ   sing Y N 243 
PHE CE2 HE2  sing N N 244 
PHE CZ  HZ   sing N N 245 
PHE OXT HXT  sing N N 246 
SER N   CA   sing N N 247 
SER N   H    sing N N 248 
SER N   H2   sing N N 249 
SER CA  C    sing N N 250 
SER CA  CB   sing N N 251 
SER CA  HA   sing N N 252 
SER C   O    doub N N 253 
SER C   OXT  sing N N 254 
SER CB  OG   sing N N 255 
SER CB  HB2  sing N N 256 
SER CB  HB3  sing N N 257 
SER OG  HG   sing N N 258 
SER OXT HXT  sing N N 259 
THR N   CA   sing N N 260 
THR N   H    sing N N 261 
THR N   H2   sing N N 262 
THR CA  C    sing N N 263 
THR CA  CB   sing N N 264 
THR CA  HA   sing N N 265 
THR C   O    doub N N 266 
THR C   OXT  sing N N 267 
THR CB  OG1  sing N N 268 
THR CB  CG2  sing N N 269 
THR CB  HB   sing N N 270 
THR OG1 HG1  sing N N 271 
THR CG2 HG21 sing N N 272 
THR CG2 HG22 sing N N 273 
THR CG2 HG23 sing N N 274 
THR OXT HXT  sing N N 275 
TRP N   CA   sing N N 276 
TRP N   H    sing N N 277 
TRP N   H2   sing N N 278 
TRP CA  C    sing N N 279 
TRP CA  CB   sing N N 280 
TRP CA  HA   sing N N 281 
TRP C   O    doub N N 282 
TRP C   OXT  sing N N 283 
TRP CB  CG   sing N N 284 
TRP CB  HB2  sing N N 285 
TRP CB  HB3  sing N N 286 
TRP CG  CD1  doub Y N 287 
TRP CG  CD2  sing Y N 288 
TRP CD1 NE1  sing Y N 289 
TRP CD1 HD1  sing N N 290 
TRP CD2 CE2  doub Y N 291 
TRP CD2 CE3  sing Y N 292 
TRP NE1 CE2  sing Y N 293 
TRP NE1 HE1  sing N N 294 
TRP CE2 CZ2  sing Y N 295 
TRP CE3 CZ3  doub Y N 296 
TRP CE3 HE3  sing N N 297 
TRP CZ2 CH2  doub Y N 298 
TRP CZ2 HZ2  sing N N 299 
TRP CZ3 CH2  sing Y N 300 
TRP CZ3 HZ3  sing N N 301 
TRP CH2 HH2  sing N N 302 
TRP OXT HXT  sing N N 303 
TYR N   CA   sing N N 304 
TYR N   H    sing N N 305 
TYR N   H2   sing N N 306 
TYR CA  C    sing N N 307 
TYR CA  CB   sing N N 308 
TYR CA  HA   sing N N 309 
TYR C   O    doub N N 310 
TYR C   OXT  sing N N 311 
TYR CB  CG   sing N N 312 
TYR CB  HB2  sing N N 313 
TYR CB  HB3  sing N N 314 
TYR CG  CD1  doub Y N 315 
TYR CG  CD2  sing Y N 316 
TYR CD1 CE1  sing Y N 317 
TYR CD1 HD1  sing N N 318 
TYR CD2 CE2  doub Y N 319 
TYR CD2 HD2  sing N N 320 
TYR CE1 CZ   doub Y N 321 
TYR CE1 HE1  sing N N 322 
TYR CE2 CZ   sing Y N 323 
TYR CE2 HE2  sing N N 324 
TYR CZ  OH   sing N N 325 
TYR OH  HH   sing N N 326 
TYR OXT HXT  sing N N 327 
VAL N   CA   sing N N 328 
VAL N   H    sing N N 329 
VAL N   H2   sing N N 330 
VAL CA  C    sing N N 331 
VAL CA  CB   sing N N 332 
VAL CA  HA   sing N N 333 
VAL C   O    doub N N 334 
VAL C   OXT  sing N N 335 
VAL CB  CG1  sing N N 336 
VAL CB  CG2  sing N N 337 
VAL CB  HB   sing N N 338 
VAL CG1 HG11 sing N N 339 
VAL CG1 HG12 sing N N 340 
VAL CG1 HG13 sing N N 341 
VAL CG2 HG21 sing N N 342 
VAL CG2 HG22 sing N N 343 
VAL CG2 HG23 sing N N 344 
VAL OXT HXT  sing N N 345 
# 
_atom_sites.entry_id                    2NN4 
_atom_sites.fract_transf_matrix[1][1]   0.00550560 
_atom_sites.fract_transf_matrix[1][2]   -0.02026978 
_atom_sites.fract_transf_matrix[1][3]   -0.00056984 
_atom_sites.fract_transf_matrix[2][1]   -0.02310213 
_atom_sites.fract_transf_matrix[2][2]   -0.00637778 
_atom_sites.fract_transf_matrix[2][3]   0.00365883 
_atom_sites.fract_transf_matrix[3][1]   -0.00071371 
_atom_sites.fract_transf_matrix[3][2]   -0.00781124 
_atom_sites.fract_transf_matrix[3][3]   -0.01812234 
_atom_sites.fract_transf_vector[1]      0.190862 
_atom_sites.fract_transf_vector[2]      0.440788 
_atom_sites.fract_transf_vector[3]      0.264915 
# 
loop_
_atom_type.symbol 
C 
N 
O 
S 
# 
loop_
_atom_site.group_PDB 
_atom_site.id 
_atom_site.type_symbol 
_atom_site.label_atom_id 
_atom_site.label_alt_id 
_atom_site.label_comp_id 
_atom_site.label_asym_id 
_atom_site.label_entity_id 
_atom_site.label_seq_id 
_atom_site.pdbx_PDB_ins_code 
_atom_site.Cartn_x 
_atom_site.Cartn_y 
_atom_site.Cartn_z 
_atom_site.occupancy 
_atom_site.B_iso_or_equiv 
_atom_site.pdbx_formal_charge 
_atom_site.auth_seq_id 
_atom_site.auth_comp_id 
_atom_site.auth_asym_id 
_atom_site.auth_atom_id 
_atom_site.pdbx_PDB_model_num 
ATOM   1    N N   . LEU A 1 2  ? 4.440   12.975  -0.921  1.00 40.20 ? 1  LEU A N   1 
ATOM   2    C CA  . LEU A 1 2  ? 5.800   13.477  -1.263  1.00 38.87 ? 1  LEU A CA  1 
ATOM   3    C C   . LEU A 1 2  ? 6.532   13.981  -0.026  1.00 36.25 ? 1  LEU A C   1 
ATOM   4    O O   . LEU A 1 2  ? 7.474   13.346  0.431   1.00 35.90 ? 1  LEU A O   1 
ATOM   5    C CB  . LEU A 1 2  ? 5.721   14.600  -2.308  1.00 39.39 ? 1  LEU A CB  1 
ATOM   6    C CG  . LEU A 1 2  ? 6.308   14.330  -3.700  1.00 43.42 ? 1  LEU A CG  1 
ATOM   7    C CD1 . LEU A 1 2  ? 6.423   15.661  -4.453  1.00 42.48 ? 1  LEU A CD1 1 
ATOM   8    C CD2 . LEU A 1 2  ? 7.689   13.670  -3.596  1.00 44.25 ? 1  LEU A CD2 1 
ATOM   9    N N   . ASN A 1 3  ? 6.084   15.101  0.535   1.00 34.61 ? 2  ASN A N   1 
ATOM   10   C CA  . ASN A 1 3  ? 6.756   15.666  1.704   1.00 34.69 ? 2  ASN A CA  1 
ATOM   11   C C   . ASN A 1 3  ? 5.920   15.859  2.964   1.00 33.78 ? 2  ASN A C   1 
ATOM   12   O O   . ASN A 1 3  ? 6.417   15.686  4.077   1.00 32.37 ? 2  ASN A O   1 
ATOM   13   C CB  . ASN A 1 3  ? 7.381   17.010  1.330   1.00 36.11 ? 2  ASN A CB  1 
ATOM   14   C CG  . ASN A 1 3  ? 8.271   16.913  0.123   1.00 37.60 ? 2  ASN A CG  1 
ATOM   15   O OD1 . ASN A 1 3  ? 9.192   16.103  0.085   1.00 38.49 ? 2  ASN A OD1 1 
ATOM   16   N ND2 . ASN A 1 3  ? 8.004   17.743  -0.877  1.00 40.29 ? 2  ASN A ND2 1 
ATOM   17   N N   . THR A 1 4  ? 4.654   16.221  2.810   1.00 32.60 ? 3  THR A N   1 
ATOM   18   C CA  . THR A 1 4  ? 3.839   16.462  3.987   1.00 30.99 ? 3  THR A CA  1 
ATOM   19   C C   . THR A 1 4  ? 2.569   15.642  4.078   1.00 30.62 ? 3  THR A C   1 
ATOM   20   O O   . THR A 1 4  ? 2.213   14.911  3.153   1.00 29.59 ? 3  THR A O   1 
ATOM   21   C CB  . THR A 1 4  ? 3.467   17.971  4.084   1.00 32.88 ? 3  THR A CB  1 
ATOM   22   O OG1 . THR A 1 4  ? 2.520   18.313  3.059   1.00 31.58 ? 3  THR A OG1 1 
ATOM   23   C CG2 . THR A 1 4  ? 4.717   18.830  3.892   1.00 30.13 ? 3  THR A CG2 1 
ATOM   24   N N   . PHE A 1 5  ? 1.890   15.782  5.213   1.00 30.03 ? 4  PHE A N   1 
ATOM   25   C CA  . PHE A 1 5  ? 0.633   15.095  5.471   1.00 29.26 ? 4  PHE A CA  1 
ATOM   26   C C   . PHE A 1 5  ? -0.356  15.465  4.373   1.00 28.57 ? 4  PHE A C   1 
ATOM   27   O O   . PHE A 1 5  ? -1.105  14.621  3.877   1.00 29.45 ? 4  PHE A O   1 
ATOM   28   C CB  . PHE A 1 5  ? 0.080   15.520  6.831   1.00 30.02 ? 4  PHE A CB  1 
ATOM   29   C CG  . PHE A 1 5  ? -1.230  14.865  7.191   1.00 31.26 ? 4  PHE A CG  1 
ATOM   30   C CD1 . PHE A 1 5  ? -1.283  13.513  7.528   1.00 30.44 ? 4  PHE A CD1 1 
ATOM   31   C CD2 . PHE A 1 5  ? -2.403  15.607  7.213   1.00 30.05 ? 4  PHE A CD2 1 
ATOM   32   C CE1 . PHE A 1 5  ? -2.482  12.913  7.885   1.00 30.37 ? 4  PHE A CE1 1 
ATOM   33   C CE2 . PHE A 1 5  ? -3.614  15.019  7.571   1.00 31.39 ? 4  PHE A CE2 1 
ATOM   34   C CZ  . PHE A 1 5  ? -3.654  13.668  7.908   1.00 32.18 ? 4  PHE A CZ  1 
ATOM   35   N N   . TYR A 1 6  ? -0.345  16.735  3.990   1.00 27.56 ? 5  TYR A N   1 
ATOM   36   C CA  . TYR A 1 6  ? -1.231  17.231  2.945   1.00 29.43 ? 5  TYR A CA  1 
ATOM   37   C C   . TYR A 1 6  ? -1.011  16.519  1.612   1.00 28.70 ? 5  TYR A C   1 
ATOM   38   O O   . TYR A 1 6  ? -1.972  16.165  0.931   1.00 26.50 ? 5  TYR A O   1 
ATOM   39   C CB  . TYR A 1 6  ? -1.021  18.731  2.743   1.00 31.25 ? 5  TYR A CB  1 
ATOM   40   C CG  . TYR A 1 6  ? -1.943  19.337  1.703   1.00 33.85 ? 5  TYR A CG  1 
ATOM   41   C CD1 . TYR A 1 6  ? -3.314  19.443  1.940   1.00 33.30 ? 5  TYR A CD1 1 
ATOM   42   C CD2 . TYR A 1 6  ? -1.444  19.805  0.484   1.00 34.78 ? 5  TYR A CD2 1 
ATOM   43   C CE1 . TYR A 1 6  ? -4.169  20.003  0.998   1.00 36.05 ? 5  TYR A CE1 1 
ATOM   44   C CE2 . TYR A 1 6  ? -2.294  20.368  -0.474  1.00 37.24 ? 5  TYR A CE2 1 
ATOM   45   C CZ  . TYR A 1 6  ? -3.658  20.464  -0.206  1.00 38.51 ? 5  TYR A CZ  1 
ATOM   46   O OH  . TYR A 1 6  ? -4.506  21.021  -1.135  1.00 40.46 ? 5  TYR A OH  1 
ATOM   47   N N   . ASP A 1 7  ? 0.251   16.330  1.231   1.00 27.73 ? 6  ASP A N   1 
ATOM   48   C CA  . ASP A 1 7  ? 0.567   15.648  -0.030  1.00 26.73 ? 6  ASP A CA  1 
ATOM   49   C C   . ASP A 1 7  ? -0.004  14.229  -0.049  1.00 25.25 ? 6  ASP A C   1 
ATOM   50   O O   . ASP A 1 7  ? -0.569  13.791  -1.045  1.00 24.03 ? 6  ASP A O   1 
ATOM   51   C CB  . ASP A 1 7  ? 2.076   15.585  -0.246  1.00 26.29 ? 6  ASP A CB  1 
ATOM   52   C CG  . ASP A 1 7  ? 2.721   16.964  -0.284  1.00 29.70 ? 6  ASP A CG  1 
ATOM   53   O OD1 . ASP A 1 7  ? 2.205   17.837  -1.019  1.00 29.61 ? 6  ASP A OD1 1 
ATOM   54   O OD2 . ASP A 1 7  ? 3.742   17.168  0.411   1.00 30.67 ? 6  ASP A OD2 1 
ATOM   55   N N   . VAL A 1 8  ? 0.155   13.515  1.059   1.00 25.15 ? 7  VAL A N   1 
ATOM   56   C CA  . VAL A 1 8  ? -0.342  12.148  1.184   1.00 25.64 ? 7  VAL A CA  1 
ATOM   57   C C   . VAL A 1 8  ? -1.869  12.188  1.082   1.00 27.60 ? 7  VAL A C   1 
ATOM   58   O O   . VAL A 1 8  ? -2.492  11.286  0.521   1.00 27.62 ? 7  VAL A O   1 
ATOM   59   C CB  . VAL A 1 8  ? 0.067   11.534  2.542   1.00 24.52 ? 7  VAL A CB  1 
ATOM   60   C CG1 . VAL A 1 8  ? -0.429  10.097  2.639   1.00 23.78 ? 7  VAL A CG1 1 
ATOM   61   C CG2 . VAL A 1 8  ? 1.587   11.601  2.712   1.00 24.76 ? 7  VAL A CG2 1 
ATOM   62   N N   . GLN A 1 9  ? -2.464  13.235  1.642   1.00 28.48 ? 8  GLN A N   1 
ATOM   63   C CA  . GLN A 1 9  ? -3.912  13.404  1.592   1.00 30.72 ? 8  GLN A CA  1 
ATOM   64   C C   . GLN A 1 9  ? -4.378  13.459  0.135   1.00 30.76 ? 8  GLN A C   1 
ATOM   65   O O   . GLN A 1 9  ? -5.402  12.884  -0.206  1.00 31.51 ? 8  GLN A O   1 
ATOM   66   C CB  . GLN A 1 9  ? -4.329  14.692  2.309   1.00 30.83 ? 8  GLN A CB  1 
ATOM   67   C CG  . GLN A 1 9  ? -4.606  14.554  3.801   1.00 33.76 ? 8  GLN A CG  1 
ATOM   68   C CD  . GLN A 1 9  ? -5.198  15.825  4.404   1.00 35.95 ? 8  GLN A CD  1 
ATOM   69   O OE1 . GLN A 1 9  ? -5.716  15.821  5.522   1.00 39.78 ? 8  GLN A OE1 1 
ATOM   70   N NE2 . GLN A 1 9  ? -5.121  16.920  3.663   1.00 37.02 ? 8  GLN A NE2 1 
ATOM   71   N N   . GLN A 1 10 ? -3.622  14.150  -0.719  1.00 32.01 ? 9  GLN A N   1 
ATOM   72   C CA  . GLN A 1 10 ? -3.964  14.275  -2.139  1.00 33.97 ? 9  GLN A CA  1 
ATOM   73   C C   . GLN A 1 10 ? -3.767  12.959  -2.880  1.00 34.72 ? 9  GLN A C   1 
ATOM   74   O O   . GLN A 1 10 ? -4.500  12.644  -3.817  1.00 34.97 ? 9  GLN A O   1 
ATOM   75   C CB  . GLN A 1 10 ? -3.124  15.370  -2.804  1.00 34.59 ? 9  GLN A CB  1 
ATOM   76   C CG  . GLN A 1 10 ? -3.268  16.714  -2.117  1.00 38.95 ? 9  GLN A CG  1 
ATOM   77   C CD  . GLN A 1 10 ? -4.720  17.145  -1.984  1.00 40.65 ? 9  GLN A CD  1 
ATOM   78   O OE1 . GLN A 1 10 ? -5.200  17.396  -0.886  1.00 43.71 ? 9  GLN A OE1 1 
ATOM   79   N NE2 . GLN A 1 10 ? -5.421  17.241  -3.109  1.00 41.92 ? 9  GLN A NE2 1 
ATOM   80   N N   . LEU A 1 11 ? -2.762  12.201  -2.467  1.00 33.74 ? 10 LEU A N   1 
ATOM   81   C CA  . LEU A 1 11 ? -2.500  10.911  -3.082  1.00 33.71 ? 10 LEU A CA  1 
ATOM   82   C C   . LEU A 1 11 ? -3.723  10.022  -2.851  1.00 33.59 ? 10 LEU A C   1 
ATOM   83   O O   . LEU A 1 11 ? -4.281  9.459   -3.789  1.00 31.81 ? 10 LEU A O   1 
ATOM   84   C CB  . LEU A 1 11 ? -1.264  10.273  -2.449  1.00 33.60 ? 10 LEU A CB  1 
ATOM   85   C CG  . LEU A 1 11 ? -0.886  8.861   -2.892  1.00 33.35 ? 10 LEU A CG  1 
ATOM   86   C CD1 . LEU A 1 11 ? -0.696  8.834   -4.394  1.00 34.39 ? 10 LEU A CD1 1 
ATOM   87   C CD2 . LEU A 1 11 ? 0.396   8.438   -2.191  1.00 34.19 ? 10 LEU A CD2 1 
ATOM   88   N N   . LEU A 1 12 ? -4.135  9.910   -1.591  1.00 32.46 ? 11 LEU A N   1 
ATOM   89   C CA  . LEU A 1 12 ? -5.288  9.094   -1.232  1.00 33.61 ? 11 LEU A CA  1 
ATOM   90   C C   . LEU A 1 12 ? -6.619  9.654   -1.728  1.00 35.17 ? 11 LEU A C   1 
ATOM   91   O O   . LEU A 1 12 ? -7.582  8.913   -1.883  1.00 35.16 ? 11 LEU A O   1 
ATOM   92   C CB  . LEU A 1 12 ? -5.336  8.894   0.284   1.00 30.11 ? 11 LEU A CB  1 
ATOM   93   C CG  . LEU A 1 12 ? -4.244  7.957   0.805   1.00 29.25 ? 11 LEU A CG  1 
ATOM   94   C CD1 . LEU A 1 12 ? -4.356  7.801   2.296   1.00 28.41 ? 11 LEU A CD1 1 
ATOM   95   C CD2 . LEU A 1 12 ? -4.382  6.600   0.123   1.00 31.07 ? 11 LEU A CD2 1 
ATOM   96   N N   . LYS A 1 13 ? -6.677  10.959  -1.970  1.00 38.44 ? 12 LYS A N   1 
ATOM   97   C CA  . LYS A 1 13 ? -7.897  11.584  -2.466  1.00 41.36 ? 12 LYS A CA  1 
ATOM   98   C C   . LYS A 1 13 ? -8.118  11.103  -3.908  1.00 43.31 ? 12 LYS A C   1 
ATOM   99   O O   . LYS A 1 13 ? -9.249  10.973  -4.378  1.00 42.74 ? 12 LYS A O   1 
ATOM   100  C CB  . LYS A 1 13 ? -7.743  13.105  -2.407  1.00 44.82 ? 12 LYS A CB  1 
ATOM   101  C CG  . LYS A 1 13 ? -8.926  13.908  -2.909  1.00 49.74 ? 12 LYS A CG  1 
ATOM   102  C CD  . LYS A 1 13 ? -8.644  15.405  -2.744  1.00 54.79 ? 12 LYS A CD  1 
ATOM   103  C CE  . LYS A 1 13 ? -9.730  16.270  -3.372  1.00 56.78 ? 12 LYS A CE  1 
ATOM   104  N NZ  . LYS A 1 13 ? -9.766  16.137  -4.856  1.00 57.72 ? 12 LYS A NZ  1 
ATOM   105  N N   . THR A 1 14 ? -7.018  10.823  -4.598  1.00 44.50 ? 13 THR A N   1 
ATOM   106  C CA  . THR A 1 14 ? -7.064  10.334  -5.967  1.00 45.43 ? 13 THR A CA  1 
ATOM   107  C C   . THR A 1 14 ? -7.764  8.984   -5.996  1.00 46.43 ? 13 THR A C   1 
ATOM   108  O O   . THR A 1 14 ? -8.358  8.600   -7.000  1.00 43.88 ? 13 THR A O   1 
ATOM   109  C CB  . THR A 1 14 ? -5.630  10.185  -6.543  1.00 45.46 ? 13 THR A CB  1 
ATOM   110  O OG1 . THR A 1 14 ? -5.147  11.475  -6.935  1.00 46.58 ? 13 THR A OG1 1 
ATOM   111  C CG2 . THR A 1 14 ? -5.610  9.238   -7.747  1.00 45.68 ? 13 THR A CG2 1 
ATOM   112  N N   . PHE A 1 15 ? -7.696  8.272   -4.877  1.00 48.35 ? 14 PHE A N   1 
ATOM   113  C CA  . PHE A 1 15 ? -8.311  6.959   -4.779  1.00 49.57 ? 14 PHE A CA  1 
ATOM   114  C C   . PHE A 1 15 ? -9.604  6.956   -3.983  1.00 50.53 ? 14 PHE A C   1 
ATOM   115  O O   . PHE A 1 15 ? -10.054 5.908   -3.535  1.00 51.03 ? 14 PHE A O   1 
ATOM   116  C CB  . PHE A 1 15 ? -7.305  5.972   -4.195  1.00 50.47 ? 14 PHE A CB  1 
ATOM   117  C CG  . PHE A 1 15 ? -6.130  5.721   -5.099  1.00 50.89 ? 14 PHE A CG  1 
ATOM   118  C CD1 . PHE A 1 15 ? -6.161  4.693   -6.032  1.00 50.56 ? 14 PHE A CD1 1 
ATOM   119  C CD2 . PHE A 1 15 ? -5.020  6.559   -5.064  1.00 50.42 ? 14 PHE A CD2 1 
ATOM   120  C CE1 . PHE A 1 15 ? -5.106  4.502   -6.920  1.00 50.86 ? 14 PHE A CE1 1 
ATOM   121  C CE2 . PHE A 1 15 ? -3.961  6.381   -5.948  1.00 50.59 ? 14 PHE A CE2 1 
ATOM   122  C CZ  . PHE A 1 15 ? -4.004  5.348   -6.879  1.00 51.18 ? 14 PHE A CZ  1 
ATOM   123  N N   . GLY A 1 16 ? -10.189 8.139   -3.806  1.00 52.40 ? 15 GLY A N   1 
ATOM   124  C CA  . GLY A 1 16 ? -11.461 8.262   -3.112  1.00 53.66 ? 15 GLY A CA  1 
ATOM   125  C C   . GLY A 1 16 ? -11.535 8.506   -1.614  1.00 55.43 ? 15 GLY A C   1 
ATOM   126  O O   . GLY A 1 16 ? -12.616 8.798   -1.100  1.00 55.74 ? 15 GLY A O   1 
ATOM   127  N N   . HIS A 1 17 ? -10.419 8.408   -0.901  1.00 57.48 ? 16 HIS A N   1 
ATOM   128  C CA  . HIS A 1 17 ? -10.454 8.605   0.548   1.00 57.93 ? 16 HIS A CA  1 
ATOM   129  C C   . HIS A 1 17 ? -10.212 10.031  1.050   1.00 57.39 ? 16 HIS A C   1 
ATOM   130  O O   . HIS A 1 17 ? -9.082  10.517  1.021   1.00 57.88 ? 16 HIS A O   1 
ATOM   131  C CB  . HIS A 1 17 ? -9.446  7.684   1.234   1.00 58.92 ? 16 HIS A CB  1 
ATOM   132  C CG  . HIS A 1 17 ? -9.511  6.260   0.778   1.00 61.33 ? 16 HIS A CG  1 
ATOM   133  N ND1 . HIS A 1 17 ? -9.004  5.844   -0.434  1.00 62.85 ? 16 HIS A ND1 1 
ATOM   134  C CD2 . HIS A 1 17 ? -10.004 5.153   1.380   1.00 62.16 ? 16 HIS A CD2 1 
ATOM   135  C CE1 . HIS A 1 17 ? -9.178  4.539   -0.557  1.00 63.25 ? 16 HIS A CE1 1 
ATOM   136  N NE2 . HIS A 1 17 ? -9.783  4.096   0.531   1.00 63.23 ? 16 HIS A NE2 1 
ATOM   137  N N   . ILE A 1 18 ? -11.276 10.692  1.498   1.00 56.02 ? 17 ILE A N   1 
ATOM   138  C CA  . ILE A 1 18 ? -11.182 12.035  2.076   1.00 55.07 ? 17 ILE A CA  1 
ATOM   139  C C   . ILE A 1 18 ? -11.732 11.862  3.494   1.00 52.02 ? 17 ILE A C   1 
ATOM   140  O O   . ILE A 1 18 ? -12.938 11.954  3.731   1.00 52.10 ? 17 ILE A O   1 
ATOM   141  C CB  . ILE A 1 18 ? -12.022 13.104  1.286   1.00 57.45 ? 17 ILE A CB  1 
ATOM   142  C CG1 . ILE A 1 18 ? -13.515 12.760  1.297   1.00 59.53 ? 17 ILE A CG1 1 
ATOM   143  C CG2 . ILE A 1 18 ? -11.529 13.190  -0.150  1.00 58.79 ? 17 ILE A CG2 1 
ATOM   144  C CD1 . ILE A 1 18 ? -14.413 13.865  0.732   1.00 61.17 ? 17 ILE A CD1 1 
ATOM   145  N N   . VAL A 1 19 ? -10.842 11.586  4.439   1.00 48.46 ? 18 VAL A N   1 
ATOM   146  C CA  . VAL A 1 19 ? -11.277 11.346  5.806   1.00 46.09 ? 18 VAL A CA  1 
ATOM   147  C C   . VAL A 1 19 ? -10.881 12.370  6.855   1.00 44.01 ? 18 VAL A C   1 
ATOM   148  O O   . VAL A 1 19 ? -9.874  13.063  6.735   1.00 43.96 ? 18 VAL A O   1 
ATOM   149  C CB  . VAL A 1 19 ? -10.795 9.965   6.298   1.00 45.39 ? 18 VAL A CB  1 
ATOM   150  C CG1 . VAL A 1 19 ? -11.310 8.874   5.371   1.00 44.96 ? 18 VAL A CG1 1 
ATOM   151  C CG2 . VAL A 1 19 ? -9.284  9.941   6.376   1.00 46.04 ? 18 VAL A CG2 1 
ATOM   152  N N   . TYR A 1 20 ? -11.703 12.445  7.891   1.00 41.94 ? 19 TYR A N   1 
ATOM   153  C CA  . TYR A 1 20 ? -11.473 13.337  9.012   1.00 41.46 ? 19 TYR A CA  1 
ATOM   154  C C   . TYR A 1 20 ? -12.264 12.768  10.181  1.00 39.19 ? 19 TYR A C   1 
ATOM   155  O O   . TYR A 1 20 ? -13.493 12.874  10.201  1.00 38.48 ? 19 TYR A O   1 
ATOM   156  C CB  . TYR A 1 20 ? -11.961 14.749  8.689   1.00 43.81 ? 19 TYR A CB  1 
ATOM   157  C CG  . TYR A 1 20 ? -11.727 15.732  9.814   1.00 45.96 ? 19 TYR A CG  1 
ATOM   158  C CD1 . TYR A 1 20 ? -10.516 16.416  9.930   1.00 47.09 ? 19 TYR A CD1 1 
ATOM   159  C CD2 . TYR A 1 20 ? -12.696 15.936  10.799  1.00 46.30 ? 19 TYR A CD2 1 
ATOM   160  C CE1 . TYR A 1 20 ? -10.271 17.278  11.005  1.00 46.97 ? 19 TYR A CE1 1 
ATOM   161  C CE2 . TYR A 1 20 ? -12.464 16.791  11.877  1.00 46.21 ? 19 TYR A CE2 1 
ATOM   162  C CZ  . TYR A 1 20 ? -11.248 17.456  11.975  1.00 47.09 ? 19 TYR A CZ  1 
ATOM   163  O OH  . TYR A 1 20 ? -11.007 18.274  13.058  1.00 46.45 ? 19 TYR A OH  1 
ATOM   164  N N   . PHE A 1 21 ? -11.560 12.157  11.136  1.00 37.02 ? 20 PHE A N   1 
ATOM   165  C CA  . PHE A 1 21 ? -12.194 11.556  12.314  1.00 35.54 ? 20 PHE A CA  1 
ATOM   166  C C   . PHE A 1 21 ? -12.109 12.456  13.551  1.00 35.45 ? 20 PHE A C   1 
ATOM   167  O O   . PHE A 1 21 ? -12.716 12.166  14.587  1.00 35.78 ? 20 PHE A O   1 
ATOM   168  C CB  . PHE A 1 21 ? -11.542 10.211  12.678  1.00 32.82 ? 20 PHE A CB  1 
ATOM   169  C CG  . PHE A 1 21 ? -11.288 9.298   11.506  1.00 30.77 ? 20 PHE A CG  1 
ATOM   170  C CD1 . PHE A 1 21 ? -12.172 9.237   10.433  1.00 30.18 ? 20 PHE A CD1 1 
ATOM   171  C CD2 . PHE A 1 21 ? -10.180 8.449   11.513  1.00 28.80 ? 20 PHE A CD2 1 
ATOM   172  C CE1 . PHE A 1 21 ? -11.960 8.347   9.385   1.00 29.19 ? 20 PHE A CE1 1 
ATOM   173  C CE2 . PHE A 1 21 ? -9.960  7.555   10.471  1.00 26.82 ? 20 PHE A CE2 1 
ATOM   174  C CZ  . PHE A 1 21 ? -10.849 7.501   9.407   1.00 27.97 ? 20 PHE A CZ  1 
ATOM   175  N N   . GLY A 1 22 ? -11.349 13.535  13.446  1.00 35.14 ? 21 GLY A N   1 
ATOM   176  C CA  . GLY A 1 22 ? -11.193 14.434  14.575  1.00 33.92 ? 21 GLY A CA  1 
ATOM   177  C C   . GLY A 1 22 ? -10.046 14.000  15.471  1.00 34.39 ? 21 GLY A C   1 
ATOM   178  O O   . GLY A 1 22 ? -9.910  14.487  16.589  1.00 35.05 ? 21 GLY A O   1 
ATOM   179  N N   . ASP A 1 23 ? -9.229  13.069  14.981  1.00 33.30 ? 22 ASP A N   1 
ATOM   180  C CA  . ASP A 1 23 ? -8.073  12.554  15.715  1.00 30.59 ? 22 ASP A CA  1 
ATOM   181  C C   . ASP A 1 23 ? -7.008  12.220  14.670  1.00 30.83 ? 22 ASP A C   1 
ATOM   182  O O   . ASP A 1 23 ? -7.188  11.305  13.865  1.00 27.56 ? 22 ASP A O   1 
ATOM   183  C CB  . ASP A 1 23 ? -8.452  11.292  16.489  1.00 30.91 ? 22 ASP A CB  1 
ATOM   184  C CG  . ASP A 1 23 ? -7.295  10.724  17.296  1.00 35.13 ? 22 ASP A CG  1 
ATOM   185  O OD1 . ASP A 1 23 ? -6.217  10.439  16.713  1.00 33.61 ? 22 ASP A OD1 1 
ATOM   186  O OD2 . ASP A 1 23 ? -7.468  10.553  18.525  1.00 36.54 ? 22 ASP A OD2 1 
ATOM   187  N N   . ARG A 1 24 ? -5.914  12.976  14.682  1.00 30.59 ? 23 ARG A N   1 
ATOM   188  C CA  . ARG A 1 24 ? -4.824  12.792  13.728  1.00 29.33 ? 23 ARG A CA  1 
ATOM   189  C C   . ARG A 1 24 ? -4.154  11.412  13.746  1.00 26.77 ? 23 ARG A C   1 
ATOM   190  O O   . ARG A 1 24 ? -3.840  10.854  12.690  1.00 24.31 ? 23 ARG A O   1 
ATOM   191  C CB  . ARG A 1 24 ? -3.756  13.863  13.944  1.00 32.64 ? 23 ARG A CB  1 
ATOM   192  C CG  . ARG A 1 24 ? -2.604  13.740  12.971  1.00 37.11 ? 23 ARG A CG  1 
ATOM   193  C CD  . ARG A 1 24 ? -3.107  13.906  11.554  1.00 39.93 ? 23 ARG A CD  1 
ATOM   194  N NE  . ARG A 1 24 ? -3.346  15.304  11.217  1.00 44.05 ? 23 ARG A NE  1 
ATOM   195  C CZ  . ARG A 1 24 ? -2.380  16.204  11.052  1.00 44.93 ? 23 ARG A CZ  1 
ATOM   196  N NH1 . ARG A 1 24 ? -1.109  15.849  11.199  1.00 44.31 ? 23 ARG A NH1 1 
ATOM   197  N NH2 . ARG A 1 24 ? -2.684  17.457  10.725  1.00 44.56 ? 23 ARG A NH2 1 
ATOM   198  N N   . GLU A 1 25 ? -3.923  10.878  14.941  1.00 23.22 ? 24 GLU A N   1 
ATOM   199  C CA  . GLU A 1 25 ? -3.292  9.579   15.087  1.00 24.16 ? 24 GLU A CA  1 
ATOM   200  C C   . GLU A 1 25 ? -4.110  8.475   14.422  1.00 23.77 ? 24 GLU A C   1 
ATOM   201  O O   . GLU A 1 25 ? -3.545  7.602   13.765  1.00 20.99 ? 24 GLU A O   1 
ATOM   202  C CB  . GLU A 1 25 ? -3.113  9.221   16.561  1.00 25.44 ? 24 GLU A CB  1 
ATOM   203  C CG  . GLU A 1 25 ? -2.155  8.065   16.758  1.00 33.87 ? 24 GLU A CG  1 
ATOM   204  C CD  . GLU A 1 25 ? -2.201  7.445   18.148  1.00 38.55 ? 24 GLU A CD  1 
ATOM   205  O OE1 . GLU A 1 25 ? -1.311  6.623   18.441  1.00 41.34 ? 24 GLU A OE1 1 
ATOM   206  O OE2 . GLU A 1 25 ? -3.121  7.759   18.937  1.00 41.74 ? 24 GLU A OE2 1 
ATOM   207  N N   . LEU A 1 26 ? -5.430  8.516   14.610  1.00 21.05 ? 25 LEU A N   1 
ATOM   208  C CA  . LEU A 1 26 ? -6.339  7.515   14.041  1.00 21.49 ? 25 LEU A CA  1 
ATOM   209  C C   . LEU A 1 26 ? -6.494  7.723   12.538  1.00 21.62 ? 25 LEU A C   1 
ATOM   210  O O   . LEU A 1 26 ? -6.628  6.757   11.795  1.00 22.37 ? 25 LEU A O   1 
ATOM   211  C CB  . LEU A 1 26 ? -7.720  7.571   14.723  1.00 20.41 ? 25 LEU A CB  1 
ATOM   212  C CG  . LEU A 1 26 ? -7.842  7.130   16.193  1.00 18.29 ? 25 LEU A CG  1 
ATOM   213  C CD1 . LEU A 1 26 ? -9.194  7.561   16.784  1.00 18.70 ? 25 LEU A CD1 1 
ATOM   214  C CD2 . LEU A 1 26 ? -7.688  5.624   16.286  1.00 20.42 ? 25 LEU A CD2 1 
ATOM   215  N N   . GLU A 1 27 ? -6.493  8.974   12.087  1.00 21.82 ? 26 GLU A N   1 
ATOM   216  C CA  . GLU A 1 27 ? -6.593  9.245   10.648  1.00 24.07 ? 26 GLU A CA  1 
ATOM   217  C C   . GLU A 1 27 ? -5.332  8.694   9.966   1.00 24.12 ? 26 GLU A C   1 
ATOM   218  O O   . GLU A 1 27 ? -5.394  8.100   8.894   1.00 25.12 ? 26 GLU A O   1 
ATOM   219  C CB  . GLU A 1 27 ? -6.692  10.751  10.372  1.00 25.43 ? 26 GLU A CB  1 
ATOM   220  C CG  . GLU A 1 27 ? -8.101  11.341  10.436  1.00 30.19 ? 26 GLU A CG  1 
ATOM   221  C CD  . GLU A 1 27 ? -8.099  12.803  10.884  1.00 33.03 ? 26 GLU A CD  1 
ATOM   222  O OE1 . GLU A 1 27 ? -7.166  13.543  10.489  1.00 33.89 ? 26 GLU A OE1 1 
ATOM   223  O OE2 . GLU A 1 27 ? -9.024  13.211  11.621  1.00 30.93 ? 26 GLU A OE2 1 
ATOM   224  N N   . ILE A 1 28 ? -4.182  8.895   10.599  1.00 22.83 ? 27 ILE A N   1 
ATOM   225  C CA  . ILE A 1 28 ? -2.929  8.407   10.044  1.00 23.03 ? 27 ILE A CA  1 
ATOM   226  C C   . ILE A 1 28 ? -2.890  6.886   9.952   1.00 24.39 ? 27 ILE A C   1 
ATOM   227  O O   . ILE A 1 28 ? -2.415  6.331   8.953   1.00 23.11 ? 27 ILE A O   1 
ATOM   228  C CB  . ILE A 1 28 ? -1.739  8.868   10.879  1.00 21.18 ? 27 ILE A CB  1 
ATOM   229  C CG1 . ILE A 1 28 ? -1.450  10.339  10.583  1.00 19.67 ? 27 ILE A CG1 1 
ATOM   230  C CG2 . ILE A 1 28 ? -0.528  8.016   10.573  1.00 20.52 ? 27 ILE A CG2 1 
ATOM   231  C CD1 . ILE A 1 28 ? -0.424  10.910  11.489  1.00 23.22 ? 27 ILE A CD1 1 
ATOM   232  N N   . GLU A 1 29 ? -3.377  6.218   10.994  1.00 22.62 ? 28 GLU A N   1 
ATOM   233  C CA  . GLU A 1 29 ? -3.397  4.765   11.014  1.00 26.30 ? 28 GLU A CA  1 
ATOM   234  C C   . GLU A 1 29 ? -4.293  4.253   9.892   1.00 26.60 ? 28 GLU A C   1 
ATOM   235  O O   . GLU A 1 29 ? -3.948  3.281   9.223   1.00 27.36 ? 28 GLU A O   1 
ATOM   236  C CB  . GLU A 1 29 ? -3.891  4.258   12.372  1.00 29.60 ? 28 GLU A CB  1 
ATOM   237  C CG  . GLU A 1 29 ? -3.182  4.935   13.539  1.00 33.89 ? 28 GLU A CG  1 
ATOM   238  C CD  . GLU A 1 29 ? -3.482  4.290   14.871  1.00 38.25 ? 28 GLU A CD  1 
ATOM   239  O OE1 . GLU A 1 29 ? -4.622  3.811   15.056  1.00 41.24 ? 28 GLU A OE1 1 
ATOM   240  O OE2 . GLU A 1 29 ? -2.579  4.275   15.735  1.00 41.45 ? 28 GLU A OE2 1 
ATOM   241  N N   . PHE A 1 30 ? -5.429  4.921   9.681   1.00 26.19 ? 29 PHE A N   1 
ATOM   242  C CA  . PHE A 1 30 ? -6.359  4.546   8.619   1.00 24.96 ? 29 PHE A CA  1 
ATOM   243  C C   . PHE A 1 30 ? -5.611  4.711   7.296   1.00 24.92 ? 29 PHE A C   1 
ATOM   244  O O   . PHE A 1 30 ? -5.518  3.782   6.495   1.00 25.21 ? 29 PHE A O   1 
ATOM   245  C CB  . PHE A 1 30 ? -7.580  5.465   8.621   1.00 22.74 ? 29 PHE A CB  1 
ATOM   246  C CG  . PHE A 1 30 ? -8.588  5.142   7.545   1.00 23.41 ? 29 PHE A CG  1 
ATOM   247  C CD1 . PHE A 1 30 ? -9.446  4.051   7.678   1.00 22.45 ? 29 PHE A CD1 1 
ATOM   248  C CD2 . PHE A 1 30 ? -8.664  5.916   6.388   1.00 22.58 ? 29 PHE A CD2 1 
ATOM   249  C CE1 . PHE A 1 30 ? -10.364 3.737   6.666   1.00 24.69 ? 29 PHE A CE1 1 
ATOM   250  C CE2 . PHE A 1 30 ? -9.575  5.613   5.376   1.00 23.76 ? 29 PHE A CE2 1 
ATOM   251  C CZ  . PHE A 1 30 ? -10.429 4.519   5.512   1.00 24.25 ? 29 PHE A CZ  1 
ATOM   252  N N   . MET A 1 31 ? -5.076  5.908   7.083   1.00 22.36 ? 30 MET A N   1 
ATOM   253  C CA  . MET A 1 31 ? -4.338  6.223   5.871   1.00 21.12 ? 30 MET A CA  1 
ATOM   254  C C   . MET A 1 31 ? -3.242  5.191   5.561   1.00 21.21 ? 30 MET A C   1 
ATOM   255  O O   . MET A 1 31 ? -3.073  4.804   4.408   1.00 21.41 ? 30 MET A O   1 
ATOM   256  C CB  . MET A 1 31 ? -3.755  7.642   5.969   1.00 21.22 ? 30 MET A CB  1 
ATOM   257  C CG  . MET A 1 31 ? -4.833  8.743   5.854   1.00 22.36 ? 30 MET A CG  1 
ATOM   258  S SD  . MET A 1 31 ? -4.372  10.406  6.395   1.00 21.46 ? 30 MET A SD  1 
ATOM   259  C CE  . MET A 1 31 ? -3.391  10.986  5.014   1.00 19.13 ? 30 MET A CE  1 
ATOM   260  N N   . LEU A 1 32 ? -2.515  4.747   6.584   1.00 22.18 ? 31 LEU A N   1 
ATOM   261  C CA  . LEU A 1 32 ? -1.462  3.751   6.414   1.00 24.05 ? 31 LEU A CA  1 
ATOM   262  C C   . LEU A 1 32 ? -2.052  2.411   5.945   1.00 27.33 ? 31 LEU A C   1 
ATOM   263  O O   . LEU A 1 32 ? -1.444  1.723   5.115   1.00 24.79 ? 31 LEU A O   1 
ATOM   264  C CB  . LEU A 1 32 ? -0.670  3.565   7.725   1.00 22.94 ? 31 LEU A CB  1 
ATOM   265  C CG  . LEU A 1 32 ? 0.422   4.601   8.077   1.00 23.28 ? 31 LEU A CG  1 
ATOM   266  C CD1 . LEU A 1 32 ? 0.969   4.377   9.500   1.00 19.39 ? 31 LEU A CD1 1 
ATOM   267  C CD2 . LEU A 1 32 ? 1.559   4.495   7.052   1.00 23.79 ? 31 LEU A CD2 1 
ATOM   268  N N   . ASP A 1 33 ? -3.229  2.043   6.466   1.00 29.12 ? 32 ASP A N   1 
ATOM   269  C CA  . ASP A 1 33 ? -3.890  0.796   6.052   1.00 29.45 ? 32 ASP A CA  1 
ATOM   270  C C   . ASP A 1 33 ? -4.269  0.919   4.573   1.00 30.20 ? 32 ASP A C   1 
ATOM   271  O O   . ASP A 1 33 ? -4.059  -0.009  3.788   1.00 30.30 ? 32 ASP A O   1 
ATOM   272  C CB  . ASP A 1 33 ? -5.177  0.530   6.848   1.00 31.36 ? 32 ASP A CB  1 
ATOM   273  C CG  . ASP A 1 33 ? -4.926  0.267   8.319   1.00 36.82 ? 32 ASP A CG  1 
ATOM   274  O OD1 . ASP A 1 33 ? -3.991  -0.501  8.642   1.00 38.17 ? 32 ASP A OD1 1 
ATOM   275  O OD2 . ASP A 1 33 ? -5.682  0.816   9.159   1.00 40.94 ? 32 ASP A OD2 1 
ATOM   276  N N   . GLU A 1 34 ? -4.838  2.064   4.203   1.00 29.16 ? 33 GLU A N   1 
ATOM   277  C CA  . GLU A 1 34 ? -5.240  2.309   2.823   1.00 29.38 ? 33 GLU A CA  1 
ATOM   278  C C   . GLU A 1 34 ? -4.065  2.288   1.838   1.00 27.70 ? 33 GLU A C   1 
ATOM   279  O O   . GLU A 1 34 ? -4.187  1.779   0.725   1.00 27.44 ? 33 GLU A O   1 
ATOM   280  C CB  . GLU A 1 34 ? -5.960  3.654   2.720   1.00 31.44 ? 33 GLU A CB  1 
ATOM   281  C CG  . GLU A 1 34 ? -7.268  3.697   3.494   1.00 38.00 ? 33 GLU A CG  1 
ATOM   282  C CD  . GLU A 1 34 ? -8.134  2.469   3.235   1.00 42.01 ? 33 GLU A CD  1 
ATOM   283  O OE1 . GLU A 1 34 ? -8.497  2.235   2.060   1.00 41.41 ? 33 GLU A OE1 1 
ATOM   284  O OE2 . GLU A 1 34 ? -8.444  1.738   4.207   1.00 45.40 ? 33 GLU A OE2 1 
ATOM   285  N N   . LEU A 1 35 ? -2.930  2.845   2.250   1.00 26.20 ? 34 LEU A N   1 
ATOM   286  C CA  . LEU A 1 35 ? -1.750  2.895   1.390   1.00 24.52 ? 34 LEU A CA  1 
ATOM   287  C C   . LEU A 1 35 ? -1.226  1.487   1.135   1.00 23.40 ? 34 LEU A C   1 
ATOM   288  O O   . LEU A 1 35 ? -0.846  1.135   0.015   1.00 23.45 ? 34 LEU A O   1 
ATOM   289  C CB  . LEU A 1 35 ? -0.656  3.761   2.038   1.00 22.93 ? 34 LEU A CB  1 
ATOM   290  C CG  . LEU A 1 35 ? -0.850  5.274   1.967   1.00 20.69 ? 34 LEU A CG  1 
ATOM   291  C CD1 . LEU A 1 35 ? 0.176   5.983   2.858   1.00 22.25 ? 34 LEU A CD1 1 
ATOM   292  C CD2 . LEU A 1 35 ? -0.715  5.728   0.500   1.00 21.35 ? 34 LEU A CD2 1 
ATOM   293  N N   . LYS A 1 36 ? -1.212  0.694   2.195   1.00 23.69 ? 35 LYS A N   1 
ATOM   294  C CA  . LYS A 1 36 ? -0.762  -0.685  2.142   1.00 28.70 ? 35 LYS A CA  1 
ATOM   295  C C   . LYS A 1 36 ? -1.682  -1.509  1.225   1.00 30.76 ? 35 LYS A C   1 
ATOM   296  O O   . LYS A 1 36 ? -1.214  -2.327  0.441   1.00 30.70 ? 35 LYS A O   1 
ATOM   297  C CB  . LYS A 1 36 ? -0.760  -1.250  3.556   1.00 30.34 ? 35 LYS A CB  1 
ATOM   298  C CG  . LYS A 1 36 ? -0.272  -2.672  3.707   1.00 35.06 ? 35 LYS A CG  1 
ATOM   299  C CD  . LYS A 1 36 ? -0.419  -3.084  5.164   1.00 38.27 ? 35 LYS A CD  1 
ATOM   300  C CE  . LYS A 1 36 ? -0.198  -4.568  5.372   1.00 41.71 ? 35 LYS A CE  1 
ATOM   301  N NZ  . LYS A 1 36 ? -0.535  -4.946  6.782   1.00 45.13 ? 35 LYS A NZ  1 
ATOM   302  N N   . GLU A 1 37 ? -2.989  -1.285  1.325   1.00 32.63 ? 36 GLU A N   1 
ATOM   303  C CA  . GLU A 1 37 ? -3.951  -2.003  0.485   1.00 35.17 ? 36 GLU A CA  1 
ATOM   304  C C   . GLU A 1 37 ? -3.731  -1.628  -0.978  1.00 33.40 ? 36 GLU A C   1 
ATOM   305  O O   . GLU A 1 37 ? -3.749  -2.490  -1.853  1.00 33.58 ? 36 GLU A O   1 
ATOM   306  C CB  . GLU A 1 37 ? -5.387  -1.651  0.887   1.00 38.50 ? 36 GLU A CB  1 
ATOM   307  C CG  . GLU A 1 37 ? -5.872  -2.348  2.144   1.00 45.66 ? 36 GLU A CG  1 
ATOM   308  C CD  . GLU A 1 37 ? -6.341  -3.770  1.878   1.00 49.73 ? 36 GLU A CD  1 
ATOM   309  O OE1 . GLU A 1 37 ? -5.546  -4.571  1.340   1.00 51.46 ? 36 GLU A OE1 1 
ATOM   310  O OE2 . GLU A 1 37 ? -7.507  -4.087  2.209   1.00 52.02 ? 36 GLU A OE2 1 
ATOM   311  N N   . LEU A 1 38 ? -3.535  -0.338  -1.232  1.00 31.60 ? 37 LEU A N   1 
ATOM   312  C CA  . LEU A 1 38 ? -3.295  0.147   -2.583  1.00 31.76 ? 37 LEU A CA  1 
ATOM   313  C C   . LEU A 1 38 ? -2.049  -0.525  -3.149  1.00 32.22 ? 37 LEU A C   1 
ATOM   314  O O   . LEU A 1 38 ? -2.065  -1.032  -4.265  1.00 31.29 ? 37 LEU A O   1 
ATOM   315  C CB  . LEU A 1 38 ? -3.115  1.667   -2.582  1.00 30.12 ? 37 LEU A CB  1 
ATOM   316  C CG  . LEU A 1 38 ? -4.374  2.541   -2.464  1.00 29.33 ? 37 LEU A CG  1 
ATOM   317  C CD1 . LEU A 1 38 ? -3.966  4.008   -2.414  1.00 29.09 ? 37 LEU A CD1 1 
ATOM   318  C CD2 . LEU A 1 38 ? -5.295  2.293   -3.659  1.00 26.21 ? 37 LEU A CD2 1 
ATOM   319  N N   . TYR A 1 39 ? -0.971  -0.544  -2.370  1.00 32.11 ? 38 TYR A N   1 
ATOM   320  C CA  . TYR A 1 39 ? 0.255   -1.170  -2.829  1.00 32.54 ? 38 TYR A CA  1 
ATOM   321  C C   . TYR A 1 39 ? 0.061   -2.675  -3.039  1.00 34.70 ? 38 TYR A C   1 
ATOM   322  O O   . TYR A 1 39 ? 0.501   -3.214  -4.053  1.00 34.37 ? 38 TYR A O   1 
ATOM   323  C CB  . TYR A 1 39 ? 1.394   -0.916  -1.837  1.00 31.86 ? 38 TYR A CB  1 
ATOM   324  C CG  . TYR A 1 39 ? 2.688   -1.597  -2.220  1.00 32.44 ? 38 TYR A CG  1 
ATOM   325  C CD1 . TYR A 1 39 ? 3.217   -1.464  -3.510  1.00 31.44 ? 38 TYR A CD1 1 
ATOM   326  C CD2 . TYR A 1 39 ? 3.378   -2.387  -1.305  1.00 32.21 ? 38 TYR A CD2 1 
ATOM   327  C CE1 . TYR A 1 39 ? 4.400   -2.104  -3.876  1.00 31.72 ? 38 TYR A CE1 1 
ATOM   328  C CE2 . TYR A 1 39 ? 4.564   -3.032  -1.660  1.00 34.99 ? 38 TYR A CE2 1 
ATOM   329  C CZ  . TYR A 1 39 ? 5.069   -2.888  -2.946  1.00 33.52 ? 38 TYR A CZ  1 
ATOM   330  O OH  . TYR A 1 39 ? 6.237   -3.528  -3.300  1.00 36.13 ? 38 TYR A OH  1 
ATOM   331  N N   . MET A 1 40 ? -0.595  -3.349  -2.092  1.00 34.79 ? 39 MET A N   1 
ATOM   332  C CA  . MET A 1 40 ? -0.830  -4.785  -2.215  1.00 36.19 ? 39 MET A CA  1 
ATOM   333  C C   . MET A 1 40 ? -1.618  -5.075  -3.494  1.00 37.97 ? 39 MET A C   1 
ATOM   334  O O   . MET A 1 40 ? -1.411  -6.106  -4.139  1.00 38.99 ? 39 MET A O   1 
ATOM   335  C CB  . MET A 1 40 ? -1.603  -5.336  -1.003  1.00 34.87 ? 39 MET A CB  1 
ATOM   336  C CG  . MET A 1 40 ? -0.813  -5.359  0.316   1.00 36.18 ? 39 MET A CG  1 
ATOM   337  S SD  . MET A 1 40 ? -1.580  -6.364  1.645   1.00 39.47 ? 39 MET A SD  1 
ATOM   338  C CE  . MET A 1 40 ? -2.854  -5.269  2.232   1.00 33.08 ? 39 MET A CE  1 
ATOM   339  N N   . ASN A 1 41 ? -2.506  -4.153  -3.864  1.00 36.73 ? 40 ASN A N   1 
ATOM   340  C CA  . ASN A 1 41 ? -3.327  -4.312  -5.059  1.00 36.49 ? 40 ASN A CA  1 
ATOM   341  C C   . ASN A 1 41 ? -2.703  -3.738  -6.316  1.00 34.64 ? 40 ASN A C   1 
ATOM   342  O O   . ASN A 1 41 ? -3.369  -3.584  -7.335  1.00 36.41 ? 40 ASN A O   1 
ATOM   343  C CB  . ASN A 1 41 ? -4.702  -3.696  -4.829  1.00 37.35 ? 40 ASN A CB  1 
ATOM   344  C CG  . ASN A 1 41 ? -5.589  -4.585  -4.004  1.00 38.96 ? 40 ASN A CG  1 
ATOM   345  O OD1 . ASN A 1 41 ? -6.413  -5.316  -4.544  1.00 43.86 ? 40 ASN A OD1 1 
ATOM   346  N ND2 . ASN A 1 41 ? -5.410  -4.554  -2.687  1.00 40.30 ? 40 ASN A ND2 1 
ATOM   347  N N   . HIS A 1 42 ? -1.420  -3.416  -6.227  1.00 32.67 ? 41 HIS A N   1 
ATOM   348  C CA  . HIS A 1 42 ? -0.658  -2.891  -7.352  1.00 32.57 ? 41 HIS A CA  1 
ATOM   349  C C   . HIS A 1 42 ? -1.141  -1.555  -7.930  1.00 32.91 ? 41 HIS A C   1 
ATOM   350  O O   . HIS A 1 42 ? -0.880  -1.262  -9.098  1.00 33.45 ? 41 HIS A O   1 
ATOM   351  C CB  . HIS A 1 42 ? -0.613  -3.950  -8.465  1.00 31.33 ? 41 HIS A CB  1 
ATOM   352  C CG  . HIS A 1 42 ? -0.452  -5.353  -7.957  1.00 30.72 ? 41 HIS A CG  1 
ATOM   353  N ND1 . HIS A 1 42 ? 0.663   -5.773  -7.262  1.00 31.61 ? 41 HIS A ND1 1 
ATOM   354  C CD2 . HIS A 1 42 ? -1.281  -6.423  -8.014  1.00 29.76 ? 41 HIS A CD2 1 
ATOM   355  C CE1 . HIS A 1 42 ? 0.512   -7.040  -6.914  1.00 29.13 ? 41 HIS A CE1 1 
ATOM   356  N NE2 . HIS A 1 42 ? -0.659  -7.457  -7.357  1.00 28.52 ? 41 HIS A NE2 1 
ATOM   357  N N   . MET A 1 43 ? -1.812  -0.733  -7.122  1.00 31.30 ? 42 MET A N   1 
ATOM   358  C CA  . MET A 1 43 ? -2.314  0.554   -7.613  1.00 30.61 ? 42 MET A CA  1 
ATOM   359  C C   . MET A 1 43 ? -1.372  1.743   -7.394  1.00 28.76 ? 42 MET A C   1 
ATOM   360  O O   . MET A 1 43 ? -1.652  2.868   -7.826  1.00 28.09 ? 42 MET A O   1 
ATOM   361  C CB  . MET A 1 43 ? -3.693  0.837   -7.014  1.00 31.78 ? 42 MET A CB  1 
ATOM   362  C CG  . MET A 1 43 ? -4.733  -0.167  -7.481  1.00 39.33 ? 42 MET A CG  1 
ATOM   363  S SD  . MET A 1 43 ? -6.410  0.217   -6.988  1.00 47.42 ? 42 MET A SD  1 
ATOM   364  C CE  . MET A 1 43 ? -6.502  -0.534  -5.359  1.00 43.42 ? 42 MET A CE  1 
ATOM   365  N N   . ILE A 1 44 ? -0.256  1.489   -6.722  1.00 25.79 ? 43 ILE A N   1 
ATOM   366  C CA  . ILE A 1 44 ? 0.754   2.510   -6.493  1.00 26.78 ? 43 ILE A CA  1 
ATOM   367  C C   . ILE A 1 44 ? 2.098   1.798   -6.469  1.00 27.45 ? 43 ILE A C   1 
ATOM   368  O O   . ILE A 1 44 ? 2.214   0.681   -5.968  1.00 28.41 ? 43 ILE A O   1 
ATOM   369  C CB  . ILE A 1 44 ? 0.558   3.260   -5.138  1.00 27.87 ? 43 ILE A CB  1 
ATOM   370  C CG1 . ILE A 1 44 ? 0.606   2.268   -3.977  1.00 26.60 ? 43 ILE A CG1 1 
ATOM   371  C CG2 . ILE A 1 44 ? -0.759  4.035   -5.145  1.00 24.06 ? 43 ILE A CG2 1 
ATOM   372  C CD1 . ILE A 1 44 ? 0.676   2.931   -2.618  1.00 27.07 ? 43 ILE A CD1 1 
ATOM   373  N N   . GLU A 1 45 ? 3.112   2.435   -7.023  1.00 26.23 ? 44 GLU A N   1 
ATOM   374  C CA  . GLU A 1 45 ? 4.433   1.842   -7.044  1.00 29.79 ? 44 GLU A CA  1 
ATOM   375  C C   . GLU A 1 45 ? 5.041   1.775   -5.646  1.00 30.11 ? 44 GLU A C   1 
ATOM   376  O O   . GLU A 1 45 ? 4.679   2.552   -4.767  1.00 29.34 ? 44 GLU A O   1 
ATOM   377  C CB  . GLU A 1 45 ? 5.334   2.639   -7.982  1.00 31.34 ? 44 GLU A CB  1 
ATOM   378  C CG  . GLU A 1 45 ? 4.808   2.635   -9.408  1.00 38.47 ? 44 GLU A CG  1 
ATOM   379  C CD  . GLU A 1 45 ? 5.573   3.555   -10.317 1.00 41.33 ? 44 GLU A CD  1 
ATOM   380  O OE1 . GLU A 1 45 ? 5.534   4.785   -10.098 1.00 45.13 ? 44 GLU A OE1 1 
ATOM   381  O OE2 . GLU A 1 45 ? 6.213   3.046   -11.250 1.00 44.44 ? 44 GLU A OE2 1 
ATOM   382  N N   . LYS A 1 46 ? 5.963   0.834   -5.466  1.00 29.60 ? 45 LYS A N   1 
ATOM   383  C CA  . LYS A 1 46 ? 6.649   0.613   -4.202  1.00 30.72 ? 45 LYS A CA  1 
ATOM   384  C C   . LYS A 1 46 ? 7.303   1.896   -3.692  1.00 29.76 ? 45 LYS A C   1 
ATOM   385  O O   . LYS A 1 46 ? 7.231   2.204   -2.510  1.00 27.55 ? 45 LYS A O   1 
ATOM   386  C CB  . LYS A 1 46 ? 7.709   -0.481  -4.384  1.00 33.85 ? 45 LYS A CB  1 
ATOM   387  C CG  . LYS A 1 46 ? 8.131   -1.188  -3.109  1.00 38.01 ? 45 LYS A CG  1 
ATOM   388  C CD  . LYS A 1 46 ? 9.081   -2.349  -3.401  1.00 41.06 ? 45 LYS A CD  1 
ATOM   389  C CE  . LYS A 1 46 ? 10.540  -1.926  -3.360  1.00 41.97 ? 45 LYS A CE  1 
ATOM   390  N NZ  . LYS A 1 46 ? 10.895  -0.893  -4.373  1.00 44.72 ? 45 LYS A NZ  1 
ATOM   391  N N   . GLU A 1 47 ? 7.928   2.645   -4.593  1.00 29.49 ? 46 GLU A N   1 
ATOM   392  C CA  . GLU A 1 47 ? 8.591   3.894   -4.225  1.00 31.87 ? 46 GLU A CA  1 
ATOM   393  C C   . GLU A 1 47 ? 7.624   4.938   -3.634  1.00 31.72 ? 46 GLU A C   1 
ATOM   394  O O   . GLU A 1 47 ? 7.978   5.660   -2.706  1.00 31.04 ? 46 GLU A O   1 
ATOM   395  C CB  . GLU A 1 47 ? 9.300   4.510   -5.440  1.00 33.87 ? 46 GLU A CB  1 
ATOM   396  C CG  . GLU A 1 47 ? 10.403  3.664   -6.083  1.00 40.11 ? 46 GLU A CG  1 
ATOM   397  C CD  . GLU A 1 47 ? 9.887   2.406   -6.785  1.00 41.91 ? 46 GLU A CD  1 
ATOM   398  O OE1 . GLU A 1 47 ? 8.918   2.499   -7.575  1.00 39.73 ? 46 GLU A OE1 1 
ATOM   399  O OE2 . GLU A 1 47 ? 10.467  1.319   -6.550  1.00 46.34 ? 46 GLU A OE2 1 
ATOM   400  N N   . GLN A 1 48 ? 6.412   5.023   -4.180  1.00 30.67 ? 47 GLN A N   1 
ATOM   401  C CA  . GLN A 1 48 ? 5.428   5.995   -3.701  1.00 31.49 ? 47 GLN A CA  1 
ATOM   402  C C   . GLN A 1 48 ? 4.863   5.547   -2.365  1.00 31.04 ? 47 GLN A C   1 
ATOM   403  O O   . GLN A 1 48 ? 4.638   6.351   -1.456  1.00 27.70 ? 47 GLN A O   1 
ATOM   404  C CB  . GLN A 1 48 ? 4.275   6.139   -4.698  1.00 32.91 ? 47 GLN A CB  1 
ATOM   405  C CG  . GLN A 1 48 ? 4.703   6.423   -6.135  1.00 33.93 ? 47 GLN A CG  1 
ATOM   406  C CD  . GLN A 1 48 ? 3.517   6.423   -7.104  1.00 36.09 ? 47 GLN A CD  1 
ATOM   407  O OE1 . GLN A 1 48 ? 2.782   5.430   -7.214  1.00 32.19 ? 47 GLN A OE1 1 
ATOM   408  N NE2 . GLN A 1 48 ? 3.330   7.538   -7.811  1.00 36.22 ? 47 GLN A NE2 1 
ATOM   409  N N   . TRP A 1 49 ? 4.617   4.253   -2.247  1.00 29.75 ? 48 TRP A N   1 
ATOM   410  C CA  . TRP A 1 49 ? 4.083   3.754   -1.002  1.00 28.93 ? 48 TRP A CA  1 
ATOM   411  C C   . TRP A 1 49 ? 5.112   3.902   0.116   1.00 26.88 ? 48 TRP A C   1 
ATOM   412  O O   . TRP A 1 49 ? 4.779   4.331   1.221   1.00 28.78 ? 48 TRP A O   1 
ATOM   413  C CB  . TRP A 1 49 ? 3.681   2.300   -1.144  1.00 27.42 ? 48 TRP A CB  1 
ATOM   414  C CG  . TRP A 1 49 ? 3.420   1.702   0.163   1.00 26.93 ? 48 TRP A CG  1 
ATOM   415  C CD1 . TRP A 1 49 ? 2.289   1.828   0.926   1.00 27.22 ? 48 TRP A CD1 1 
ATOM   416  C CD2 . TRP A 1 49 ? 4.332   0.918   0.918   1.00 28.24 ? 48 TRP A CD2 1 
ATOM   417  N NE1 . TRP A 1 49 ? 2.448   1.154   2.110   1.00 27.76 ? 48 TRP A NE1 1 
ATOM   418  C CE2 . TRP A 1 49 ? 3.691   0.580   2.128   1.00 28.12 ? 48 TRP A CE2 1 
ATOM   419  C CE3 . TRP A 1 49 ? 5.627   0.449   0.679   1.00 26.85 ? 48 TRP A CE3 1 
ATOM   420  C CZ2 . TRP A 1 49 ? 4.310   -0.187  3.108   1.00 31.58 ? 48 TRP A CZ2 1 
ATOM   421  C CZ3 . TRP A 1 49 ? 6.240   -0.309  1.648   1.00 30.30 ? 48 TRP A CZ3 1 
ATOM   422  C CH2 . TRP A 1 49 ? 5.579   -0.632  2.847   1.00 30.92 ? 48 TRP A CH2 1 
ATOM   423  N N   . ALA A 1 50 ? 6.365   3.562   -0.167  1.00 25.46 ? 49 ALA A N   1 
ATOM   424  C CA  . ALA A 1 50 ? 7.413   3.675   0.853   1.00 24.13 ? 49 ALA A CA  1 
ATOM   425  C C   . ALA A 1 50 ? 7.556   5.132   1.312   1.00 23.45 ? 49 ALA A C   1 
ATOM   426  O O   . ALA A 1 50 ? 7.685   5.414   2.503   1.00 25.79 ? 49 ALA A O   1 
ATOM   427  C CB  . ALA A 1 50 ? 8.731   3.166   0.309   1.00 23.60 ? 49 ALA A CB  1 
ATOM   428  N N   . ARG A 1 51 ? 7.519   6.056   0.364   1.00 21.89 ? 50 ARG A N   1 
ATOM   429  C CA  . ARG A 1 51 ? 7.648   7.464   0.701   1.00 23.08 ? 50 ARG A CA  1 
ATOM   430  C C   . ARG A 1 51 ? 6.405   7.977   1.436   1.00 23.27 ? 50 ARG A C   1 
ATOM   431  O O   . ARG A 1 51 ? 6.518   8.755   2.378   1.00 22.85 ? 50 ARG A O   1 
ATOM   432  C CB  . ARG A 1 51 ? 7.865   8.295   -0.553  1.00 20.30 ? 50 ARG A CB  1 
ATOM   433  C CG  . ARG A 1 51 ? 7.951   9.786   -0.285  1.00 22.87 ? 50 ARG A CG  1 
ATOM   434  C CD  . ARG A 1 51 ? 9.211   10.170  0.492   1.00 23.90 ? 50 ARG A CD  1 
ATOM   435  N NE  . ARG A 1 51 ? 9.406   11.618  0.463   1.00 24.19 ? 50 ARG A NE  1 
ATOM   436  C CZ  . ARG A 1 51 ? 10.525  12.252  0.804   1.00 24.62 ? 50 ARG A CZ  1 
ATOM   437  N NH1 . ARG A 1 51 ? 11.596  11.586  1.218   1.00 23.15 ? 50 ARG A NH1 1 
ATOM   438  N NH2 . ARG A 1 51 ? 10.568  13.569  0.715   1.00 24.06 ? 50 ARG A NH2 1 
ATOM   439  N N   . ALA A 1 52 ? 5.228   7.533   1.002   1.00 22.19 ? 51 ALA A N   1 
ATOM   440  C CA  . ALA A 1 52 ? 3.983   7.969   1.626   1.00 21.53 ? 51 ALA A CA  1 
ATOM   441  C C   . ALA A 1 52 ? 3.910   7.520   3.075   1.00 20.64 ? 51 ALA A C   1 
ATOM   442  O O   . ALA A 1 52 ? 3.572   8.324   3.942   1.00 22.07 ? 51 ALA A O   1 
ATOM   443  C CB  . ALA A 1 52 ? 2.768   7.454   0.832   1.00 21.73 ? 51 ALA A CB  1 
ATOM   444  N N   . ALA A 1 53 ? 4.247   6.256   3.343   1.00 19.09 ? 52 ALA A N   1 
ATOM   445  C CA  . ALA A 1 53 ? 4.212   5.727   4.703   1.00 19.68 ? 52 ALA A CA  1 
ATOM   446  C C   . ALA A 1 53 ? 5.230   6.454   5.575   1.00 21.25 ? 52 ALA A C   1 
ATOM   447  O O   . ALA A 1 53 ? 4.949   6.768   6.726   1.00 19.11 ? 52 ALA A O   1 
ATOM   448  C CB  . ALA A 1 53 ? 4.498   4.230   4.711   1.00 20.43 ? 52 ALA A CB  1 
ATOM   449  N N   . ALA A 1 54 ? 6.414   6.705   5.015   1.00 19.35 ? 53 ALA A N   1 
ATOM   450  C CA  . ALA A 1 54 ? 7.467   7.414   5.720   1.00 20.17 ? 53 ALA A CA  1 
ATOM   451  C C   . ALA A 1 54 ? 6.966   8.805   6.143   1.00 17.18 ? 53 ALA A C   1 
ATOM   452  O O   . ALA A 1 54 ? 7.156   9.221   7.279   1.00 19.65 ? 53 ALA A O   1 
ATOM   453  C CB  . ALA A 1 54 ? 8.693   7.537   4.827   1.00 17.97 ? 53 ALA A CB  1 
ATOM   454  N N   . VAL A 1 55 ? 6.347   9.523   5.220   1.00 19.48 ? 54 VAL A N   1 
ATOM   455  C CA  . VAL A 1 55 ? 5.802   10.844  5.516   1.00 19.87 ? 54 VAL A CA  1 
ATOM   456  C C   . VAL A 1 55 ? 4.780   10.748  6.666   1.00 21.17 ? 54 VAL A C   1 
ATOM   457  O O   . VAL A 1 55 ? 4.797   11.573  7.573   1.00 19.91 ? 54 VAL A O   1 
ATOM   458  C CB  . VAL A 1 55 ? 5.130   11.463  4.262   1.00 19.25 ? 54 VAL A CB  1 
ATOM   459  C CG1 . VAL A 1 55 ? 4.269   12.655  4.653   1.00 22.14 ? 54 VAL A CG1 1 
ATOM   460  C CG2 . VAL A 1 55 ? 6.179   11.919  3.284   1.00 19.89 ? 54 VAL A CG2 1 
ATOM   461  N N   . LEU A 1 56 ? 3.917   9.725   6.638   1.00 20.06 ? 55 LEU A N   1 
ATOM   462  C CA  . LEU A 1 56 ? 2.910   9.535   7.696   1.00 19.19 ? 55 LEU A CA  1 
ATOM   463  C C   . LEU A 1 56 ? 3.553   9.176   9.036   1.00 18.85 ? 55 LEU A C   1 
ATOM   464  O O   . LEU A 1 56 ? 3.047   9.558   10.098  1.00 16.28 ? 55 LEU A O   1 
ATOM   465  C CB  . LEU A 1 56 ? 1.890   8.454   7.298   1.00 16.68 ? 55 LEU A CB  1 
ATOM   466  C CG  . LEU A 1 56 ? 1.031   8.815   6.084   1.00 16.88 ? 55 LEU A CG  1 
ATOM   467  C CD1 . LEU A 1 56 ? -0.049  7.739   5.860   1.00 20.08 ? 55 LEU A CD1 1 
ATOM   468  C CD2 . LEU A 1 56 ? 0.385   10.185  6.312   1.00 15.98 ? 55 LEU A CD2 1 
ATOM   469  N N   . ARG A 1 57 ? 4.658   8.436   9.002   1.00 18.44 ? 56 ARG A N   1 
ATOM   470  C CA  . ARG A 1 57 ? 5.334   8.088   10.244  1.00 21.21 ? 56 ARG A CA  1 
ATOM   471  C C   . ARG A 1 57 ? 5.904   9.354   10.895  1.00 22.15 ? 56 ARG A C   1 
ATOM   472  O O   . ARG A 1 57 ? 5.882   9.505   12.118  1.00 21.14 ? 56 ARG A O   1 
ATOM   473  C CB  . ARG A 1 57 ? 6.481   7.104   9.993   1.00 24.78 ? 56 ARG A CB  1 
ATOM   474  C CG  . ARG A 1 57 ? 6.047   5.683   9.641   1.00 28.13 ? 56 ARG A CG  1 
ATOM   475  C CD  . ARG A 1 57 ? 5.267   5.067   10.782  1.00 31.26 ? 56 ARG A CD  1 
ATOM   476  N NE  . ARG A 1 57 ? 6.004   5.130   12.042  1.00 34.98 ? 56 ARG A NE  1 
ATOM   477  C CZ  . ARG A 1 57 ? 7.137   4.475   12.295  1.00 37.64 ? 56 ARG A CZ  1 
ATOM   478  N NH1 . ARG A 1 57 ? 7.683   3.689   11.370  1.00 37.39 ? 56 ARG A NH1 1 
ATOM   479  N NH2 . ARG A 1 57 ? 7.732   4.610   13.476  1.00 33.23 ? 56 ARG A NH2 1 
ATOM   480  N N   . LYS A 1 58 ? 6.418   10.258  10.064  1.00 22.73 ? 57 LYS A N   1 
ATOM   481  C CA  . LYS A 1 58 ? 7.001   11.499  10.546  1.00 22.04 ? 57 LYS A CA  1 
ATOM   482  C C   . LYS A 1 58 ? 5.903   12.380  11.131  1.00 22.15 ? 57 LYS A C   1 
ATOM   483  O O   . LYS A 1 58 ? 6.045   12.933  12.215  1.00 19.46 ? 57 LYS A O   1 
ATOM   484  C CB  . LYS A 1 58 ? 7.724   12.208  9.397   1.00 19.59 ? 57 LYS A CB  1 
ATOM   485  C CG  . LYS A 1 58 ? 8.336   13.564  9.761   1.00 22.56 ? 57 LYS A CG  1 
ATOM   486  C CD  . LYS A 1 58 ? 9.271   14.055  8.664   1.00 21.65 ? 57 LYS A CD  1 
ATOM   487  C CE  . LYS A 1 58 ? 9.669   15.505  8.881   1.00 24.46 ? 57 LYS A CE  1 
ATOM   488  N NZ  . LYS A 1 58 ? 8.606   16.407  8.344   1.00 27.86 ? 57 LYS A NZ  1 
ATOM   489  N N   . GLU A 1 59 ? 4.799   12.485  10.405  1.00 24.91 ? 58 GLU A N   1 
ATOM   490  C CA  . GLU A 1 59 ? 3.654   13.284  10.830  1.00 27.18 ? 58 GLU A CA  1 
ATOM   491  C C   . GLU A 1 59 ? 3.147   12.783  12.189  1.00 26.89 ? 58 GLU A C   1 
ATOM   492  O O   . GLU A 1 59 ? 2.834   13.569  13.078  1.00 23.71 ? 58 GLU A O   1 
ATOM   493  C CB  . GLU A 1 59 ? 2.551   13.182  9.769   1.00 28.25 ? 58 GLU A CB  1 
ATOM   494  C CG  . GLU A 1 59 ? 1.484   14.273  9.816   1.00 35.28 ? 58 GLU A CG  1 
ATOM   495  C CD  . GLU A 1 59 ? 2.036   15.686  9.581   1.00 36.42 ? 58 GLU A CD  1 
ATOM   496  O OE1 . GLU A 1 59 ? 2.834   15.887  8.636   1.00 37.38 ? 58 GLU A OE1 1 
ATOM   497  O OE2 . GLU A 1 59 ? 1.654   16.601  10.338  1.00 37.51 ? 58 GLU A OE2 1 
ATOM   498  N N   . LEU A 1 60 ? 3.100   11.465  12.346  1.00 27.07 ? 59 LEU A N   1 
ATOM   499  C CA  . LEU A 1 60 ? 2.631   10.851  13.578  1.00 29.02 ? 59 LEU A CA  1 
ATOM   500  C C   . LEU A 1 60 ? 3.518   11.237  14.754  1.00 30.99 ? 59 LEU A C   1 
ATOM   501  O O   . LEU A 1 60 ? 3.037   11.500  15.850  1.00 29.42 ? 59 LEU A O   1 
ATOM   502  C CB  . LEU A 1 60 ? 2.623   9.327   13.431  1.00 28.87 ? 59 LEU A CB  1 
ATOM   503  C CG  . LEU A 1 60 ? 2.018   8.502   14.567  1.00 31.10 ? 59 LEU A CG  1 
ATOM   504  C CD1 . LEU A 1 60 ? 0.569   8.913   14.797  1.00 31.06 ? 59 LEU A CD1 1 
ATOM   505  C CD2 . LEU A 1 60 ? 2.111   7.015   14.214  1.00 31.11 ? 59 LEU A CD2 1 
ATOM   506  N N   . GLU A 1 61 ? 4.820   11.259  14.513  1.00 31.43 ? 60 GLU A N   1 
ATOM   507  C CA  . GLU A 1 61 ? 5.779   11.600  15.539  1.00 34.81 ? 60 GLU A CA  1 
ATOM   508  C C   . GLU A 1 61 ? 5.632   13.074  15.888  1.00 35.75 ? 60 GLU A C   1 
ATOM   509  O O   . GLU A 1 61 ? 5.717   13.452  17.053  1.00 36.85 ? 60 GLU A O   1 
ATOM   510  C CB  . GLU A 1 61 ? 7.190   11.323  15.027  1.00 38.17 ? 60 GLU A CB  1 
ATOM   511  C CG  . GLU A 1 61 ? 8.228   11.170  16.105  1.00 44.45 ? 60 GLU A CG  1 
ATOM   512  C CD  . GLU A 1 61 ? 8.004   9.928   16.942  1.00 48.52 ? 60 GLU A CD  1 
ATOM   513  O OE1 . GLU A 1 61 ? 7.857   8.833   16.353  1.00 51.43 ? 60 GLU A OE1 1 
ATOM   514  O OE2 . GLU A 1 61 ? 7.984   10.048  18.186  1.00 50.25 ? 60 GLU A OE2 1 
ATOM   515  N N   . GLN A 1 62 ? 5.391   13.902  14.875  1.00 36.18 ? 61 GLN A N   1 
ATOM   516  C CA  . GLN A 1 62 ? 5.244   15.339  15.076  1.00 38.73 ? 61 GLN A CA  1 
ATOM   517  C C   . GLN A 1 62 ? 3.954   15.729  15.797  1.00 40.77 ? 61 GLN A C   1 
ATOM   518  O O   . GLN A 1 62 ? 3.900   16.767  16.453  1.00 41.09 ? 61 GLN A O   1 
ATOM   519  C CB  . GLN A 1 62 ? 5.318   16.073  13.733  1.00 37.51 ? 61 GLN A CB  1 
ATOM   520  C CG  . GLN A 1 62 ? 6.557   15.748  12.917  1.00 38.09 ? 61 GLN A CG  1 
ATOM   521  C CD  . GLN A 1 62 ? 6.669   16.580  11.647  1.00 35.20 ? 61 GLN A CD  1 
ATOM   522  O OE1 . GLN A 1 62 ? 5.671   16.878  10.988  1.00 35.21 ? 61 GLN A OE1 1 
ATOM   523  N NE2 . GLN A 1 62 ? 7.889   16.940  11.292  1.00 35.77 ? 61 GLN A NE2 1 
ATOM   524  N N   . THR A 1 63 ? 2.910   14.919  15.671  1.00 42.10 ? 62 THR A N   1 
ATOM   525  C CA  . THR A 1 63 ? 1.666   15.240  16.354  1.00 44.11 ? 62 THR A CA  1 
ATOM   526  C C   . THR A 1 63 ? 1.770   14.768  17.806  1.00 45.27 ? 62 THR A C   1 
ATOM   527  O O   . THR A 1 63 ? 1.497   15.588  18.704  1.00 46.55 ? 62 THR A O   1 
ATOM   528  C CB  . THR A 1 63 ? 0.437   14.575  15.680  1.00 43.21 ? 62 THR A CB  1 
ATOM   529  O OG1 . THR A 1 63 ? 0.478   13.158  15.876  1.00 45.09 ? 62 THR A OG1 1 
ATOM   530  C CG2 . THR A 1 63 ? 0.420   14.877  14.198  1.00 43.16 ? 62 THR A CG2 1 
ATOM   531  N N   . LEU B 1 2  ? 19.276  0.926   12.410  1.00 31.69 ? 1  LEU B N   1 
ATOM   532  C CA  . LEU B 1 2  ? 18.692  -0.139  13.291  1.00 32.18 ? 1  LEU B CA  1 
ATOM   533  C C   . LEU B 1 2  ? 19.803  -0.740  14.138  1.00 32.31 ? 1  LEU B C   1 
ATOM   534  O O   . LEU B 1 2  ? 20.759  -1.292  13.599  1.00 31.93 ? 1  LEU B O   1 
ATOM   535  C CB  . LEU B 1 2  ? 18.054  -1.236  12.439  1.00 32.70 ? 1  LEU B CB  1 
ATOM   536  C CG  . LEU B 1 2  ? 16.701  -0.922  11.809  1.00 32.11 ? 1  LEU B CG  1 
ATOM   537  C CD1 . LEU B 1 2  ? 16.423  -1.848  10.648  1.00 33.97 ? 1  LEU B CD1 1 
ATOM   538  C CD2 . LEU B 1 2  ? 15.635  -1.048  12.883  1.00 33.18 ? 1  LEU B CD2 1 
ATOM   539  N N   . ASN B 1 3  ? 19.685  -0.646  15.457  1.00 30.86 ? 2  ASN B N   1 
ATOM   540  C CA  . ASN B 1 3  ? 20.727  -1.177  16.320  1.00 32.96 ? 2  ASN B CA  1 
ATOM   541  C C   . ASN B 1 3  ? 20.218  -2.019  17.471  1.00 33.39 ? 2  ASN B C   1 
ATOM   542  O O   . ASN B 1 3  ? 20.935  -2.876  17.978  1.00 36.03 ? 2  ASN B O   1 
ATOM   543  C CB  . ASN B 1 3  ? 21.556  -0.028  16.898  1.00 33.67 ? 2  ASN B CB  1 
ATOM   544  C CG  . ASN B 1 3  ? 22.117  0.879   15.832  1.00 34.67 ? 2  ASN B CG  1 
ATOM   545  O OD1 . ASN B 1 3  ? 22.937  0.466   15.025  1.00 35.62 ? 2  ASN B OD1 1 
ATOM   546  N ND2 . ASN B 1 3  ? 21.671  2.132   15.824  1.00 39.91 ? 2  ASN B ND2 1 
ATOM   547  N N   . THR B 1 4  ? 18.982  -1.782  17.889  1.00 32.18 ? 3  THR B N   1 
ATOM   548  C CA  . THR B 1 4  ? 18.436  -2.507  19.025  1.00 30.78 ? 3  THR B CA  1 
ATOM   549  C C   . THR B 1 4  ? 17.008  -3.003  18.827  1.00 29.92 ? 3  THR B C   1 
ATOM   550  O O   . THR B 1 4  ? 16.371  -2.733  17.815  1.00 30.64 ? 3  THR B O   1 
ATOM   551  C CB  . THR B 1 4  ? 18.424  -1.604  20.256  1.00 32.22 ? 3  THR B CB  1 
ATOM   552  O OG1 . THR B 1 4  ? 17.323  -0.693  20.151  1.00 31.28 ? 3  THR B OG1 1 
ATOM   553  C CG2 . THR B 1 4  ? 19.713  -0.795  20.327  1.00 30.87 ? 3  THR B CG2 1 
ATOM   554  N N   . PHE B 1 5  ? 16.510  -3.711  19.831  1.00 30.39 ? 4  PHE B N   1 
ATOM   555  C CA  . PHE B 1 5  ? 15.155  -4.243  19.823  1.00 33.07 ? 4  PHE B CA  1 
ATOM   556  C C   . PHE B 1 5  ? 14.157  -3.095  19.620  1.00 35.47 ? 4  PHE B C   1 
ATOM   557  O O   . PHE B 1 5  ? 13.225  -3.202  18.814  1.00 35.24 ? 4  PHE B O   1 
ATOM   558  C CB  . PHE B 1 5  ? 14.899  -4.954  21.155  1.00 32.17 ? 4  PHE B CB  1 
ATOM   559  C CG  . PHE B 1 5  ? 13.490  -5.441  21.335  1.00 33.70 ? 4  PHE B CG  1 
ATOM   560  C CD1 . PHE B 1 5  ? 13.014  -6.541  20.623  1.00 33.49 ? 4  PHE B CD1 1 
ATOM   561  C CD2 . PHE B 1 5  ? 12.641  -4.806  22.230  1.00 32.24 ? 4  PHE B CD2 1 
ATOM   562  C CE1 . PHE B 1 5  ? 11.716  -7.001  20.803  1.00 33.97 ? 4  PHE B CE1 1 
ATOM   563  C CE2 . PHE B 1 5  ? 11.335  -5.257  22.419  1.00 34.72 ? 4  PHE B CE2 1 
ATOM   564  C CZ  . PHE B 1 5  ? 10.873  -6.360  21.702  1.00 34.12 ? 4  PHE B CZ  1 
ATOM   565  N N   . TYR B 1 6  ? 14.362  -2.005  20.362  1.00 38.05 ? 5  TYR B N   1 
ATOM   566  C CA  . TYR B 1 6  ? 13.510  -0.816  20.272  1.00 42.12 ? 5  TYR B CA  1 
ATOM   567  C C   . TYR B 1 6  ? 13.426  -0.294  18.840  1.00 39.90 ? 5  TYR B C   1 
ATOM   568  O O   . TYR B 1 6  ? 12.340  -0.029  18.326  1.00 39.41 ? 5  TYR B O   1 
ATOM   569  C CB  . TYR B 1 6  ? 14.056  0.314   21.164  1.00 49.14 ? 5  TYR B CB  1 
ATOM   570  C CG  . TYR B 1 6  ? 13.520  0.366   22.586  1.00 56.16 ? 5  TYR B CG  1 
ATOM   571  C CD1 . TYR B 1 6  ? 13.842  1.439   23.432  1.00 59.58 ? 5  TYR B CD1 1 
ATOM   572  C CD2 . TYR B 1 6  ? 12.669  -0.631  23.084  1.00 58.71 ? 5  TYR B CD2 1 
ATOM   573  C CE1 . TYR B 1 6  ? 13.326  1.523   24.740  1.00 61.34 ? 5  TYR B CE1 1 
ATOM   574  C CE2 . TYR B 1 6  ? 12.147  -0.558  24.392  1.00 61.28 ? 5  TYR B CE2 1 
ATOM   575  C CZ  . TYR B 1 6  ? 12.480  0.525   25.211  1.00 61.77 ? 5  TYR B CZ  1 
ATOM   576  O OH  . TYR B 1 6  ? 11.964  0.617   26.488  1.00 62.01 ? 5  TYR B OH  1 
ATOM   577  N N   . ASP B 1 7  ? 14.586  -0.128  18.209  1.00 37.60 ? 6  ASP B N   1 
ATOM   578  C CA  . ASP B 1 7  ? 14.653  0.364   16.836  1.00 36.28 ? 6  ASP B CA  1 
ATOM   579  C C   . ASP B 1 7  ? 13.799  -0.464  15.893  1.00 34.45 ? 6  ASP B C   1 
ATOM   580  O O   . ASP B 1 7  ? 13.109  0.087   15.035  1.00 35.37 ? 6  ASP B O   1 
ATOM   581  C CB  . ASP B 1 7  ? 16.088  0.326   16.311  1.00 37.86 ? 6  ASP B CB  1 
ATOM   582  C CG  . ASP B 1 7  ? 17.037  1.161   17.129  1.00 41.42 ? 6  ASP B CG  1 
ATOM   583  O OD1 . ASP B 1 7  ? 18.260  0.944   16.988  1.00 42.07 ? 6  ASP B OD1 1 
ATOM   584  O OD2 . ASP B 1 7  ? 16.577  2.032   17.900  1.00 43.11 ? 6  ASP B OD2 1 
ATOM   585  N N   . VAL B 1 8  ? 13.876  -1.789  16.032  1.00 32.73 ? 7  VAL B N   1 
ATOM   586  C CA  . VAL B 1 8  ? 13.118  -2.703  15.169  1.00 31.30 ? 7  VAL B CA  1 
ATOM   587  C C   . VAL B 1 8  ? 11.631  -2.517  15.407  1.00 31.11 ? 7  VAL B C   1 
ATOM   588  O O   . VAL B 1 8  ? 10.828  -2.611  14.489  1.00 29.17 ? 7  VAL B O   1 
ATOM   589  C CB  . VAL B 1 8  ? 13.496  -4.171  15.425  1.00 28.81 ? 7  VAL B CB  1 
ATOM   590  C CG1 . VAL B 1 8  ? 12.660  -5.080  14.540  1.00 26.66 ? 7  VAL B CG1 1 
ATOM   591  C CG2 . VAL B 1 8  ? 14.989  -4.369  15.161  1.00 27.96 ? 7  VAL B CG2 1 
ATOM   592  N N   . GLN B 1 9  ? 11.267  -2.261  16.655  1.00 33.15 ? 8  GLN B N   1 
ATOM   593  C CA  . GLN B 1 9  ? 9.873   -2.009  16.966  1.00 36.61 ? 8  GLN B CA  1 
ATOM   594  C C   . GLN B 1 9  ? 9.441   -0.761  16.214  1.00 37.24 ? 8  GLN B C   1 
ATOM   595  O O   . GLN B 1 9  ? 8.339   -0.709  15.664  1.00 37.30 ? 8  GLN B O   1 
ATOM   596  C CB  . GLN B 1 9  ? 9.688   -1.776  18.452  1.00 37.47 ? 8  GLN B CB  1 
ATOM   597  C CG  . GLN B 1 9  ? 9.754   -3.027  19.298  1.00 38.52 ? 8  GLN B CG  1 
ATOM   598  C CD  . GLN B 1 9  ? 9.386   -2.729  20.735  1.00 39.58 ? 8  GLN B CD  1 
ATOM   599  O OE1 . GLN B 1 9  ? 9.936   -1.812  21.345  1.00 41.08 ? 8  GLN B OE1 1 
ATOM   600  N NE2 . GLN B 1 9  ? 8.457   -3.496  21.281  1.00 36.99 ? 8  GLN B NE2 1 
ATOM   601  N N   . GLN B 1 10 ? 10.317  0.242   16.178  1.00 37.73 ? 9  GLN B N   1 
ATOM   602  C CA  . GLN B 1 10 ? 9.990   1.490   15.488  1.00 38.43 ? 9  GLN B CA  1 
ATOM   603  C C   . GLN B 1 10 ? 9.779   1.233   13.999  1.00 37.68 ? 9  GLN B C   1 
ATOM   604  O O   . GLN B 1 10 ? 8.968   1.893   13.361  1.00 37.60 ? 9  GLN B O   1 
ATOM   605  C CB  . GLN B 1 10 ? 11.096  2.531   15.690  1.00 39.01 ? 9  GLN B CB  1 
ATOM   606  C CG  . GLN B 1 10 ? 11.386  2.889   17.147  1.00 42.01 ? 9  GLN B CG  1 
ATOM   607  C CD  . GLN B 1 10 ? 10.157  3.364   17.923  1.00 43.13 ? 9  GLN B CD  1 
ATOM   608  O OE1 . GLN B 1 10 ? 9.205   3.894   17.353  1.00 43.64 ? 9  GLN B OE1 1 
ATOM   609  N NE2 . GLN B 1 10 ? 10.190  3.189   19.240  1.00 46.24 ? 9  GLN B NE2 1 
ATOM   610  N N   . LEU B 1 11 ? 10.514  0.272   13.449  1.00 38.28 ? 10 LEU B N   1 
ATOM   611  C CA  . LEU B 1 11 ? 10.379  -0.079  12.036  1.00 38.02 ? 10 LEU B CA  1 
ATOM   612  C C   . LEU B 1 11 ? 9.059   -0.804  11.781  1.00 36.10 ? 10 LEU B C   1 
ATOM   613  O O   . LEU B 1 11 ? 8.385   -0.569  10.775  1.00 35.09 ? 10 LEU B O   1 
ATOM   614  C CB  . LEU B 1 11 ? 11.546  -0.976  11.594  1.00 39.76 ? 10 LEU B CB  1 
ATOM   615  C CG  . LEU B 1 11 ? 11.312  -1.955  10.432  1.00 39.50 ? 10 LEU B CG  1 
ATOM   616  C CD1 . LEU B 1 11 ? 10.806  -1.220  9.219   1.00 42.40 ? 10 LEU B CD1 1 
ATOM   617  C CD2 . LEU B 1 11 ? 12.611  -2.672  10.097  1.00 42.10 ? 10 LEU B CD2 1 
ATOM   618  N N   . LEU B 1 12 ? 8.691   -1.684  12.700  1.00 35.35 ? 11 LEU B N   1 
ATOM   619  C CA  . LEU B 1 12 ? 7.465   -2.447  12.555  1.00 36.48 ? 11 LEU B CA  1 
ATOM   620  C C   . LEU B 1 12 ? 6.204   -1.626  12.820  1.00 37.70 ? 11 LEU B C   1 
ATOM   621  O O   . LEU B 1 12 ? 5.117   -2.038  12.433  1.00 37.23 ? 11 LEU B O   1 
ATOM   622  C CB  . LEU B 1 12 ? 7.504   -3.680  13.467  1.00 35.11 ? 11 LEU B CB  1 
ATOM   623  C CG  . LEU B 1 12 ? 8.562   -4.744  13.119  1.00 35.37 ? 11 LEU B CG  1 
ATOM   624  C CD1 . LEU B 1 12 ? 8.481   -5.889  14.108  1.00 34.56 ? 11 LEU B CD1 1 
ATOM   625  C CD2 . LEU B 1 12 ? 8.336   -5.263  11.696  1.00 34.72 ? 11 LEU B CD2 1 
ATOM   626  N N   . LYS B 1 13 ? 6.345   -0.467  13.466  1.00 41.01 ? 12 LYS B N   1 
ATOM   627  C CA  . LYS B 1 13 ? 5.185   0.386   13.760  1.00 43.47 ? 12 LYS B CA  1 
ATOM   628  C C   . LYS B 1 13 ? 4.435   0.827   12.504  1.00 43.69 ? 12 LYS B C   1 
ATOM   629  O O   . LYS B 1 13 ? 3.242   1.109   12.557  1.00 44.70 ? 12 LYS B O   1 
ATOM   630  C CB  . LYS B 1 13 ? 5.607   1.634   14.549  1.00 46.41 ? 12 LYS B CB  1 
ATOM   631  C CG  . LYS B 1 13 ? 5.796   1.422   16.048  1.00 48.04 ? 12 LYS B CG  1 
ATOM   632  C CD  . LYS B 1 13 ? 6.233   2.716   16.737  1.00 50.17 ? 12 LYS B CD  1 
ATOM   633  C CE  . LYS B 1 13 ? 5.257   3.863   16.477  1.00 50.71 ? 12 LYS B CE  1 
ATOM   634  N NZ  . LYS B 1 13 ? 3.882   3.563   16.976  1.00 53.04 ? 12 LYS B NZ  1 
ATOM   635  N N   . THR B 1 14 ? 5.137   0.887   11.379  1.00 43.66 ? 13 THR B N   1 
ATOM   636  C CA  . THR B 1 14 ? 4.533   1.285   10.113  1.00 44.70 ? 13 THR B CA  1 
ATOM   637  C C   . THR B 1 14 ? 3.495   0.272   9.617   1.00 46.63 ? 13 THR B C   1 
ATOM   638  O O   . THR B 1 14 ? 2.653   0.601   8.774   1.00 47.90 ? 13 THR B O   1 
ATOM   639  C CB  . THR B 1 14 ? 5.611   1.443   9.013   1.00 44.29 ? 13 THR B CB  1 
ATOM   640  O OG1 . THR B 1 14 ? 6.505   2.502   9.366   1.00 42.93 ? 13 THR B OG1 1 
ATOM   641  C CG2 . THR B 1 14 ? 4.973   1.756   7.666   1.00 44.08 ? 13 THR B CG2 1 
ATOM   642  N N   . PHE B 1 15 ? 3.540   -0.947  10.155  1.00 46.30 ? 14 PHE B N   1 
ATOM   643  C CA  . PHE B 1 15 ? 2.634   -2.012  9.724   1.00 45.30 ? 14 PHE B CA  1 
ATOM   644  C C   . PHE B 1 15 ? 1.662   -2.534  10.784  1.00 45.14 ? 14 PHE B C   1 
ATOM   645  O O   . PHE B 1 15 ? 0.905   -3.472  10.527  1.00 44.20 ? 14 PHE B O   1 
ATOM   646  C CB  . PHE B 1 15 ? 3.469   -3.179  9.190   1.00 45.32 ? 14 PHE B CB  1 
ATOM   647  C CG  . PHE B 1 15 ? 4.550   -2.754  8.236   1.00 44.22 ? 14 PHE B CG  1 
ATOM   648  C CD1 . PHE B 1 15 ? 4.295   -2.643  6.871   1.00 44.54 ? 14 PHE B CD1 1 
ATOM   649  C CD2 . PHE B 1 15 ? 5.813   -2.413  8.709   1.00 43.33 ? 14 PHE B CD2 1 
ATOM   650  C CE1 . PHE B 1 15 ? 5.286   -2.196  5.992   1.00 43.27 ? 14 PHE B CE1 1 
ATOM   651  C CE2 . PHE B 1 15 ? 6.809   -1.966  7.842   1.00 43.13 ? 14 PHE B CE2 1 
ATOM   652  C CZ  . PHE B 1 15 ? 6.547   -1.856  6.484   1.00 43.21 ? 14 PHE B CZ  1 
ATOM   653  N N   . GLY B 1 16 ? 1.683   -1.932  11.966  1.00 44.41 ? 15 GLY B N   1 
ATOM   654  C CA  . GLY B 1 16 ? 0.793   -2.365  13.029  1.00 45.67 ? 15 GLY B CA  1 
ATOM   655  C C   . GLY B 1 16 ? 1.383   -2.044  14.382  1.00 46.77 ? 15 GLY B C   1 
ATOM   656  O O   . GLY B 1 16 ? 2.577   -1.755  14.493  1.00 47.29 ? 15 GLY B O   1 
ATOM   657  N N   . HIS B 1 17 ? 0.547   -2.098  15.415  1.00 48.94 ? 16 HIS B N   1 
ATOM   658  C CA  . HIS B 1 17 ? 1.017   -1.789  16.758  1.00 51.22 ? 16 HIS B CA  1 
ATOM   659  C C   . HIS B 1 17 ? 2.076   -2.778  17.270  1.00 50.57 ? 16 HIS B C   1 
ATOM   660  O O   . HIS B 1 17 ? 2.262   -3.855  16.709  1.00 49.26 ? 16 HIS B O   1 
ATOM   661  C CB  . HIS B 1 17 ? -0.150  -1.704  17.746  1.00 53.43 ? 16 HIS B CB  1 
ATOM   662  C CG  . HIS B 1 17 ? 0.259   -1.209  19.094  1.00 57.18 ? 16 HIS B CG  1 
ATOM   663  N ND1 . HIS B 1 17 ? 0.412   0.132   19.399  1.00 58.92 ? 16 HIS B ND1 1 
ATOM   664  C CD2 . HIS B 1 17 ? 0.655   -1.892  20.205  1.00 58.28 ? 16 HIS B CD2 1 
ATOM   665  C CE1 . HIS B 1 17 ? 0.883   0.253   20.635  1.00 59.02 ? 16 HIS B CE1 1 
ATOM   666  N NE2 . HIS B 1 17 ? 1.037   -0.958  21.139  1.00 59.26 ? 16 HIS B NE2 1 
ATOM   667  N N   . ILE B 1 18 ? 2.790   -2.379  18.321  1.00 52.44 ? 17 ILE B N   1 
ATOM   668  C CA  . ILE B 1 18 ? 3.858   -3.181  18.927  1.00 53.50 ? 17 ILE B CA  1 
ATOM   669  C C   . ILE B 1 18 ? 3.203   -4.311  19.693  1.00 53.71 ? 17 ILE B C   1 
ATOM   670  O O   . ILE B 1 18 ? 2.304   -4.069  20.488  1.00 53.96 ? 17 ILE B O   1 
ATOM   671  C CB  . ILE B 1 18 ? 4.688   -2.322  19.915  1.00 54.33 ? 17 ILE B CB  1 
ATOM   672  C CG1 . ILE B 1 18 ? 5.422   -1.215  19.147  1.00 55.81 ? 17 ILE B CG1 1 
ATOM   673  C CG2 . ILE B 1 18 ? 5.640   -3.197  20.720  1.00 54.73 ? 17 ILE B CG2 1 
ATOM   674  C CD1 . ILE B 1 18 ? 6.345   -0.374  20.006  1.00 56.34 ? 17 ILE B CD1 1 
ATOM   675  N N   . VAL B 1 19 ? 3.655   -5.536  19.462  1.00 52.96 ? 18 VAL B N   1 
ATOM   676  C CA  . VAL B 1 19 ? 3.087   -6.695  20.132  1.00 52.14 ? 18 VAL B CA  1 
ATOM   677  C C   . VAL B 1 19 ? 3.692   -6.919  21.511  1.00 51.15 ? 18 VAL B C   1 
ATOM   678  O O   . VAL B 1 19 ? 4.888   -6.713  21.714  1.00 52.75 ? 18 VAL B O   1 
ATOM   679  C CB  . VAL B 1 19 ? 3.302   -7.962  19.287  1.00 52.49 ? 18 VAL B CB  1 
ATOM   680  C CG1 . VAL B 1 19 ? 2.542   -7.843  17.976  1.00 52.78 ? 18 VAL B CG1 1 
ATOM   681  C CG2 . VAL B 1 19 ? 4.789   -8.160  19.023  1.00 51.59 ? 18 VAL B CG2 1 
ATOM   682  N N   . TYR B 1 20 ? 2.853   -7.324  22.458  1.00 48.90 ? 19 TYR B N   1 
ATOM   683  C CA  . TYR B 1 20 ? 3.299   -7.611  23.813  1.00 46.24 ? 19 TYR B CA  1 
ATOM   684  C C   . TYR B 1 20 ? 2.642   -8.900  24.276  1.00 41.96 ? 19 TYR B C   1 
ATOM   685  O O   . TYR B 1 20 ? 1.427   -8.956  24.447  1.00 41.12 ? 19 TYR B O   1 
ATOM   686  C CB  . TYR B 1 20 ? 2.919   -6.488  24.777  1.00 50.57 ? 19 TYR B CB  1 
ATOM   687  C CG  . TYR B 1 20 ? 3.307   -6.797  26.210  1.00 55.02 ? 19 TYR B CG  1 
ATOM   688  C CD1 . TYR B 1 20 ? 4.643   -7.008  26.559  1.00 56.91 ? 19 TYR B CD1 1 
ATOM   689  C CD2 . TYR B 1 20 ? 2.340   -6.892  27.216  1.00 55.73 ? 19 TYR B CD2 1 
ATOM   690  C CE1 . TYR B 1 20 ? 5.008   -7.302  27.873  1.00 57.87 ? 19 TYR B CE1 1 
ATOM   691  C CE2 . TYR B 1 20 ? 2.698   -7.189  28.536  1.00 55.69 ? 19 TYR B CE2 1 
ATOM   692  C CZ  . TYR B 1 20 ? 4.031   -7.390  28.854  1.00 57.36 ? 19 TYR B CZ  1 
ATOM   693  O OH  . TYR B 1 20 ? 4.396   -7.671  30.148  1.00 57.93 ? 19 TYR B OH  1 
ATOM   694  N N   . PHE B 1 21 ? 3.448   -9.935  24.480  1.00 37.54 ? 20 PHE B N   1 
ATOM   695  C CA  . PHE B 1 21 ? 2.925   -11.225 24.911  1.00 32.67 ? 20 PHE B CA  1 
ATOM   696  C C   . PHE B 1 21 ? 3.305   -11.540 26.343  1.00 30.90 ? 20 PHE B C   1 
ATOM   697  O O   . PHE B 1 21 ? 2.670   -12.364 26.991  1.00 32.04 ? 20 PHE B O   1 
ATOM   698  C CB  . PHE B 1 21 ? 3.436   -12.340 23.996  1.00 27.84 ? 20 PHE B CB  1 
ATOM   699  C CG  . PHE B 1 21 ? 3.225   -12.073 22.537  1.00 25.94 ? 20 PHE B CG  1 
ATOM   700  C CD1 . PHE B 1 21 ? 2.051   -11.471 22.086  1.00 24.13 ? 20 PHE B CD1 1 
ATOM   701  C CD2 . PHE B 1 21 ? 4.198   -12.430 21.605  1.00 24.72 ? 20 PHE B CD2 1 
ATOM   702  C CE1 . PHE B 1 21 ? 1.848   -11.233 20.736  1.00 20.96 ? 20 PHE B CE1 1 
ATOM   703  C CE2 . PHE B 1 21 ? 4.009   -12.198 20.250  1.00 21.34 ? 20 PHE B CE2 1 
ATOM   704  C CZ  . PHE B 1 21 ? 2.836   -11.598 19.810  1.00 24.22 ? 20 PHE B CZ  1 
ATOM   705  N N   . GLY B 1 22 ? 4.350   -10.884 26.835  1.00 32.38 ? 21 GLY B N   1 
ATOM   706  C CA  . GLY B 1 22 ? 4.802   -11.128 28.193  1.00 30.89 ? 21 GLY B CA  1 
ATOM   707  C C   . GLY B 1 22 ? 6.007   -12.047 28.209  1.00 30.78 ? 21 GLY B C   1 
ATOM   708  O O   . GLY B 1 22 ? 6.389   -12.586 29.249  1.00 32.61 ? 21 GLY B O   1 
ATOM   709  N N   . ASP B 1 23 ? 6.598   -12.242 27.039  1.00 30.77 ? 22 ASP B N   1 
ATOM   710  C CA  . ASP B 1 23 ? 7.777   -13.084 26.904  1.00 29.18 ? 22 ASP B CA  1 
ATOM   711  C C   . ASP B 1 23 ? 8.588   -12.490 25.769  1.00 28.58 ? 22 ASP B C   1 
ATOM   712  O O   . ASP B 1 23 ? 8.173   -12.523 24.607  1.00 27.32 ? 22 ASP B O   1 
ATOM   713  C CB  . ASP B 1 23 ? 7.375   -14.523 26.585  1.00 29.86 ? 22 ASP B CB  1 
ATOM   714  C CG  . ASP B 1 23 ? 8.544   -15.491 26.675  1.00 34.65 ? 22 ASP B CG  1 
ATOM   715  O OD1 . ASP B 1 23 ? 9.561   -15.282 25.972  1.00 32.00 ? 22 ASP B OD1 1 
ATOM   716  O OD2 . ASP B 1 23 ? 8.435   -16.471 27.452  1.00 36.53 ? 22 ASP B OD2 1 
ATOM   717  N N   . ARG B 1 24 ? 9.734   -11.917 26.119  1.00 27.77 ? 23 ARG B N   1 
ATOM   718  C CA  . ARG B 1 24 ? 10.615  -11.294 25.145  1.00 28.55 ? 23 ARG B CA  1 
ATOM   719  C C   . ARG B 1 24 ? 10.966  -12.275 24.013  1.00 25.98 ? 23 ARG B C   1 
ATOM   720  O O   . ARG B 1 24 ? 10.927  -11.915 22.845  1.00 24.94 ? 23 ARG B O   1 
ATOM   721  C CB  . ARG B 1 24 ? 11.878  -10.785 25.863  1.00 29.11 ? 23 ARG B CB  1 
ATOM   722  C CG  . ARG B 1 24 ? 12.921  -10.124 24.971  1.00 31.76 ? 23 ARG B CG  1 
ATOM   723  C CD  . ARG B 1 24 ? 12.296  -9.132  24.022  1.00 35.08 ? 23 ARG B CD  1 
ATOM   724  N NE  . ARG B 1 24 ? 11.623  -8.033  24.708  1.00 38.66 ? 23 ARG B NE  1 
ATOM   725  C CZ  . ARG B 1 24 ? 12.246  -6.996  25.256  1.00 40.55 ? 23 ARG B CZ  1 
ATOM   726  N NH1 . ARG B 1 24 ? 13.571  -6.902  25.208  1.00 41.39 ? 23 ARG B NH1 1 
ATOM   727  N NH2 . ARG B 1 24 ? 11.538  -6.034  25.829  1.00 43.59 ? 23 ARG B NH2 1 
ATOM   728  N N   . GLU B 1 25 ? 11.274  -13.518 24.362  1.00 26.55 ? 24 GLU B N   1 
ATOM   729  C CA  . GLU B 1 25 ? 11.617  -14.524 23.358  1.00 27.64 ? 24 GLU B CA  1 
ATOM   730  C C   . GLU B 1 25 ? 10.519  -14.724 22.317  1.00 26.40 ? 24 GLU B C   1 
ATOM   731  O O   . GLU B 1 25 ? 10.782  -14.682 21.115  1.00 26.53 ? 24 GLU B O   1 
ATOM   732  C CB  . GLU B 1 25 ? 11.900  -15.862 24.030  1.00 32.05 ? 24 GLU B CB  1 
ATOM   733  C CG  . GLU B 1 25 ? 12.406  -16.906 23.073  1.00 38.46 ? 24 GLU B CG  1 
ATOM   734  C CD  . GLU B 1 25 ? 12.166  -18.298 23.582  1.00 43.56 ? 24 GLU B CD  1 
ATOM   735  O OE1 . GLU B 1 25 ? 12.505  -18.567 24.754  1.00 47.04 ? 24 GLU B OE1 1 
ATOM   736  O OE2 . GLU B 1 25 ? 11.637  -19.123 22.811  1.00 47.50 ? 24 GLU B OE2 1 
ATOM   737  N N   . LEU B 1 26 ? 9.289   -14.957 22.774  1.00 24.75 ? 25 LEU B N   1 
ATOM   738  C CA  . LEU B 1 26 ? 8.165   -15.164 21.854  1.00 23.17 ? 25 LEU B CA  1 
ATOM   739  C C   . LEU B 1 26 ? 7.879   -13.930 21.003  1.00 22.99 ? 25 LEU B C   1 
ATOM   740  O O   . LEU B 1 26 ? 7.477   -14.037 19.840  1.00 24.15 ? 25 LEU B O   1 
ATOM   741  C CB  . LEU B 1 26 ? 6.910   -15.556 22.632  1.00 22.59 ? 25 LEU B CB  1 
ATOM   742  C CG  . LEU B 1 26 ? 7.003   -16.895 23.357  1.00 21.88 ? 25 LEU B CG  1 
ATOM   743  C CD1 . LEU B 1 26 ? 5.732   -17.130 24.150  1.00 23.66 ? 25 LEU B CD1 1 
ATOM   744  C CD2 . LEU B 1 26 ? 7.208   -18.008 22.345  1.00 24.11 ? 25 LEU B CD2 1 
ATOM   745  N N   . GLU B 1 27 ? 8.086   -12.754 21.582  1.00 22.93 ? 26 GLU B N   1 
ATOM   746  C CA  . GLU B 1 27 ? 7.855   -11.507 20.857  1.00 25.25 ? 26 GLU B CA  1 
ATOM   747  C C   . GLU B 1 27 ? 8.862   -11.385 19.707  1.00 23.83 ? 26 GLU B C   1 
ATOM   748  O O   . GLU B 1 27 ? 8.512   -10.992 18.596  1.00 24.57 ? 26 GLU B O   1 
ATOM   749  C CB  . GLU B 1 27 ? 7.975   -10.317 21.823  1.00 27.77 ? 26 GLU B CB  1 
ATOM   750  C CG  . GLU B 1 27 ? 6.751   -10.140 22.721  1.00 30.57 ? 26 GLU B CG  1 
ATOM   751  C CD  . GLU B 1 27 ? 7.038   -9.314  23.954  1.00 32.60 ? 26 GLU B CD  1 
ATOM   752  O OE1 . GLU B 1 27 ? 7.932   -8.447  23.892  1.00 34.90 ? 26 GLU B OE1 1 
ATOM   753  O OE2 . GLU B 1 27 ? 6.363   -9.522  24.986  1.00 33.10 ? 26 GLU B OE2 1 
ATOM   754  N N   . ILE B 1 28 ? 10.112  -11.731 19.978  1.00 25.07 ? 27 ILE B N   1 
ATOM   755  C CA  . ILE B 1 28 ? 11.153  -11.679 18.959  1.00 23.77 ? 27 ILE B CA  1 
ATOM   756  C C   . ILE B 1 28 ? 10.844  -12.674 17.838  1.00 22.67 ? 27 ILE B C   1 
ATOM   757  O O   . ILE B 1 28 ? 11.001  -12.361 16.657  1.00 20.63 ? 27 ILE B O   1 
ATOM   758  C CB  . ILE B 1 28 ? 12.535  -12.001 19.575  1.00 23.71 ? 27 ILE B CB  1 
ATOM   759  C CG1 . ILE B 1 28 ? 13.000  -10.809 20.420  1.00 23.52 ? 27 ILE B CG1 1 
ATOM   760  C CG2 . ILE B 1 28 ? 13.557  -12.322 18.469  1.00 24.07 ? 27 ILE B CG2 1 
ATOM   761  C CD1 . ILE B 1 28 ? 14.104  -11.131 21.393  1.00 25.53 ? 27 ILE B CD1 1 
ATOM   762  N N   . GLU B 1 29 ? 10.403  -13.871 18.219  1.00 24.75 ? 28 GLU B N   1 
ATOM   763  C CA  . GLU B 1 29 ? 10.064  -14.915 17.254  1.00 26.31 ? 28 GLU B CA  1 
ATOM   764  C C   . GLU B 1 29 ? 8.938   -14.429 16.358  1.00 26.18 ? 28 GLU B C   1 
ATOM   765  O O   . GLU B 1 29 ? 8.923   -14.692 15.158  1.00 24.71 ? 28 GLU B O   1 
ATOM   766  C CB  . GLU B 1 29 ? 9.628   -16.193 17.976  1.00 30.19 ? 28 GLU B CB  1 
ATOM   767  C CG  . GLU B 1 29 ? 10.766  -17.028 18.548  1.00 37.87 ? 28 GLU B CG  1 
ATOM   768  C CD  . GLU B 1 29 ? 10.262  -18.234 19.336  1.00 42.35 ? 28 GLU B CD  1 
ATOM   769  O OE1 . GLU B 1 29 ? 9.307   -18.903 18.873  1.00 45.06 ? 28 GLU B OE1 1 
ATOM   770  O OE2 . GLU B 1 29 ? 10.826  -18.517 20.418  1.00 46.35 ? 28 GLU B OE2 1 
ATOM   771  N N   . PHE B 1 30 ? 7.987   -13.713 16.953  1.00 25.47 ? 29 PHE B N   1 
ATOM   772  C CA  . PHE B 1 30 ? 6.866   -13.174 16.200  1.00 24.94 ? 29 PHE B CA  1 
ATOM   773  C C   . PHE B 1 30 ? 7.350   -12.101 15.223  1.00 22.52 ? 29 PHE B C   1 
ATOM   774  O O   . PHE B 1 30 ? 6.968   -12.092 14.058  1.00 22.91 ? 29 PHE B O   1 
ATOM   775  C CB  . PHE B 1 30 ? 5.839   -12.556 17.155  1.00 26.35 ? 29 PHE B CB  1 
ATOM   776  C CG  . PHE B 1 30 ? 4.642   -12.003 16.463  1.00 27.74 ? 29 PHE B CG  1 
ATOM   777  C CD1 . PHE B 1 30 ? 3.564   -12.822 16.151  1.00 30.24 ? 29 PHE B CD1 1 
ATOM   778  C CD2 . PHE B 1 30 ? 4.598   -10.665 16.087  1.00 30.10 ? 29 PHE B CD2 1 
ATOM   779  C CE1 . PHE B 1 30 ? 2.461   -12.319 15.475  1.00 31.37 ? 29 PHE B CE1 1 
ATOM   780  C CE2 . PHE B 1 30 ? 3.491   -10.150 15.402  1.00 31.60 ? 29 PHE B CE2 1 
ATOM   781  C CZ  . PHE B 1 30 ? 2.425   -10.978 15.099  1.00 30.59 ? 29 PHE B CZ  1 
ATOM   782  N N   . MET B 1 31 ? 8.183   -11.196 15.720  1.00 22.21 ? 30 MET B N   1 
ATOM   783  C CA  . MET B 1 31 ? 8.728   -10.104 14.919  1.00 22.22 ? 30 MET B CA  1 
ATOM   784  C C   . MET B 1 31 ? 9.612   -10.644 13.783  1.00 22.14 ? 30 MET B C   1 
ATOM   785  O O   . MET B 1 31 ? 9.580   -10.129 12.668  1.00 22.42 ? 30 MET B O   1 
ATOM   786  C CB  . MET B 1 31 ? 9.504   -9.140  15.830  1.00 20.98 ? 30 MET B CB  1 
ATOM   787  C CG  . MET B 1 31 ? 8.630   -8.495  16.944  1.00 23.28 ? 30 MET B CG  1 
ATOM   788  S SD  . MET B 1 31 ? 9.510   -7.709  18.346  1.00 21.27 ? 30 MET B SD  1 
ATOM   789  C CE  . MET B 1 31 ? 10.183  -6.280  17.561  1.00 19.11 ? 30 MET B CE  1 
ATOM   790  N N   . LEU B 1 32 ? 10.404  -11.676 14.049  1.00 22.39 ? 31 LEU B N   1 
ATOM   791  C CA  . LEU B 1 32 ? 11.221  -12.243 12.975  1.00 23.03 ? 31 LEU B CA  1 
ATOM   792  C C   . LEU B 1 32 ? 10.263  -12.701 11.878  1.00 23.20 ? 31 LEU B C   1 
ATOM   793  O O   . LEU B 1 32 ? 10.478  -12.435 10.692  1.00 22.46 ? 31 LEU B O   1 
ATOM   794  C CB  . LEU B 1 32 ? 12.041  -13.426 13.490  1.00 21.30 ? 31 LEU B CB  1 
ATOM   795  C CG  . LEU B 1 32 ? 13.348  -13.007 14.160  1.00 20.56 ? 31 LEU B CG  1 
ATOM   796  C CD1 . LEU B 1 32 ? 13.905  -14.160 14.969  1.00 20.07 ? 31 LEU B CD1 1 
ATOM   797  C CD2 . LEU B 1 32 ? 14.334  -12.537 13.088  1.00 16.88 ? 31 LEU B CD2 1 
ATOM   798  N N   . ASP B 1 33 ? 9.189   -13.369 12.294  1.00 24.82 ? 32 ASP B N   1 
ATOM   799  C CA  . ASP B 1 33 ? 8.178   -13.852 11.361  1.00 27.40 ? 32 ASP B CA  1 
ATOM   800  C C   . ASP B 1 33 ? 7.551   -12.709 10.573  1.00 26.48 ? 32 ASP B C   1 
ATOM   801  O O   . ASP B 1 33 ? 7.415   -12.795 9.347   1.00 28.32 ? 32 ASP B O   1 
ATOM   802  C CB  . ASP B 1 33 ? 7.076   -14.630 12.102  1.00 30.59 ? 32 ASP B CB  1 
ATOM   803  C CG  . ASP B 1 33 ? 7.534   -16.013 12.557  1.00 34.57 ? 32 ASP B CG  1 
ATOM   804  O OD1 . ASP B 1 33 ? 8.430   -16.589 11.902  1.00 36.90 ? 32 ASP B OD1 1 
ATOM   805  O OD2 . ASP B 1 33 ? 6.988   -16.535 13.555  1.00 36.64 ? 32 ASP B OD2 1 
ATOM   806  N N   . GLU B 1 34 ? 7.156   -11.645 11.267  1.00 26.68 ? 33 GLU B N   1 
ATOM   807  C CA  . GLU B 1 34 ? 6.551   -10.504 10.593  1.00 26.83 ? 33 GLU B CA  1 
ATOM   808  C C   . GLU B 1 34 ? 7.533   -9.915  9.584   1.00 27.28 ? 33 GLU B C   1 
ATOM   809  O O   . GLU B 1 34 ? 7.154   -9.564  8.465   1.00 26.44 ? 33 GLU B O   1 
ATOM   810  C CB  . GLU B 1 34 ? 6.139   -9.432  11.598  1.00 31.43 ? 33 GLU B CB  1 
ATOM   811  C CG  . GLU B 1 34 ? 5.503   -8.213  10.926  1.00 39.01 ? 33 GLU B CG  1 
ATOM   812  C CD  . GLU B 1 34 ? 4.674   -7.356  11.876  1.00 45.27 ? 33 GLU B CD  1 
ATOM   813  O OE1 . GLU B 1 34 ? 3.883   -6.520  11.376  1.00 47.50 ? 33 GLU B OE1 1 
ATOM   814  O OE2 . GLU B 1 34 ? 4.813   -7.513  13.113  1.00 48.04 ? 33 GLU B OE2 1 
ATOM   815  N N   . LEU B 1 35 ? 8.803   -9.812  9.975   1.00 25.48 ? 34 LEU B N   1 
ATOM   816  C CA  . LEU B 1 35 ? 9.817   -9.279  9.078   1.00 26.41 ? 34 LEU B CA  1 
ATOM   817  C C   . LEU B 1 35 ? 9.932   -10.110 7.796   1.00 26.60 ? 34 LEU B C   1 
ATOM   818  O O   . LEU B 1 35 ? 10.036  -9.555  6.704   1.00 27.15 ? 34 LEU B O   1 
ATOM   819  C CB  . LEU B 1 35 ? 11.171  -9.215  9.789   1.00 24.14 ? 34 LEU B CB  1 
ATOM   820  C CG  . LEU B 1 35 ? 11.373  -8.075  10.798  1.00 25.34 ? 34 LEU B CG  1 
ATOM   821  C CD1 . LEU B 1 35 ? 12.697  -8.238  11.514  1.00 24.75 ? 34 LEU B CD1 1 
ATOM   822  C CD2 . LEU B 1 35 ? 11.335  -6.743  10.069  1.00 25.73 ? 34 LEU B CD2 1 
ATOM   823  N N   . LYS B 1 36 ? 9.909   -11.434 7.926   1.00 27.88 ? 35 LYS B N   1 
ATOM   824  C CA  . LYS B 1 36 ? 10.022  -12.310 6.766   1.00 29.86 ? 35 LYS B CA  1 
ATOM   825  C C   . LYS B 1 36 ? 8.884   -12.084 5.774   1.00 31.63 ? 35 LYS B C   1 
ATOM   826  O O   . LYS B 1 36 ? 9.124   -11.965 4.575   1.00 29.63 ? 35 LYS B O   1 
ATOM   827  C CB  . LYS B 1 36 ? 10.056  -13.774 7.217   1.00 34.17 ? 35 LYS B CB  1 
ATOM   828  C CG  . LYS B 1 36 ? 10.052  -14.778 6.079   1.00 38.65 ? 35 LYS B CG  1 
ATOM   829  C CD  . LYS B 1 36 ? 10.598  -16.137 6.509   1.00 40.92 ? 35 LYS B CD  1 
ATOM   830  C CE  . LYS B 1 36 ? 9.740   -16.800 7.572   1.00 44.37 ? 35 LYS B CE  1 
ATOM   831  N NZ  . LYS B 1 36 ? 10.325  -18.110 7.989   1.00 45.09 ? 35 LYS B NZ  1 
ATOM   832  N N   . GLU B 1 37 ? 7.652   -12.022 6.278   1.00 32.49 ? 36 GLU B N   1 
ATOM   833  C CA  . GLU B 1 37 ? 6.479   -11.790 5.433   1.00 35.27 ? 36 GLU B CA  1 
ATOM   834  C C   . GLU B 1 37 ? 6.539   -10.431 4.745   1.00 34.96 ? 36 GLU B C   1 
ATOM   835  O O   . GLU B 1 37 ? 6.227   -10.318 3.557   1.00 35.49 ? 36 GLU B O   1 
ATOM   836  C CB  . GLU B 1 37 ? 5.193   -11.882 6.258   1.00 38.65 ? 36 GLU B CB  1 
ATOM   837  C CG  . GLU B 1 37 ? 4.822   -13.301 6.593   1.00 43.90 ? 36 GLU B CG  1 
ATOM   838  C CD  . GLU B 1 37 ? 4.770   -14.165 5.351   1.00 47.20 ? 36 GLU B CD  1 
ATOM   839  O OE1 . GLU B 1 37 ? 3.900   -13.906 4.491   1.00 48.37 ? 36 GLU B OE1 1 
ATOM   840  O OE2 . GLU B 1 37 ? 5.607   -15.090 5.231   1.00 49.48 ? 36 GLU B OE2 1 
ATOM   841  N N   . LEU B 1 38 ? 6.926   -9.401  5.492   1.00 31.99 ? 37 LEU B N   1 
ATOM   842  C CA  . LEU B 1 38 ? 7.040   -8.066  4.925   1.00 31.07 ? 37 LEU B CA  1 
ATOM   843  C C   . LEU B 1 38 ? 8.064   -8.116  3.801   1.00 32.52 ? 37 LEU B C   1 
ATOM   844  O O   . LEU B 1 38 ? 7.846   -7.556  2.735   1.00 31.45 ? 37 LEU B O   1 
ATOM   845  C CB  . LEU B 1 38 ? 7.502   -7.062  5.983   1.00 30.18 ? 37 LEU B CB  1 
ATOM   846  C CG  . LEU B 1 38 ? 6.519   -6.792  7.127   1.00 29.12 ? 37 LEU B CG  1 
ATOM   847  C CD1 . LEU B 1 38 ? 7.257   -6.193  8.290   1.00 24.52 ? 37 LEU B CD1 1 
ATOM   848  C CD2 . LEU B 1 38 ? 5.394   -5.873  6.648   1.00 29.12 ? 37 LEU B CD2 1 
ATOM   849  N N   . TYR B 1 39 ? 9.181   -8.793  4.037   1.00 31.78 ? 38 TYR B N   1 
ATOM   850  C CA  . TYR B 1 39 ? 10.207  -8.875  3.010   1.00 34.87 ? 38 TYR B CA  1 
ATOM   851  C C   . TYR B 1 39 ? 9.706   -9.551  1.729   1.00 37.81 ? 38 TYR B C   1 
ATOM   852  O O   . TYR B 1 39 ? 9.903   -9.024  0.635   1.00 37.89 ? 38 TYR B O   1 
ATOM   853  C CB  . TYR B 1 39 ? 11.439  -9.606  3.540   1.00 32.66 ? 38 TYR B CB  1 
ATOM   854  C CG  . TYR B 1 39 ? 12.588  -9.607  2.557   1.00 31.63 ? 38 TYR B CG  1 
ATOM   855  C CD1 . TYR B 1 39 ? 13.058  -8.416  2.000   1.00 31.03 ? 38 TYR B CD1 1 
ATOM   856  C CD2 . TYR B 1 39 ? 13.216  -10.793 2.199   1.00 31.32 ? 38 TYR B CD2 1 
ATOM   857  C CE1 . TYR B 1 39 ? 14.133  -8.412  1.114   1.00 33.22 ? 38 TYR B CE1 1 
ATOM   858  C CE2 . TYR B 1 39 ? 14.288  -10.804 1.317   1.00 32.75 ? 38 TYR B CE2 1 
ATOM   859  C CZ  . TYR B 1 39 ? 14.745  -9.613  0.777   1.00 33.49 ? 38 TYR B CZ  1 
ATOM   860  O OH  . TYR B 1 39 ? 15.809  -9.636  -0.091  1.00 31.77 ? 38 TYR B OH  1 
ATOM   861  N N   . MET B 1 40 ? 9.055   -10.704 1.854   1.00 41.86 ? 39 MET B N   1 
ATOM   862  C CA  . MET B 1 40 ? 8.544   -11.398 0.671   1.00 47.16 ? 39 MET B CA  1 
ATOM   863  C C   . MET B 1 40 ? 7.417   -10.652 -0.048  1.00 48.31 ? 39 MET B C   1 
ATOM   864  O O   . MET B 1 40 ? 7.097   -10.968 -1.194  1.00 49.64 ? 39 MET B O   1 
ATOM   865  C CB  . MET B 1 40 ? 8.092   -12.812 1.037   1.00 49.47 ? 39 MET B CB  1 
ATOM   866  C CG  . MET B 1 40 ? 9.252   -13.709 1.448   1.00 52.31 ? 39 MET B CG  1 
ATOM   867  S SD  . MET B 1 40 ? 8.772   -15.420 1.663   1.00 59.56 ? 39 MET B SD  1 
ATOM   868  C CE  . MET B 1 40 ? 8.060   -15.372 3.324   1.00 57.71 ? 39 MET B CE  1 
ATOM   869  N N   . ASN B 1 41 ? 6.817   -9.665  0.616   1.00 49.02 ? 40 ASN B N   1 
ATOM   870  C CA  . ASN B 1 41 ? 5.750   -8.877  0.001   1.00 48.09 ? 40 ASN B CA  1 
ATOM   871  C C   . ASN B 1 41 ? 6.304   -7.534  -0.451  1.00 46.72 ? 40 ASN B C   1 
ATOM   872  O O   . ASN B 1 41 ? 5.554   -6.598  -0.731  1.00 46.64 ? 40 ASN B O   1 
ATOM   873  C CB  . ASN B 1 41 ? 4.593   -8.649  0.977   1.00 49.80 ? 40 ASN B CB  1 
ATOM   874  C CG  . ASN B 1 41 ? 3.873   -9.930  1.331   1.00 50.70 ? 40 ASN B CG  1 
ATOM   875  O OD1 . ASN B 1 41 ? 3.824   -10.865 0.535   1.00 52.78 ? 40 ASN B OD1 1 
ATOM   876  N ND2 . ASN B 1 41 ? 3.294   -9.974  2.524   1.00 50.26 ? 40 ASN B ND2 1 
ATOM   877  N N   . HIS B 1 42 ? 7.628   -7.451  -0.504  1.00 45.01 ? 41 HIS B N   1 
ATOM   878  C CA  . HIS B 1 42 ? 8.327   -6.250  -0.939  1.00 44.40 ? 41 HIS B CA  1 
ATOM   879  C C   . HIS B 1 42 ? 7.971   -4.991  -0.160  1.00 43.24 ? 41 HIS B C   1 
ATOM   880  O O   . HIS B 1 42 ? 8.085   -3.874  -0.667  1.00 42.99 ? 41 HIS B O   1 
ATOM   881  C CB  . HIS B 1 42 ? 8.096   -6.055  -2.438  1.00 46.77 ? 41 HIS B CB  1 
ATOM   882  C CG  . HIS B 1 42 ? 8.603   -7.196  -3.265  1.00 49.36 ? 41 HIS B CG  1 
ATOM   883  N ND1 . HIS B 1 42 ? 8.179   -8.494  -3.074  1.00 50.55 ? 41 HIS B ND1 1 
ATOM   884  C CD2 . HIS B 1 42 ? 9.546   -7.247  -4.233  1.00 51.54 ? 41 HIS B CD2 1 
ATOM   885  C CE1 . HIS B 1 42 ? 8.843   -9.297  -3.885  1.00 51.07 ? 41 HIS B CE1 1 
ATOM   886  N NE2 . HIS B 1 42 ? 9.681   -8.566  -4.599  1.00 52.49 ? 41 HIS B NE2 1 
ATOM   887  N N   . MET B 1 43 ? 7.566   -5.185  1.092   1.00 41.13 ? 42 MET B N   1 
ATOM   888  C CA  . MET B 1 43 ? 7.190   -4.088  1.973   1.00 39.05 ? 42 MET B CA  1 
ATOM   889  C C   . MET B 1 43 ? 8.434   -3.433  2.576   1.00 37.42 ? 42 MET B C   1 
ATOM   890  O O   . MET B 1 43 ? 8.373   -2.295  3.040   1.00 37.57 ? 42 MET B O   1 
ATOM   891  C CB  . MET B 1 43 ? 6.282   -4.614  3.079   1.00 41.15 ? 42 MET B CB  1 
ATOM   892  C CG  . MET B 1 43 ? 5.136   -5.496  2.565   1.00 44.98 ? 42 MET B CG  1 
ATOM   893  S SD  . MET B 1 43 ? 3.515   -4.709  2.623   1.00 45.91 ? 42 MET B SD  1 
ATOM   894  C CE  . MET B 1 43 ? 2.953   -5.288  4.186   1.00 47.56 ? 42 MET B CE  1 
ATOM   895  N N   . ILE B 1 44 ? 9.552   -4.162  2.588   1.00 33.15 ? 43 ILE B N   1 
ATOM   896  C CA  . ILE B 1 44 ? 10.816  -3.627  3.093   1.00 32.19 ? 43 ILE B CA  1 
ATOM   897  C C   . ILE B 1 44 ? 11.977  -4.072  2.210   1.00 31.93 ? 43 ILE B C   1 
ATOM   898  O O   . ILE B 1 44 ? 11.919  -5.125  1.577   1.00 31.02 ? 43 ILE B O   1 
ATOM   899  C CB  . ILE B 1 44 ? 11.126  -4.075  4.548   1.00 32.48 ? 43 ILE B CB  1 
ATOM   900  C CG1 . ILE B 1 44 ? 11.088  -5.599  4.664   1.00 33.42 ? 43 ILE B CG1 1 
ATOM   901  C CG2 . ILE B 1 44 ? 10.134  -3.446  5.515   1.00 35.55 ? 43 ILE B CG2 1 
ATOM   902  C CD1 . ILE B 1 44 ? 11.334  -6.097  6.087   1.00 30.13 ? 43 ILE B CD1 1 
ATOM   903  N N   . GLU B 1 45 ? 13.031  -3.265  2.169   1.00 31.42 ? 44 GLU B N   1 
ATOM   904  C CA  . GLU B 1 45 ? 14.200  -3.586  1.362   1.00 31.58 ? 44 GLU B CA  1 
ATOM   905  C C   . GLU B 1 45 ? 15.021  -4.707  1.985   1.00 30.94 ? 44 GLU B C   1 
ATOM   906  O O   . GLU B 1 45 ? 14.906  -4.979  3.181   1.00 30.02 ? 44 GLU B O   1 
ATOM   907  C CB  . GLU B 1 45 ? 15.072  -2.339  1.181   1.00 33.11 ? 44 GLU B CB  1 
ATOM   908  C CG  . GLU B 1 45 ? 14.458  -1.295  0.264   1.00 35.72 ? 44 GLU B CG  1 
ATOM   909  C CD  . GLU B 1 45 ? 14.015  -1.889  -1.059  1.00 38.47 ? 44 GLU B CD  1 
ATOM   910  O OE1 . GLU B 1 45 ? 14.809  -2.624  -1.683  1.00 39.52 ? 44 GLU B OE1 1 
ATOM   911  O OE2 . GLU B 1 45 ? 12.873  -1.622  -1.478  1.00 41.24 ? 44 GLU B OE2 1 
ATOM   912  N N   . LYS B 1 46 ? 15.847  -5.352  1.164   1.00 29.53 ? 45 LYS B N   1 
ATOM   913  C CA  . LYS B 1 46 ? 16.702  -6.443  1.618   1.00 29.00 ? 45 LYS B CA  1 
ATOM   914  C C   . LYS B 1 46 ? 17.619  -6.007  2.749   1.00 27.89 ? 45 LYS B C   1 
ATOM   915  O O   . LYS B 1 46 ? 17.796  -6.738  3.715   1.00 28.98 ? 45 LYS B O   1 
ATOM   916  C CB  . LYS B 1 46 ? 17.555  -6.975  0.460   1.00 28.66 ? 45 LYS B CB  1 
ATOM   917  C CG  . LYS B 1 46 ? 18.533  -8.089  0.862   1.00 30.61 ? 45 LYS B CG  1 
ATOM   918  C CD  . LYS B 1 46 ? 19.526  -8.401  -0.269  1.00 34.89 ? 45 LYS B CD  1 
ATOM   919  C CE  . LYS B 1 46 ? 18.814  -8.823  -1.572  1.00 37.06 ? 45 LYS B CE  1 
ATOM   920  N NZ  . LYS B 1 46 ? 19.766  -9.115  -2.688  1.00 36.88 ? 45 LYS B NZ  1 
ATOM   921  N N   . GLU B 1 47 ? 18.191  -4.812  2.631   1.00 27.89 ? 46 GLU B N   1 
ATOM   922  C CA  . GLU B 1 47 ? 19.114  -4.295  3.639   1.00 29.21 ? 46 GLU B CA  1 
ATOM   923  C C   . GLU B 1 47 ? 18.463  -4.115  5.006   1.00 28.67 ? 46 GLU B C   1 
ATOM   924  O O   . GLU B 1 47 ? 19.043  -4.482  6.025   1.00 28.23 ? 46 GLU B O   1 
ATOM   925  C CB  . GLU B 1 47 ? 19.700  -2.957  3.181   1.00 33.01 ? 46 GLU B CB  1 
ATOM   926  C CG  . GLU B 1 47 ? 20.785  -2.408  4.090   1.00 41.45 ? 46 GLU B CG  1 
ATOM   927  C CD  . GLU B 1 47 ? 21.166  -0.969  3.754   1.00 48.23 ? 46 GLU B CD  1 
ATOM   928  O OE1 . GLU B 1 47 ? 22.208  -0.495  4.263   1.00 49.59 ? 46 GLU B OE1 1 
ATOM   929  O OE2 . GLU B 1 47 ? 20.417  -0.310  2.986   1.00 50.52 ? 46 GLU B OE2 1 
ATOM   930  N N   . GLN B 1 48 ? 17.267  -3.538  5.021   1.00 26.14 ? 47 GLN B N   1 
ATOM   931  C CA  . GLN B 1 48 ? 16.528  -3.304  6.256   1.00 28.12 ? 47 GLN B CA  1 
ATOM   932  C C   . GLN B 1 48 ? 16.109  -4.614  6.894   1.00 24.54 ? 47 GLN B C   1 
ATOM   933  O O   . GLN B 1 48 ? 16.166  -4.778  8.113   1.00 24.13 ? 47 GLN B O   1 
ATOM   934  C CB  . GLN B 1 48 ? 15.284  -2.457  5.965   1.00 33.01 ? 47 GLN B CB  1 
ATOM   935  C CG  . GLN B 1 48 ? 15.554  -0.961  5.866   1.00 41.35 ? 47 GLN B CG  1 
ATOM   936  C CD  . GLN B 1 48 ? 16.624  -0.605  4.848   1.00 46.64 ? 47 GLN B CD  1 
ATOM   937  O OE1 . GLN B 1 48 ? 16.466  -0.850  3.647   1.00 50.04 ? 47 GLN B OE1 1 
ATOM   938  N NE2 . GLN B 1 48 ? 17.725  -0.019  5.323   1.00 48.24 ? 47 GLN B NE2 1 
ATOM   939  N N   . TRP B 1 49 ? 15.676  -5.545  6.056   1.00 23.36 ? 48 TRP B N   1 
ATOM   940  C CA  . TRP B 1 49 ? 15.251  -6.852  6.519   1.00 21.64 ? 48 TRP B CA  1 
ATOM   941  C C   . TRP B 1 49 ? 16.425  -7.577  7.182   1.00 19.38 ? 48 TRP B C   1 
ATOM   942  O O   . TRP B 1 49 ? 16.323  -8.051  8.309   1.00 18.42 ? 48 TRP B O   1 
ATOM   943  C CB  . TRP B 1 49 ? 14.732  -7.673  5.336   1.00 24.23 ? 48 TRP B CB  1 
ATOM   944  C CG  . TRP B 1 49 ? 14.501  -9.103  5.679   1.00 28.89 ? 48 TRP B CG  1 
ATOM   945  C CD1 . TRP B 1 49 ? 13.475  -9.615  6.424   1.00 30.08 ? 48 TRP B CD1 1 
ATOM   946  C CD2 . TRP B 1 49 ? 15.350  -10.205 5.351   1.00 30.71 ? 48 TRP B CD2 1 
ATOM   947  N NE1 . TRP B 1 49 ? 13.637  -10.970 6.581   1.00 32.19 ? 48 TRP B NE1 1 
ATOM   948  C CE2 . TRP B 1 49 ? 14.778  -11.359 5.931   1.00 30.92 ? 48 TRP B CE2 1 
ATOM   949  C CE3 . TRP B 1 49 ? 16.542  -10.329 4.623   1.00 30.89 ? 48 TRP B CE3 1 
ATOM   950  C CZ2 . TRP B 1 49 ? 15.358  -12.622 5.811   1.00 32.35 ? 48 TRP B CZ2 1 
ATOM   951  C CZ3 . TRP B 1 49 ? 17.122  -11.588 4.505   1.00 32.53 ? 48 TRP B CZ3 1 
ATOM   952  C CH2 . TRP B 1 49 ? 16.527  -12.717 5.096   1.00 33.48 ? 48 TRP B CH2 1 
ATOM   953  N N   . ALA B 1 50 ? 17.551  -7.637  6.477   1.00 20.40 ? 49 ALA B N   1 
ATOM   954  C CA  . ALA B 1 50 ? 18.741  -8.316  6.997   1.00 20.61 ? 49 ALA B CA  1 
ATOM   955  C C   . ALA B 1 50 ? 19.241  -7.691  8.296   1.00 20.32 ? 49 ALA B C   1 
ATOM   956  O O   . ALA B 1 50 ? 19.537  -8.399  9.252   1.00 20.18 ? 49 ALA B O   1 
ATOM   957  C CB  . ALA B 1 50 ? 19.842  -8.308  5.954   1.00 18.53 ? 49 ALA B CB  1 
ATOM   958  N N   . ARG B 1 51 ? 19.320  -6.366  8.343   1.00 21.83 ? 50 ARG B N   1 
ATOM   959  C CA  . ARG B 1 51 ? 19.795  -5.703  9.557   1.00 23.08 ? 50 ARG B CA  1 
ATOM   960  C C   . ARG B 1 51 ? 18.848  -5.936  10.732  1.00 21.52 ? 50 ARG B C   1 
ATOM   961  O O   . ARG B 1 51 ? 19.284  -6.219  11.849  1.00 20.76 ? 50 ARG B O   1 
ATOM   962  C CB  . ARG B 1 51 ? 19.962  -4.193  9.340   1.00 23.92 ? 50 ARG B CB  1 
ATOM   963  C CG  . ARG B 1 51 ? 20.565  -3.480  10.566  1.00 26.34 ? 50 ARG B CG  1 
ATOM   964  C CD  . ARG B 1 51 ? 21.844  -4.203  10.991  1.00 29.95 ? 50 ARG B CD  1 
ATOM   965  N NE  . ARG B 1 51 ? 22.905  -3.320  11.473  1.00 36.52 ? 50 ARG B NE  1 
ATOM   966  C CZ  . ARG B 1 51 ? 22.999  -2.861  12.714  1.00 38.29 ? 50 ARG B CZ  1 
ATOM   967  N NH1 . ARG B 1 51 ? 22.084  -3.200  13.613  1.00 43.03 ? 50 ARG B NH1 1 
ATOM   968  N NH2 . ARG B 1 51 ? 24.015  -2.080  13.064  1.00 37.56 ? 50 ARG B NH2 1 
ATOM   969  N N   . ALA B 1 52 ? 17.549  -5.815  10.481  1.00 21.92 ? 51 ALA B N   1 
ATOM   970  C CA  . ALA B 1 52 ? 16.573  -6.019  11.549  1.00 21.04 ? 51 ALA B CA  1 
ATOM   971  C C   . ALA B 1 52 ? 16.604  -7.453  12.075  1.00 19.29 ? 51 ALA B C   1 
ATOM   972  O O   . ALA B 1 52 ? 16.646  -7.676  13.279  1.00 19.54 ? 51 ALA B O   1 
ATOM   973  C CB  . ALA B 1 52 ? 15.158  -5.661  11.059  1.00 17.13 ? 51 ALA B CB  1 
ATOM   974  N N   . ALA B 1 53 ? 16.591  -8.438  11.184  1.00 18.75 ? 52 ALA B N   1 
ATOM   975  C CA  . ALA B 1 53 ? 16.611  -9.818  11.664  1.00 19.57 ? 52 ALA B CA  1 
ATOM   976  C C   . ALA B 1 53 ? 17.842  -10.038 12.534  1.00 20.08 ? 52 ALA B C   1 
ATOM   977  O O   . ALA B 1 53 ? 17.755  -10.629 13.614  1.00 21.17 ? 52 ALA B O   1 
ATOM   978  C CB  . ALA B 1 53 ? 16.605  -10.797 10.497  1.00 19.63 ? 52 ALA B CB  1 
ATOM   979  N N   . ALA B 1 54 ? 18.987  -9.541  12.066  1.00 21.62 ? 53 ALA B N   1 
ATOM   980  C CA  . ALA B 1 54 ? 20.241  -9.689  12.796  1.00 18.94 ? 53 ALA B CA  1 
ATOM   981  C C   . ALA B 1 54 ? 20.145  -9.032  14.156  1.00 17.64 ? 53 ALA B C   1 
ATOM   982  O O   . ALA B 1 54 ? 20.619  -9.578  15.147  1.00 18.92 ? 53 ALA B O   1 
ATOM   983  C CB  . ALA B 1 54 ? 21.381  -9.083  12.009  1.00 17.99 ? 53 ALA B CB  1 
ATOM   984  N N   . VAL B 1 55 ? 19.528  -7.856  14.215  1.00 20.36 ? 54 VAL B N   1 
ATOM   985  C CA  . VAL B 1 55 ? 19.384  -7.173  15.500  1.00 18.40 ? 54 VAL B CA  1 
ATOM   986  C C   . VAL B 1 55 ? 18.569  -8.053  16.447  1.00 21.10 ? 54 VAL B C   1 
ATOM   987  O O   . VAL B 1 55 ? 18.951  -8.240  17.606  1.00 22.62 ? 54 VAL B O   1 
ATOM   988  C CB  . VAL B 1 55 ? 18.711  -5.784  15.328  1.00 17.44 ? 54 VAL B CB  1 
ATOM   989  C CG1 . VAL B 1 55 ? 18.257  -5.222  16.698  1.00 18.75 ? 54 VAL B CG1 1 
ATOM   990  C CG2 . VAL B 1 55 ? 19.706  -4.814  14.704  1.00 19.29 ? 54 VAL B CG2 1 
ATOM   991  N N   . LEU B 1 56 ? 17.455  -8.613  15.963  1.00 22.93 ? 55 LEU B N   1 
ATOM   992  C CA  . LEU B 1 56 ? 16.628  -9.483  16.810  1.00 21.93 ? 55 LEU B CA  1 
ATOM   993  C C   . LEU B 1 56 ? 17.366  -10.754 17.216  1.00 20.71 ? 55 LEU B C   1 
ATOM   994  O O   . LEU B 1 56 ? 17.232  -11.216 18.352  1.00 20.25 ? 55 LEU B O   1 
ATOM   995  C CB  . LEU B 1 56 ? 15.320  -9.845  16.108  1.00 21.06 ? 55 LEU B CB  1 
ATOM   996  C CG  . LEU B 1 56 ? 14.453  -8.632  15.766  1.00 22.81 ? 55 LEU B CG  1 
ATOM   997  C CD1 . LEU B 1 56 ? 13.170  -9.082  15.055  1.00 22.35 ? 55 LEU B CD1 1 
ATOM   998  C CD2 . LEU B 1 56 ? 14.128  -7.874  17.049  1.00 21.79 ? 55 LEU B CD2 1 
ATOM   999  N N   . ARG B 1 57 ? 18.135  -11.340 16.303  1.00 20.51 ? 56 ARG B N   1 
ATOM   1000 C CA  . ARG B 1 57 ? 18.889  -12.533 16.695  1.00 21.54 ? 56 ARG B CA  1 
ATOM   1001 C C   . ARG B 1 57 ? 19.893  -12.161 17.801  1.00 21.65 ? 56 ARG B C   1 
ATOM   1002 O O   . ARG B 1 57 ? 20.145  -12.959 18.718  1.00 19.40 ? 56 ARG B O   1 
ATOM   1003 C CB  . ARG B 1 57 ? 19.596  -13.146 15.488  1.00 23.65 ? 56 ARG B CB  1 
ATOM   1004 C CG  . ARG B 1 57 ? 18.634  -13.793 14.512  1.00 24.92 ? 56 ARG B CG  1 
ATOM   1005 C CD  . ARG B 1 57 ? 19.332  -14.171 13.224  1.00 30.97 ? 56 ARG B CD  1 
ATOM   1006 N NE  . ARG B 1 57 ? 18.363  -14.340 12.149  1.00 31.90 ? 56 ARG B NE  1 
ATOM   1007 C CZ  . ARG B 1 57 ? 18.504  -13.829 10.931  1.00 35.38 ? 56 ARG B CZ  1 
ATOM   1008 N NH1 . ARG B 1 57 ? 19.582  -13.111 10.627  1.00 34.03 ? 56 ARG B NH1 1 
ATOM   1009 N NH2 . ARG B 1 57 ? 17.566  -14.034 10.013  1.00 37.02 ? 56 ARG B NH2 1 
ATOM   1010 N N   . LYS B 1 58 ? 20.444  -10.947 17.733  1.00 21.69 ? 57 LYS B N   1 
ATOM   1011 C CA  . LYS B 1 58 ? 21.378  -10.483 18.773  1.00 24.46 ? 57 LYS B CA  1 
ATOM   1012 C C   . LYS B 1 58 ? 20.604  -10.322 20.079  1.00 24.53 ? 57 LYS B C   1 
ATOM   1013 O O   . LYS B 1 58 ? 21.080  -10.697 21.147  1.00 24.17 ? 57 LYS B O   1 
ATOM   1014 C CB  . LYS B 1 58 ? 22.011  -9.134  18.401  1.00 24.85 ? 57 LYS B CB  1 
ATOM   1015 C CG  . LYS B 1 58 ? 22.875  -8.504  19.508  1.00 22.89 ? 57 LYS B CG  1 
ATOM   1016 C CD  . LYS B 1 58 ? 23.557  -7.236  18.994  1.00 28.35 ? 57 LYS B CD  1 
ATOM   1017 C CE  . LYS B 1 58 ? 24.549  -6.636  19.994  1.00 30.19 ? 57 LYS B CE  1 
ATOM   1018 N NZ  . LYS B 1 58 ? 23.903  -6.243  21.282  1.00 33.14 ? 57 LYS B NZ  1 
ATOM   1019 N N   . GLU B 1 59 ? 19.407  -9.756  19.984  1.00 26.51 ? 58 GLU B N   1 
ATOM   1020 C CA  . GLU B 1 59 ? 18.556  -9.569  21.165  1.00 27.09 ? 58 GLU B CA  1 
ATOM   1021 C C   . GLU B 1 59 ? 18.187  -10.922 21.756  1.00 27.74 ? 58 GLU B C   1 
ATOM   1022 O O   . GLU B 1 59 ? 18.197  -11.112 22.984  1.00 24.51 ? 58 GLU B O   1 
ATOM   1023 C CB  . GLU B 1 59 ? 17.259  -8.833  20.799  1.00 27.43 ? 58 GLU B CB  1 
ATOM   1024 C CG  . GLU B 1 59 ? 17.388  -7.324  20.603  1.00 32.66 ? 58 GLU B CG  1 
ATOM   1025 C CD  . GLU B 1 59 ? 17.912  -6.617  21.847  1.00 33.12 ? 58 GLU B CD  1 
ATOM   1026 O OE1 . GLU B 1 59 ? 17.553  -7.033  22.971  1.00 34.29 ? 58 GLU B OE1 1 
ATOM   1027 O OE2 . GLU B 1 59 ? 18.673  -5.638  21.699  1.00 36.58 ? 58 GLU B OE2 1 
ATOM   1028 N N   . LEU B 1 60 ? 17.855  -11.863 20.876  1.00 27.13 ? 59 LEU B N   1 
ATOM   1029 C CA  . LEU B 1 60 ? 17.453  -13.193 21.320  1.00 29.88 ? 59 LEU B CA  1 
ATOM   1030 C C   . LEU B 1 60 ? 18.558  -13.826 22.154  1.00 30.17 ? 59 LEU B C   1 
ATOM   1031 O O   . LEU B 1 60 ? 18.298  -14.379 23.218  1.00 30.62 ? 59 LEU B O   1 
ATOM   1032 C CB  . LEU B 1 60 ? 17.100  -14.077 20.112  1.00 28.00 ? 59 LEU B CB  1 
ATOM   1033 C CG  . LEU B 1 60 ? 16.198  -15.300 20.355  1.00 31.99 ? 59 LEU B CG  1 
ATOM   1034 C CD1 . LEU B 1 60 ? 16.912  -16.311 21.236  1.00 33.41 ? 59 LEU B CD1 1 
ATOM   1035 C CD2 . LEU B 1 60 ? 14.888  -14.868 21.015  1.00 29.79 ? 59 LEU B CD2 1 
ATOM   1036 N N   . GLU B 1 61 ? 19.797  -13.725 21.686  1.00 32.82 ? 60 GLU B N   1 
ATOM   1037 C CA  . GLU B 1 61 ? 20.919  -14.303 22.418  1.00 37.59 ? 60 GLU B CA  1 
ATOM   1038 C C   . GLU B 1 61 ? 21.117  -13.633 23.762  1.00 38.79 ? 60 GLU B C   1 
ATOM   1039 O O   . GLU B 1 61 ? 21.460  -14.296 24.733  1.00 38.62 ? 60 GLU B O   1 
ATOM   1040 C CB  . GLU B 1 61 ? 22.210  -14.196 21.610  1.00 39.94 ? 60 GLU B CB  1 
ATOM   1041 C CG  . GLU B 1 61 ? 22.277  -15.132 20.432  1.00 47.83 ? 60 GLU B CG  1 
ATOM   1042 C CD  . GLU B 1 61 ? 22.981  -16.441 20.745  1.00 51.44 ? 60 GLU B CD  1 
ATOM   1043 O OE1 . GLU B 1 61 ? 23.218  -17.221 19.791  1.00 53.39 ? 60 GLU B OE1 1 
ATOM   1044 O OE2 . GLU B 1 61 ? 23.297  -16.688 21.933  1.00 51.42 ? 60 GLU B OE2 1 
ATOM   1045 N N   . GLN B 1 62 ? 20.899  -12.322 23.819  1.00 41.90 ? 61 GLN B N   1 
ATOM   1046 C CA  . GLN B 1 62 ? 21.058  -11.577 25.065  1.00 44.82 ? 61 GLN B CA  1 
ATOM   1047 C C   . GLN B 1 62 ? 19.955  -11.895 26.067  1.00 46.59 ? 61 GLN B C   1 
ATOM   1048 O O   . GLN B 1 62 ? 20.217  -12.017 27.259  1.00 47.67 ? 61 GLN B O   1 
ATOM   1049 C CB  . GLN B 1 62 ? 21.084  -10.069 24.795  1.00 44.03 ? 61 GLN B CB  1 
ATOM   1050 C CG  . GLN B 1 62 ? 22.012  -9.663  23.662  1.00 42.93 ? 61 GLN B CG  1 
ATOM   1051 C CD  . GLN B 1 62 ? 22.251  -8.164  23.595  1.00 43.20 ? 61 GLN B CD  1 
ATOM   1052 O OE1 . GLN B 1 62 ? 21.354  -7.363  23.883  1.00 40.80 ? 61 GLN B OE1 1 
ATOM   1053 N NE2 . GLN B 1 62 ? 23.461  -7.777  23.191  1.00 40.11 ? 61 GLN B NE2 1 
ATOM   1054 N N   . THR B 1 63 ? 18.726  -12.032 25.581  1.00 49.75 ? 62 THR B N   1 
ATOM   1055 C CA  . THR B 1 63 ? 17.583  -12.331 26.446  1.00 52.26 ? 62 THR B CA  1 
ATOM   1056 C C   . THR B 1 63 ? 17.585  -13.785 26.917  1.00 52.99 ? 62 THR B C   1 
ATOM   1057 O O   . THR B 1 63 ? 17.846  -14.026 28.112  1.00 53.66 ? 62 THR B O   1 
ATOM   1058 C CB  . THR B 1 63 ? 16.245  -12.065 25.712  1.00 53.12 ? 62 THR B CB  1 
ATOM   1059 O OG1 . THR B 1 63 ? 16.208  -10.706 25.256  1.00 54.36 ? 62 THR B OG1 1 
ATOM   1060 C CG2 . THR B 1 63 ? 15.064  -12.317 26.645  1.00 53.34 ? 62 THR B CG2 1 
ATOM   1061 N N   . LEU C 1 2  ? -0.465  -1.602  -24.304 1.00 64.11 ? 1  LEU C N   1 
ATOM   1062 C CA  . LEU C 1 2  ? -1.605  -0.640  -24.215 1.00 64.11 ? 1  LEU C CA  1 
ATOM   1063 C C   . LEU C 1 2  ? -1.278  0.528   -23.290 1.00 63.63 ? 1  LEU C C   1 
ATOM   1064 O O   . LEU C 1 2  ? -0.620  0.353   -22.267 1.00 63.46 ? 1  LEU C O   1 
ATOM   1065 C CB  . LEU C 1 2  ? -2.863  -1.343  -23.694 1.00 64.29 ? 1  LEU C CB  1 
ATOM   1066 C CG  . LEU C 1 2  ? -2.974  -1.624  -22.191 1.00 62.86 ? 1  LEU C CG  1 
ATOM   1067 C CD1 . LEU C 1 2  ? -4.358  -2.158  -21.891 1.00 61.27 ? 1  LEU C CD1 1 
ATOM   1068 C CD2 . LEU C 1 2  ? -1.913  -2.616  -21.752 1.00 62.95 ? 1  LEU C CD2 1 
ATOM   1069 N N   . ASN C 1 3  ? -1.739  1.721   -23.648 1.00 63.78 ? 2  ASN C N   1 
ATOM   1070 C CA  . ASN C 1 3  ? -1.482  2.889   -22.820 1.00 64.36 ? 2  ASN C CA  1 
ATOM   1071 C C   . ASN C 1 3  ? -2.412  4.049   -23.125 1.00 63.80 ? 2  ASN C C   1 
ATOM   1072 O O   . ASN C 1 3  ? -2.053  5.208   -22.937 1.00 63.49 ? 2  ASN C O   1 
ATOM   1073 C CB  . ASN C 1 3  ? -0.025  3.345   -22.962 1.00 66.11 ? 2  ASN C CB  1 
ATOM   1074 C CG  . ASN C 1 3  ? 0.312   3.812   -24.359 1.00 66.21 ? 2  ASN C CG  1 
ATOM   1075 O OD1 . ASN C 1 3  ? 0.504   3.005   -25.267 1.00 67.61 ? 2  ASN C OD1 1 
ATOM   1076 N ND2 . ASN C 1 3  ? 0.382   5.127   -24.541 1.00 67.76 ? 2  ASN C ND2 1 
ATOM   1077 N N   . THR C 1 4  ? -3.609  3.732   -23.601 1.00 64.14 ? 3  THR C N   1 
ATOM   1078 C CA  . THR C 1 4  ? -4.599  4.758   -23.904 1.00 64.23 ? 3  THR C CA  1 
ATOM   1079 C C   . THR C 1 4  ? -5.981  4.233   -23.538 1.00 64.12 ? 3  THR C C   1 
ATOM   1080 O O   . THR C 1 4  ? -6.166  3.029   -23.357 1.00 64.29 ? 3  THR C O   1 
ATOM   1081 C CB  . THR C 1 4  ? -4.581  5.141   -25.394 1.00 64.54 ? 3  THR C CB  1 
ATOM   1082 O OG1 . THR C 1 4  ? -5.031  4.033   -26.179 1.00 64.79 ? 3  THR C OG1 1 
ATOM   1083 C CG2 . THR C 1 4  ? -3.173  5.522   -25.827 1.00 65.13 ? 3  THR C CG2 1 
ATOM   1084 N N   . PHE C 1 5  ? -6.945  5.140   -23.425 1.00 63.54 ? 4  PHE C N   1 
ATOM   1085 C CA  . PHE C 1 5  ? -8.314  4.775   -23.073 1.00 63.27 ? 4  PHE C CA  1 
ATOM   1086 C C   . PHE C 1 5  ? -8.836  3.660   -23.967 1.00 63.06 ? 4  PHE C C   1 
ATOM   1087 O O   . PHE C 1 5  ? -9.364  2.659   -23.483 1.00 63.15 ? 4  PHE C O   1 
ATOM   1088 C CB  . PHE C 1 5  ? -9.229  5.994   -23.201 1.00 62.81 ? 4  PHE C CB  1 
ATOM   1089 C CG  . PHE C 1 5  ? -10.631 5.758   -22.720 1.00 62.38 ? 4  PHE C CG  1 
ATOM   1090 C CD1 . PHE C 1 5  ? -10.868 5.288   -21.434 1.00 61.37 ? 4  PHE C CD1 1 
ATOM   1091 C CD2 . PHE C 1 5  ? -11.718 6.050   -23.535 1.00 62.22 ? 4  PHE C CD2 1 
ATOM   1092 C CE1 . PHE C 1 5  ? -12.167 5.119   -20.963 1.00 59.80 ? 4  PHE C CE1 1 
ATOM   1093 C CE2 . PHE C 1 5  ? -13.021 5.883   -23.071 1.00 61.14 ? 4  PHE C CE2 1 
ATOM   1094 C CZ  . PHE C 1 5  ? -13.243 5.418   -21.784 1.00 60.42 ? 4  PHE C CZ  1 
ATOM   1095 N N   . TYR C 1 6  ? -8.682  3.849   -25.274 1.00 62.60 ? 5  TYR C N   1 
ATOM   1096 C CA  . TYR C 1 6  ? -9.130  2.879   -26.259 1.00 61.87 ? 5  TYR C CA  1 
ATOM   1097 C C   . TYR C 1 6  ? -8.456  1.534   -26.012 1.00 60.26 ? 5  TYR C C   1 
ATOM   1098 O O   . TYR C 1 6  ? -9.107  0.489   -26.044 1.00 60.90 ? 5  TYR C O   1 
ATOM   1099 C CB  . TYR C 1 6  ? -8.839  3.413   -27.676 1.00 64.28 ? 5  TYR C CB  1 
ATOM   1100 C CG  . TYR C 1 6  ? -8.424  2.359   -28.677 1.00 67.09 ? 5  TYR C CG  1 
ATOM   1101 C CD1 . TYR C 1 6  ? -7.130  1.838   -28.661 1.00 68.19 ? 5  TYR C CD1 1 
ATOM   1102 C CD2 . TYR C 1 6  ? -9.334  1.834   -29.597 1.00 67.54 ? 5  TYR C CD2 1 
ATOM   1103 C CE1 . TYR C 1 6  ? -6.752  0.818   -29.516 1.00 69.03 ? 5  TYR C CE1 1 
ATOM   1104 C CE2 . TYR C 1 6  ? -8.963  0.806   -30.465 1.00 68.71 ? 5  TYR C CE2 1 
ATOM   1105 C CZ  . TYR C 1 6  ? -7.667  0.305   -30.412 1.00 69.65 ? 5  TYR C CZ  1 
ATOM   1106 O OH  . TYR C 1 6  ? -7.268  -0.729  -31.222 1.00 71.20 ? 5  TYR C OH  1 
ATOM   1107 N N   . ASP C 1 7  ? -7.152  1.570   -25.753 1.00 57.50 ? 6  ASP C N   1 
ATOM   1108 C CA  . ASP C 1 7  ? -6.384  0.362   -25.490 1.00 54.61 ? 6  ASP C CA  1 
ATOM   1109 C C   . ASP C 1 7  ? -7.060  -0.510  -24.432 1.00 52.40 ? 6  ASP C C   1 
ATOM   1110 O O   . ASP C 1 7  ? -7.229  -1.719  -24.620 1.00 50.61 ? 6  ASP C O   1 
ATOM   1111 C CB  . ASP C 1 7  ? -4.981  0.742   -25.016 1.00 56.64 ? 6  ASP C CB  1 
ATOM   1112 C CG  . ASP C 1 7  ? -4.115  1.298   -26.131 1.00 58.15 ? 6  ASP C CG  1 
ATOM   1113 O OD1 . ASP C 1 7  ? -4.661  1.946   -27.047 1.00 58.95 ? 6  ASP C OD1 1 
ATOM   1114 O OD2 . ASP C 1 7  ? -2.883  1.098   -26.086 1.00 58.24 ? 6  ASP C OD2 1 
ATOM   1115 N N   . VAL C 1 8  ? -7.444  0.115   -23.322 1.00 50.23 ? 7  VAL C N   1 
ATOM   1116 C CA  . VAL C 1 8  ? -8.085  -0.588  -22.218 1.00 49.19 ? 7  VAL C CA  1 
ATOM   1117 C C   . VAL C 1 8  ? -9.402  -1.221  -22.642 1.00 48.92 ? 7  VAL C C   1 
ATOM   1118 O O   . VAL C 1 8  ? -9.757  -2.297  -22.163 1.00 48.26 ? 7  VAL C O   1 
ATOM   1119 C CB  . VAL C 1 8  ? -8.331  0.363   -21.016 1.00 47.95 ? 7  VAL C CB  1 
ATOM   1120 C CG1 . VAL C 1 8  ? -8.981  -0.395  -19.862 1.00 44.50 ? 7  VAL C CG1 1 
ATOM   1121 C CG2 . VAL C 1 8  ? -7.013  0.970   -20.565 1.00 47.38 ? 7  VAL C CG2 1 
ATOM   1122 N N   . GLN C 1 9  ? -10.128 -0.550  -23.534 1.00 49.83 ? 8  GLN C N   1 
ATOM   1123 C CA  . GLN C 1 9  ? -11.400 -1.073  -24.028 1.00 49.76 ? 8  GLN C CA  1 
ATOM   1124 C C   . GLN C 1 9  ? -11.092 -2.309  -24.869 1.00 49.03 ? 8  GLN C C   1 
ATOM   1125 O O   . GLN C 1 9  ? -11.726 -3.349  -24.728 1.00 49.23 ? 8  GLN C O   1 
ATOM   1126 C CB  . GLN C 1 9  ? -12.113 -0.034  -24.892 1.00 50.61 ? 8  GLN C CB  1 
ATOM   1127 C CG  . GLN C 1 9  ? -12.192 1.360   -24.288 1.00 53.63 ? 8  GLN C CG  1 
ATOM   1128 C CD  . GLN C 1 9  ? -13.274 2.210   -24.938 1.00 55.33 ? 8  GLN C CD  1 
ATOM   1129 O OE1 . GLN C 1 9  ? -13.136 3.428   -25.076 1.00 55.67 ? 8  GLN C OE1 1 
ATOM   1130 N NE2 . GLN C 1 9  ? -14.368 1.570   -25.328 1.00 55.93 ? 8  GLN C NE2 1 
ATOM   1131 N N   . GLN C 1 10 ? -10.103 -2.180  -25.746 1.00 49.85 ? 9  GLN C N   1 
ATOM   1132 C CA  . GLN C 1 10 ? -9.672  -3.277  -26.604 1.00 49.94 ? 9  GLN C CA  1 
ATOM   1133 C C   . GLN C 1 10 ? -9.422  -4.508  -25.727 1.00 48.27 ? 9  GLN C C   1 
ATOM   1134 O O   . GLN C 1 10 ? -9.627  -5.639  -26.157 1.00 47.20 ? 9  GLN C O   1 
ATOM   1135 C CB  . GLN C 1 10 ? -8.379  -2.889  -27.335 1.00 52.39 ? 9  GLN C CB  1 
ATOM   1136 C CG  . GLN C 1 10 ? -7.895  -3.904  -28.362 1.00 56.38 ? 9  GLN C CG  1 
ATOM   1137 C CD  . GLN C 1 10 ? -8.317  -3.557  -29.789 1.00 58.55 ? 9  GLN C CD  1 
ATOM   1138 O OE1 . GLN C 1 10 ? -9.490  -3.268  -30.056 1.00 58.61 ? 9  GLN C OE1 1 
ATOM   1139 N NE2 . GLN C 1 10 ? -7.359  -3.593  -30.713 1.00 58.24 ? 9  GLN C NE2 1 
ATOM   1140 N N   . LEU C 1 11 ? -8.971  -4.274  -24.497 1.00 46.21 ? 10 LEU C N   1 
ATOM   1141 C CA  . LEU C 1 11 ? -8.700  -5.352  -23.555 1.00 44.06 ? 10 LEU C CA  1 
ATOM   1142 C C   . LEU C 1 11 ? -9.984  -5.823  -22.879 1.00 43.78 ? 10 LEU C C   1 
ATOM   1143 O O   . LEU C 1 11 ? -10.213 -7.024  -22.719 1.00 43.17 ? 10 LEU C O   1 
ATOM   1144 C CB  . LEU C 1 11 ? -7.713  -4.890  -22.483 1.00 44.39 ? 10 LEU C CB  1 
ATOM   1145 C CG  . LEU C 1 11 ? -7.427  -5.932  -21.398 1.00 42.36 ? 10 LEU C CG  1 
ATOM   1146 C CD1 . LEU C 1 11 ? -6.670  -7.105  -22.012 1.00 42.54 ? 10 LEU C CD1 1 
ATOM   1147 C CD2 . LEU C 1 11 ? -6.628  -5.303  -20.267 1.00 42.67 ? 10 LEU C CD2 1 
ATOM   1148 N N   . LEU C 1 12 ? -10.820 -4.875  -22.473 1.00 43.36 ? 11 LEU C N   1 
ATOM   1149 C CA  . LEU C 1 12 ? -12.078 -5.216  -21.818 1.00 45.07 ? 11 LEU C CA  1 
ATOM   1150 C C   . LEU C 1 12 ? -13.079 -5.845  -22.788 1.00 45.98 ? 11 LEU C C   1 
ATOM   1151 O O   . LEU C 1 12 ? -13.893 -6.676  -22.389 1.00 43.75 ? 11 LEU C O   1 
ATOM   1152 C CB  . LEU C 1 12 ? -12.696 -3.976  -21.160 1.00 43.62 ? 11 LEU C CB  1 
ATOM   1153 C CG  . LEU C 1 12 ? -12.009 -3.488  -19.885 1.00 42.84 ? 11 LEU C CG  1 
ATOM   1154 C CD1 . LEU C 1 12 ? -12.643 -2.190  -19.428 1.00 44.26 ? 11 LEU C CD1 1 
ATOM   1155 C CD2 . LEU C 1 12 ? -12.127 -4.543  -18.797 1.00 41.77 ? 11 LEU C CD2 1 
ATOM   1156 N N   . LYS C 1 13 ? -13.027 -5.445  -24.054 1.00 48.09 ? 12 LYS C N   1 
ATOM   1157 C CA  . LYS C 1 13 ? -13.930 -6.006  -25.054 1.00 51.52 ? 12 LYS C CA  1 
ATOM   1158 C C   . LYS C 1 13 ? -13.714 -7.510  -25.082 1.00 53.02 ? 12 LYS C C   1 
ATOM   1159 O O   . LYS C 1 13 ? -14.656 -8.291  -25.173 1.00 52.95 ? 12 LYS C O   1 
ATOM   1160 C CB  . LYS C 1 13 ? -13.636 -5.426  -26.437 1.00 52.51 ? 12 LYS C CB  1 
ATOM   1161 C CG  . LYS C 1 13 ? -14.471 -4.212  -26.800 1.00 56.06 ? 12 LYS C CG  1 
ATOM   1162 C CD  . LYS C 1 13 ? -14.212 -3.777  -28.234 1.00 58.70 ? 12 LYS C CD  1 
ATOM   1163 C CE  . LYS C 1 13 ? -15.295 -2.825  -28.731 1.00 60.73 ? 12 LYS C CE  1 
ATOM   1164 N NZ  . LYS C 1 13 ? -15.393 -1.582  -27.917 1.00 61.47 ? 12 LYS C NZ  1 
ATOM   1165 N N   . THR C 1 14 ? -12.447 -7.895  -24.995 1.00 54.77 ? 13 THR C N   1 
ATOM   1166 C CA  . THR C 1 14 ? -12.035 -9.286  -24.996 1.00 55.52 ? 13 THR C CA  1 
ATOM   1167 C C   . THR C 1 14 ? -12.769 -10.136 -23.956 1.00 56.34 ? 13 THR C C   1 
ATOM   1168 O O   . THR C 1 14 ? -12.844 -11.357 -24.086 1.00 55.93 ? 13 THR C O   1 
ATOM   1169 C CB  . THR C 1 14 ? -10.528 -9.367  -24.752 1.00 55.87 ? 13 THR C CB  1 
ATOM   1170 O OG1 . THR C 1 14 ? -9.848  -8.663  -25.798 1.00 56.93 ? 13 THR C OG1 1 
ATOM   1171 C CG2 . THR C 1 14 ? -10.064 -10.802 -24.727 1.00 55.28 ? 13 THR C CG2 1 
ATOM   1172 N N   . PHE C 1 15 ? -13.316 -9.490  -22.930 1.00 58.00 ? 14 PHE C N   1 
ATOM   1173 C CA  . PHE C 1 15 ? -14.038 -10.196 -21.875 1.00 59.30 ? 14 PHE C CA  1 
ATOM   1174 C C   . PHE C 1 15 ? -15.531 -9.870  -21.880 1.00 60.61 ? 14 PHE C C   1 
ATOM   1175 O O   . PHE C 1 15 ? -16.236 -10.115 -20.902 1.00 60.89 ? 14 PHE C O   1 
ATOM   1176 C CB  . PHE C 1 15 ? -13.429 -9.842  -20.518 1.00 58.46 ? 14 PHE C CB  1 
ATOM   1177 C CG  . PHE C 1 15 ? -11.989 -10.231 -20.392 1.00 59.45 ? 14 PHE C CG  1 
ATOM   1178 C CD1 . PHE C 1 15 ? -11.630 -11.559 -20.174 1.00 59.52 ? 14 PHE C CD1 1 
ATOM   1179 C CD2 . PHE C 1 15 ? -10.987 -9.278  -20.528 1.00 59.82 ? 14 PHE C CD2 1 
ATOM   1180 C CE1 . PHE C 1 15 ? -10.291 -11.933 -20.096 1.00 59.67 ? 14 PHE C CE1 1 
ATOM   1181 C CE2 . PHE C 1 15 ? -9.645  -9.639  -20.453 1.00 60.27 ? 14 PHE C CE2 1 
ATOM   1182 C CZ  . PHE C 1 15 ? -9.296  -10.969 -20.236 1.00 60.71 ? 14 PHE C CZ  1 
ATOM   1183 N N   . GLY C 1 16 ? -16.009 -9.332  -22.998 1.00 62.02 ? 15 GLY C N   1 
ATOM   1184 C CA  . GLY C 1 16 ? -17.411 -8.970  -23.116 1.00 63.68 ? 15 GLY C CA  1 
ATOM   1185 C C   . GLY C 1 16 ? -17.510 -7.496  -22.805 1.00 64.21 ? 15 GLY C C   1 
ATOM   1186 O O   . GLY C 1 16 ? -17.003 -6.664  -23.555 1.00 64.18 ? 15 GLY C O   1 
ATOM   1187 N N   . HIS C 1 17 ? -18.176 -7.171  -21.706 1.00 65.57 ? 16 HIS C N   1 
ATOM   1188 C CA  . HIS C 1 17 ? -18.285 -5.791  -21.256 1.00 66.82 ? 16 HIS C CA  1 
ATOM   1189 C C   . HIS C 1 17 ? -18.930 -4.812  -22.233 1.00 65.97 ? 16 HIS C C   1 
ATOM   1190 O O   . HIS C 1 17 ? -19.974 -5.085  -22.827 1.00 66.08 ? 16 HIS C O   1 
ATOM   1191 C CB  . HIS C 1 17 ? -16.877 -5.292  -20.875 1.00 68.84 ? 16 HIS C CB  1 
ATOM   1192 C CG  . HIS C 1 17 ? -16.862 -4.008  -20.103 1.00 69.78 ? 16 HIS C CG  1 
ATOM   1193 N ND1 . HIS C 1 17 ? -17.276 -3.924  -18.791 1.00 70.25 ? 16 HIS C ND1 1 
ATOM   1194 C CD2 . HIS C 1 17 ? -16.468 -2.761  -20.454 1.00 70.45 ? 16 HIS C CD2 1 
ATOM   1195 C CE1 . HIS C 1 17 ? -17.135 -2.680  -18.369 1.00 70.95 ? 16 HIS C CE1 1 
ATOM   1196 N NE2 . HIS C 1 17 ? -16.647 -1.954  -19.358 1.00 70.05 ? 16 HIS C NE2 1 
ATOM   1197 N N   . ILE C 1 18 ? -18.270 -3.662  -22.375 1.00 65.92 ? 17 ILE C N   1 
ATOM   1198 C CA  . ILE C 1 18 ? -18.678 -2.533  -23.217 1.00 65.57 ? 17 ILE C CA  1 
ATOM   1199 C C   . ILE C 1 18 ? -19.844 -1.802  -22.520 1.00 63.68 ? 17 ILE C C   1 
ATOM   1200 O O   . ILE C 1 18 ? -21.014 -2.026  -22.807 1.00 63.73 ? 17 ILE C O   1 
ATOM   1201 C CB  . ILE C 1 18 ? -18.975 -3.009  -24.681 1.00 67.59 ? 17 ILE C CB  1 
ATOM   1202 C CG1 . ILE C 1 18 ? -18.445 -1.950  -25.649 1.00 68.46 ? 17 ILE C CG1 1 
ATOM   1203 C CG2 . ILE C 1 18 ? -20.467 -3.257  -24.913 1.00 68.14 ? 17 ILE C CG2 1 
ATOM   1204 C CD1 . ILE C 1 18 ? -16.983 -1.587  -25.414 1.00 68.26 ? 17 ILE C CD1 1 
ATOM   1205 N N   . VAL C 1 19 ? -19.465 -0.928  -21.584 1.00 61.67 ? 18 VAL C N   1 
ATOM   1206 C CA  . VAL C 1 19 ? -20.389 -0.141  -20.754 1.00 59.61 ? 18 VAL C CA  1 
ATOM   1207 C C   . VAL C 1 19 ? -21.518 0.644   -21.397 1.00 57.72 ? 18 VAL C C   1 
ATOM   1208 O O   . VAL C 1 19 ? -22.544 0.085   -21.761 1.00 58.54 ? 18 VAL C O   1 
ATOM   1209 C CB  . VAL C 1 19 ? -19.616 0.864   -19.851 1.00 60.31 ? 18 VAL C CB  1 
ATOM   1210 C CG1 . VAL C 1 19 ? -18.719 0.109   -18.871 1.00 60.40 ? 18 VAL C CG1 1 
ATOM   1211 C CG2 . VAL C 1 19 ? -18.775 1.792   -20.724 1.00 61.45 ? 18 VAL C CG2 1 
ATOM   1212 N N   . TYR C 1 20 ? -21.299 1.950   -21.512 1.00 56.08 ? 19 TYR C N   1 
ATOM   1213 C CA  . TYR C 1 20 ? -22.253 2.907   -22.068 1.00 54.22 ? 19 TYR C CA  1 
ATOM   1214 C C   . TYR C 1 20 ? -23.355 3.285   -21.079 1.00 52.53 ? 19 TYR C C   1 
ATOM   1215 O O   . TYR C 1 20 ? -24.419 2.667   -21.056 1.00 52.53 ? 19 TYR C O   1 
ATOM   1216 C CB  . TYR C 1 20 ? -22.884 2.378   -23.358 1.00 55.34 ? 19 TYR C CB  1 
ATOM   1217 C CG  . TYR C 1 20 ? -21.893 2.210   -24.485 1.00 56.50 ? 19 TYR C CG  1 
ATOM   1218 C CD1 . TYR C 1 20 ? -21.077 3.264   -24.883 1.00 57.20 ? 19 TYR C CD1 1 
ATOM   1219 C CD2 . TYR C 1 20 ? -21.755 0.988   -25.136 1.00 56.28 ? 19 TYR C CD2 1 
ATOM   1220 C CE1 . TYR C 1 20 ? -20.143 3.105   -25.897 1.00 58.43 ? 19 TYR C CE1 1 
ATOM   1221 C CE2 . TYR C 1 20 ? -20.826 0.814   -26.153 1.00 58.29 ? 19 TYR C CE2 1 
ATOM   1222 C CZ  . TYR C 1 20 ? -20.020 1.877   -26.529 1.00 58.67 ? 19 TYR C CZ  1 
ATOM   1223 O OH  . TYR C 1 20 ? -19.078 1.700   -27.523 1.00 61.94 ? 19 TYR C OH  1 
ATOM   1224 N N   . PHE C 1 21 ? -23.089 4.306   -20.266 1.00 49.83 ? 20 PHE C N   1 
ATOM   1225 C CA  . PHE C 1 21 ? -24.060 4.800   -19.294 1.00 48.08 ? 20 PHE C CA  1 
ATOM   1226 C C   . PHE C 1 21 ? -24.435 6.219   -19.678 1.00 48.95 ? 20 PHE C C   1 
ATOM   1227 O O   . PHE C 1 21 ? -25.264 6.856   -19.018 1.00 49.62 ? 20 PHE C O   1 
ATOM   1228 C CB  . PHE C 1 21 ? -23.493 4.837   -17.869 1.00 46.06 ? 20 PHE C CB  1 
ATOM   1229 C CG  . PHE C 1 21 ? -23.039 3.502   -17.350 1.00 45.37 ? 20 PHE C CG  1 
ATOM   1230 C CD1 . PHE C 1 21 ? -23.798 2.356   -17.571 1.00 43.75 ? 20 PHE C CD1 1 
ATOM   1231 C CD2 . PHE C 1 21 ? -21.865 3.397   -16.604 1.00 43.64 ? 20 PHE C CD2 1 
ATOM   1232 C CE1 . PHE C 1 21 ? -23.390 1.121   -17.069 1.00 43.40 ? 20 PHE C CE1 1 
ATOM   1233 C CE2 . PHE C 1 21 ? -21.450 2.169   -16.097 1.00 43.15 ? 20 PHE C CE2 1 
ATOM   1234 C CZ  . PHE C 1 21 ? -22.217 1.029   -16.326 1.00 43.62 ? 20 PHE C CZ  1 
ATOM   1235 N N   . GLY C 1 22 ? -23.809 6.717   -20.739 1.00 48.14 ? 21 GLY C N   1 
ATOM   1236 C CA  . GLY C 1 22 ? -24.070 8.074   -21.182 1.00 47.57 ? 21 GLY C CA  1 
ATOM   1237 C C   . GLY C 1 22 ? -23.338 9.066   -20.297 1.00 45.77 ? 21 GLY C C   1 
ATOM   1238 O O   . GLY C 1 22 ? -23.776 10.198  -20.114 1.00 47.17 ? 21 GLY C O   1 
ATOM   1239 N N   . ASP C 1 23 ? -22.218 8.626   -19.738 1.00 45.32 ? 22 ASP C N   1 
ATOM   1240 C CA  . ASP C 1 23 ? -21.401 9.459   -18.864 1.00 44.13 ? 22 ASP C CA  1 
ATOM   1241 C C   . ASP C 1 23 ? -19.991 8.866   -18.774 1.00 44.42 ? 22 ASP C C   1 
ATOM   1242 O O   . ASP C 1 23 ? -19.778 7.827   -18.149 1.00 43.45 ? 22 ASP C O   1 
ATOM   1243 C CB  . ASP C 1 23 ? -22.027 9.536   -17.472 1.00 43.26 ? 22 ASP C CB  1 
ATOM   1244 C CG  . ASP C 1 23 ? -21.253 10.431  -16.540 1.00 44.08 ? 22 ASP C CG  1 
ATOM   1245 O OD1 . ASP C 1 23 ? -20.016 10.276  -16.471 1.00 43.14 ? 22 ASP C OD1 1 
ATOM   1246 O OD2 . ASP C 1 23 ? -21.878 11.285  -15.868 1.00 46.40 ? 22 ASP C OD2 1 
ATOM   1247 N N   . ARG C 1 24 ? -19.035 9.545   -19.402 1.00 45.88 ? 23 ARG C N   1 
ATOM   1248 C CA  . ARG C 1 24 ? -17.643 9.105   -19.435 1.00 44.97 ? 23 ARG C CA  1 
ATOM   1249 C C   . ARG C 1 24 ? -17.015 8.726   -18.095 1.00 42.97 ? 23 ARG C C   1 
ATOM   1250 O O   . ARG C 1 24 ? -16.480 7.625   -17.941 1.00 42.56 ? 23 ARG C O   1 
ATOM   1251 C CB  . ARG C 1 24 ? -16.781 10.182  -20.107 1.00 47.04 ? 23 ARG C CB  1 
ATOM   1252 C CG  . ARG C 1 24 ? -15.283 9.990   -19.921 1.00 49.60 ? 23 ARG C CG  1 
ATOM   1253 C CD  . ARG C 1 24 ? -14.817 8.646   -20.458 1.00 51.78 ? 23 ARG C CD  1 
ATOM   1254 N NE  . ARG C 1 24 ? -14.618 8.664   -21.901 1.00 54.31 ? 23 ARG C NE  1 
ATOM   1255 C CZ  . ARG C 1 24 ? -13.697 9.398   -22.518 1.00 55.17 ? 23 ARG C CZ  1 
ATOM   1256 N NH1 . ARG C 1 24 ? -12.888 10.181  -21.814 1.00 56.93 ? 23 ARG C NH1 1 
ATOM   1257 N NH2 . ARG C 1 24 ? -13.572 9.334   -23.836 1.00 53.97 ? 23 ARG C NH2 1 
ATOM   1258 N N   . GLU C 1 25 ? -17.069 9.633   -17.128 1.00 39.41 ? 24 GLU C N   1 
ATOM   1259 C CA  . GLU C 1 25 ? -16.460 9.372   -15.833 1.00 39.12 ? 24 GLU C CA  1 
ATOM   1260 C C   . GLU C 1 25 ? -17.055 8.178   -15.074 1.00 37.98 ? 24 GLU C C   1 
ATOM   1261 O O   . GLU C 1 25 ? -16.346 7.488   -14.343 1.00 39.01 ? 24 GLU C O   1 
ATOM   1262 C CB  . GLU C 1 25 ? -16.519 10.643  -14.980 1.00 41.22 ? 24 GLU C CB  1 
ATOM   1263 C CG  . GLU C 1 25 ? -17.585 10.647  -13.923 1.00 46.88 ? 24 GLU C CG  1 
ATOM   1264 C CD  . GLU C 1 25 ? -17.032 10.300  -12.568 1.00 49.36 ? 24 GLU C CD  1 
ATOM   1265 O OE1 . GLU C 1 25 ? -16.200 11.078  -12.061 1.00 49.03 ? 24 GLU C OE1 1 
ATOM   1266 O OE2 . GLU C 1 25 ? -17.424 9.253   -12.009 1.00 55.01 ? 24 GLU C OE2 1 
ATOM   1267 N N   . LEU C 1 26 ? -18.352 7.932   -15.240 1.00 35.09 ? 25 LEU C N   1 
ATOM   1268 C CA  . LEU C 1 26 ? -18.980 6.812   -14.555 1.00 34.18 ? 25 LEU C CA  1 
ATOM   1269 C C   . LEU C 1 26 ? -18.623 5.515   -15.263 1.00 31.31 ? 25 LEU C C   1 
ATOM   1270 O O   . LEU C 1 26 ? -18.517 4.475   -14.637 1.00 29.32 ? 25 LEU C O   1 
ATOM   1271 C CB  . LEU C 1 26 ? -20.506 6.997   -14.499 1.00 35.22 ? 25 LEU C CB  1 
ATOM   1272 C CG  . LEU C 1 26 ? -21.100 7.504   -13.176 1.00 36.21 ? 25 LEU C CG  1 
ATOM   1273 C CD1 . LEU C 1 26 ? -20.196 8.539   -12.543 1.00 38.28 ? 25 LEU C CD1 1 
ATOM   1274 C CD2 . LEU C 1 26 ? -22.469 8.090   -13.438 1.00 38.01 ? 25 LEU C CD2 1 
ATOM   1275 N N   . GLU C 1 27 ? -18.432 5.590   -16.573 1.00 33.47 ? 26 GLU C N   1 
ATOM   1276 C CA  . GLU C 1 27 ? -18.069 4.417   -17.360 1.00 35.62 ? 26 GLU C CA  1 
ATOM   1277 C C   . GLU C 1 27 ? -16.629 4.030   -17.062 1.00 35.62 ? 26 GLU C C   1 
ATOM   1278 O O   . GLU C 1 27 ? -16.310 2.846   -16.965 1.00 35.56 ? 26 GLU C O   1 
ATOM   1279 C CB  . GLU C 1 27 ? -18.256 4.706   -18.847 1.00 36.47 ? 26 GLU C CB  1 
ATOM   1280 C CG  . GLU C 1 27 ? -19.698 5.038   -19.175 1.00 41.05 ? 26 GLU C CG  1 
ATOM   1281 C CD  . GLU C 1 27 ? -19.860 5.707   -20.511 1.00 42.41 ? 26 GLU C CD  1 
ATOM   1282 O OE1 . GLU C 1 27 ? -18.892 6.353   -20.971 1.00 44.57 ? 26 GLU C OE1 1 
ATOM   1283 O OE2 . GLU C 1 27 ? -20.964 5.605   -21.089 1.00 42.99 ? 26 GLU C OE2 1 
ATOM   1284 N N   . ILE C 1 28 ? -15.763 5.032   -16.904 1.00 36.87 ? 27 ILE C N   1 
ATOM   1285 C CA  . ILE C 1 28 ? -14.357 4.781   -16.581 1.00 35.89 ? 27 ILE C CA  1 
ATOM   1286 C C   . ILE C 1 28 ? -14.328 4.108   -15.211 1.00 34.67 ? 27 ILE C C   1 
ATOM   1287 O O   . ILE C 1 28 ? -13.547 3.190   -14.976 1.00 32.81 ? 27 ILE C O   1 
ATOM   1288 C CB  . ILE C 1 28 ? -13.545 6.103   -16.543 1.00 36.79 ? 27 ILE C CB  1 
ATOM   1289 C CG1 . ILE C 1 28 ? -13.428 6.669   -17.958 1.00 39.21 ? 27 ILE C CG1 1 
ATOM   1290 C CG2 . ILE C 1 28 ? -12.163 5.862   -15.949 1.00 37.61 ? 27 ILE C CG2 1 
ATOM   1291 C CD1 . ILE C 1 28 ? -12.613 7.952   -18.054 1.00 42.99 ? 27 ILE C CD1 1 
ATOM   1292 N N   . GLU C 1 29 ? -15.206 4.559   -14.318 1.00 34.41 ? 28 GLU C N   1 
ATOM   1293 C CA  . GLU C 1 29 ? -15.313 3.991   -12.975 1.00 35.70 ? 28 GLU C CA  1 
ATOM   1294 C C   . GLU C 1 29 ? -15.728 2.514   -13.013 1.00 34.74 ? 28 GLU C C   1 
ATOM   1295 O O   . GLU C 1 29 ? -15.195 1.688   -12.275 1.00 33.98 ? 28 GLU C O   1 
ATOM   1296 C CB  . GLU C 1 29 ? -16.344 4.770   -12.160 1.00 39.12 ? 28 GLU C CB  1 
ATOM   1297 C CG  . GLU C 1 29 ? -15.893 6.153   -11.736 1.00 46.70 ? 28 GLU C CG  1 
ATOM   1298 C CD  . GLU C 1 29 ? -14.937 6.104   -10.558 1.00 51.01 ? 28 GLU C CD  1 
ATOM   1299 O OE1 . GLU C 1 29 ? -14.366 7.158   -10.207 1.00 55.05 ? 28 GLU C OE1 1 
ATOM   1300 O OE2 . GLU C 1 29 ? -14.765 5.011   -9.978  1.00 53.31 ? 28 GLU C OE2 1 
ATOM   1301 N N   . PHE C 1 30 ? -16.693 2.189   -13.866 1.00 33.09 ? 29 PHE C N   1 
ATOM   1302 C CA  . PHE C 1 30 ? -17.160 0.812   -13.984 1.00 33.24 ? 29 PHE C CA  1 
ATOM   1303 C C   . PHE C 1 30 ? -16.045 -0.040  -14.582 1.00 31.47 ? 29 PHE C C   1 
ATOM   1304 O O   . PHE C 1 30 ? -15.825 -1.166  -14.164 1.00 31.80 ? 29 PHE C O   1 
ATOM   1305 C CB  . PHE C 1 30 ? -18.390 0.744   -14.885 1.00 33.88 ? 29 PHE C CB  1 
ATOM   1306 C CG  . PHE C 1 30 ? -19.015 -0.620  -14.951 1.00 36.12 ? 29 PHE C CG  1 
ATOM   1307 C CD1 . PHE C 1 30 ? -19.698 -1.138  -13.858 1.00 36.62 ? 29 PHE C CD1 1 
ATOM   1308 C CD2 . PHE C 1 30 ? -18.919 -1.385  -16.104 1.00 37.19 ? 29 PHE C CD2 1 
ATOM   1309 C CE1 . PHE C 1 30 ? -20.277 -2.396  -13.914 1.00 37.11 ? 29 PHE C CE1 1 
ATOM   1310 C CE2 . PHE C 1 30 ? -19.497 -2.652  -16.173 1.00 37.50 ? 29 PHE C CE2 1 
ATOM   1311 C CZ  . PHE C 1 30 ? -20.177 -3.157  -15.076 1.00 37.74 ? 29 PHE C CZ  1 
ATOM   1312 N N   . MET C 1 31 ? -15.350 0.503   -15.576 1.00 31.27 ? 30 MET C N   1 
ATOM   1313 C CA  . MET C 1 31 ? -14.250 -0.213  -16.202 1.00 32.13 ? 30 MET C CA  1 
ATOM   1314 C C   . MET C 1 31 ? -13.198 -0.579  -15.162 1.00 32.66 ? 30 MET C C   1 
ATOM   1315 O O   . MET C 1 31 ? -12.615 -1.654  -15.218 1.00 32.17 ? 30 MET C O   1 
ATOM   1316 C CB  . MET C 1 31 ? -13.628 0.632   -17.309 1.00 33.39 ? 30 MET C CB  1 
ATOM   1317 C CG  . MET C 1 31 ? -14.516 0.773   -18.530 1.00 32.83 ? 30 MET C CG  1 
ATOM   1318 S SD  . MET C 1 31 ? -13.965 2.045   -19.668 1.00 35.28 ? 30 MET C SD  1 
ATOM   1319 C CE  . MET C 1 31 ? -12.473 1.353   -20.276 1.00 34.95 ? 30 MET C CE  1 
ATOM   1320 N N   . LEU C 1 32 ? -12.971 0.308   -14.200 1.00 32.74 ? 31 LEU C N   1 
ATOM   1321 C CA  . LEU C 1 32 ? -11.994 0.046   -13.145 1.00 33.50 ? 31 LEU C CA  1 
ATOM   1322 C C   . LEU C 1 32 ? -12.404 -1.152  -12.286 1.00 33.46 ? 31 LEU C C   1 
ATOM   1323 O O   . LEU C 1 32 ? -11.576 -1.988  -11.922 1.00 32.20 ? 31 LEU C O   1 
ATOM   1324 C CB  . LEU C 1 32 ? -11.832 1.285   -12.261 1.00 33.85 ? 31 LEU C CB  1 
ATOM   1325 C CG  . LEU C 1 32 ? -11.144 2.476   -12.945 1.00 35.68 ? 31 LEU C CG  1 
ATOM   1326 C CD1 . LEU C 1 32 ? -11.568 3.793   -12.294 1.00 36.56 ? 31 LEU C CD1 1 
ATOM   1327 C CD2 . LEU C 1 32 ? -9.632  2.288   -12.875 1.00 34.61 ? 31 LEU C CD2 1 
ATOM   1328 N N   . ASP C 1 33 ? -13.689 -1.222  -11.962 1.00 34.33 ? 32 ASP C N   1 
ATOM   1329 C CA  . ASP C 1 33 ? -14.223 -2.305  -11.145 1.00 35.28 ? 32 ASP C CA  1 
ATOM   1330 C C   . ASP C 1 33 ? -14.124 -3.625  -11.896 1.00 34.76 ? 32 ASP C C   1 
ATOM   1331 O O   . ASP C 1 33 ? -13.764 -4.664  -11.325 1.00 33.74 ? 32 ASP C O   1 
ATOM   1332 C CB  . ASP C 1 33 ? -15.678 -2.007  -10.796 1.00 39.01 ? 32 ASP C CB  1 
ATOM   1333 C CG  . ASP C 1 33 ? -15.821 -0.801  -9.894  1.00 40.86 ? 32 ASP C CG  1 
ATOM   1334 O OD1 . ASP C 1 33 ? -14.818 -0.095  -9.676  1.00 44.00 ? 32 ASP C OD1 1 
ATOM   1335 O OD2 . ASP C 1 33 ? -16.940 -0.552  -9.407  1.00 45.14 ? 32 ASP C OD2 1 
ATOM   1336 N N   . GLU C 1 34 ? -14.447 -3.579  -13.181 1.00 33.76 ? 33 GLU C N   1 
ATOM   1337 C CA  . GLU C 1 34 ? -14.369 -4.765  -14.009 1.00 35.34 ? 33 GLU C CA  1 
ATOM   1338 C C   . GLU C 1 34 ? -12.919 -5.256  -14.077 1.00 35.59 ? 33 GLU C C   1 
ATOM   1339 O O   . GLU C 1 34 ? -12.663 -6.460  -14.038 1.00 33.74 ? 33 GLU C O   1 
ATOM   1340 C CB  . GLU C 1 34 ? -14.904 -4.452  -15.399 1.00 36.26 ? 33 GLU C CB  1 
ATOM   1341 C CG  . GLU C 1 34 ? -16.353 -3.987  -15.382 1.00 43.84 ? 33 GLU C CG  1 
ATOM   1342 C CD  . GLU C 1 34 ? -17.297 -4.991  -14.722 1.00 47.30 ? 33 GLU C CD  1 
ATOM   1343 O OE1 . GLU C 1 34 ? -17.114 -5.297  -13.522 1.00 49.47 ? 33 GLU C OE1 1 
ATOM   1344 O OE2 . GLU C 1 34 ? -18.229 -5.478  -15.403 1.00 51.14 ? 33 GLU C OE2 1 
ATOM   1345 N N   . LEU C 1 35 ? -11.971 -4.325  -14.163 1.00 34.36 ? 34 LEU C N   1 
ATOM   1346 C CA  . LEU C 1 35 ? -10.557 -4.687  -14.220 1.00 35.56 ? 34 LEU C CA  1 
ATOM   1347 C C   . LEU C 1 35 ? -10.100 -5.318  -12.910 1.00 35.93 ? 34 LEU C C   1 
ATOM   1348 O O   . LEU C 1 35 ? -9.325  -6.271  -12.912 1.00 34.98 ? 34 LEU C O   1 
ATOM   1349 C CB  . LEU C 1 35 ? -9.697  -3.465  -14.541 1.00 34.93 ? 34 LEU C CB  1 
ATOM   1350 C CG  . LEU C 1 35 ? -9.848  -2.896  -15.948 1.00 35.68 ? 34 LEU C CG  1 
ATOM   1351 C CD1 . LEU C 1 35 ? -9.125  -1.564  -16.035 1.00 38.35 ? 34 LEU C CD1 1 
ATOM   1352 C CD2 . LEU C 1 35 ? -9.291  -3.873  -16.967 1.00 35.92 ? 34 LEU C CD2 1 
ATOM   1353 N N   . LYS C 1 36 ? -10.572 -4.789  -11.787 1.00 37.14 ? 35 LYS C N   1 
ATOM   1354 C CA  . LYS C 1 36 ? -10.198 -5.367  -10.505 1.00 39.83 ? 35 LYS C CA  1 
ATOM   1355 C C   . LYS C 1 36 ? -10.823 -6.755  -10.427 1.00 40.44 ? 35 LYS C C   1 
ATOM   1356 O O   . LYS C 1 36 ? -10.236 -7.681  -9.872  1.00 39.22 ? 35 LYS C O   1 
ATOM   1357 C CB  . LYS C 1 36 ? -10.691 -4.496  -9.343  1.00 41.35 ? 35 LYS C CB  1 
ATOM   1358 C CG  . LYS C 1 36 ? -10.474 -5.127  -7.970  1.00 44.03 ? 35 LYS C CG  1 
ATOM   1359 C CD  . LYS C 1 36 ? -10.606 -4.106  -6.838  1.00 46.93 ? 35 LYS C CD  1 
ATOM   1360 C CE  . LYS C 1 36 ? -9.466  -3.089  -6.877  1.00 48.94 ? 35 LYS C CE  1 
ATOM   1361 N NZ  . LYS C 1 36 ? -9.508  -2.110  -5.746  1.00 48.56 ? 35 LYS C NZ  1 
ATOM   1362 N N   . GLU C 1 37 ? -12.016 -6.884  -11.004 1.00 41.48 ? 36 GLU C N   1 
ATOM   1363 C CA  . GLU C 1 37 ? -12.745 -8.147  -11.030 1.00 44.29 ? 36 GLU C CA  1 
ATOM   1364 C C   . GLU C 1 37 ? -11.952 -9.200  -11.793 1.00 42.35 ? 36 GLU C C   1 
ATOM   1365 O O   . GLU C 1 37 ? -11.796 -10.327 -11.340 1.00 42.07 ? 36 GLU C O   1 
ATOM   1366 C CB  . GLU C 1 37 ? -14.100 -7.948  -11.707 1.00 47.46 ? 36 GLU C CB  1 
ATOM   1367 C CG  . GLU C 1 37 ? -15.284 -8.123  -10.791 1.00 53.36 ? 36 GLU C CG  1 
ATOM   1368 C CD  . GLU C 1 37 ? -15.449 -9.552  -10.329 1.00 57.02 ? 36 GLU C CD  1 
ATOM   1369 O OE1 . GLU C 1 37 ? -14.550 -10.061 -9.627  1.00 59.62 ? 36 GLU C OE1 1 
ATOM   1370 O OE2 . GLU C 1 37 ? -16.480 -10.168 -10.674 1.00 60.19 ? 36 GLU C OE2 1 
ATOM   1371 N N   . LEU C 1 38 ? -11.467 -8.816  -12.964 1.00 42.36 ? 37 LEU C N   1 
ATOM   1372 C CA  . LEU C 1 38 ? -10.679 -9.709  -13.796 1.00 42.72 ? 37 LEU C CA  1 
ATOM   1373 C C   . LEU C 1 38 ? -9.441  -10.159 -13.047 1.00 43.57 ? 37 LEU C C   1 
ATOM   1374 O O   . LEU C 1 38 ? -9.185  -11.356 -12.926 1.00 43.91 ? 37 LEU C O   1 
ATOM   1375 C CB  . LEU C 1 38 ? -10.272 -9.001  -15.085 1.00 41.68 ? 37 LEU C CB  1 
ATOM   1376 C CG  . LEU C 1 38 ? -11.442 -8.682  -16.014 1.00 41.28 ? 37 LEU C CG  1 
ATOM   1377 C CD1 . LEU C 1 38 ? -10.958 -7.846  -17.192 1.00 40.07 ? 37 LEU C CD1 1 
ATOM   1378 C CD2 . LEU C 1 38 ? -12.072 -9.987  -16.484 1.00 41.38 ? 37 LEU C CD2 1 
ATOM   1379 N N   . TYR C 1 39 ? -8.677  -9.194  -12.544 1.00 43.83 ? 38 TYR C N   1 
ATOM   1380 C CA  . TYR C 1 39 ? -7.457  -9.493  -11.809 1.00 44.11 ? 38 TYR C CA  1 
ATOM   1381 C C   . TYR C 1 39 ? -7.704  -10.439 -10.630 1.00 44.39 ? 38 TYR C C   1 
ATOM   1382 O O   . TYR C 1 39 ? -6.874  -11.293 -10.331 1.00 43.17 ? 38 TYR C O   1 
ATOM   1383 C CB  . TYR C 1 39 ? -6.803  -8.204  -11.315 1.00 45.14 ? 38 TYR C CB  1 
ATOM   1384 C CG  . TYR C 1 39 ? -5.592  -8.464  -10.460 1.00 45.79 ? 38 TYR C CG  1 
ATOM   1385 C CD1 . TYR C 1 39 ? -4.438  -9.030  -11.003 1.00 47.27 ? 38 TYR C CD1 1 
ATOM   1386 C CD2 . TYR C 1 39 ? -5.625  -8.222  -9.090  1.00 47.02 ? 38 TYR C CD2 1 
ATOM   1387 C CE1 . TYR C 1 39 ? -3.346  -9.358  -10.198 1.00 47.52 ? 38 TYR C CE1 1 
ATOM   1388 C CE2 . TYR C 1 39 ? -4.542  -8.543  -8.277  1.00 48.41 ? 38 TYR C CE2 1 
ATOM   1389 C CZ  . TYR C 1 39 ? -3.408  -9.113  -8.836  1.00 48.47 ? 38 TYR C CZ  1 
ATOM   1390 O OH  . TYR C 1 39 ? -2.353  -9.456  -8.022  1.00 50.10 ? 38 TYR C OH  1 
ATOM   1391 N N   . MET C 1 40 ? -8.837  -10.284 -9.954  1.00 45.53 ? 39 MET C N   1 
ATOM   1392 C CA  . MET C 1 40 ? -9.169  -11.154 -8.832  1.00 47.43 ? 39 MET C CA  1 
ATOM   1393 C C   . MET C 1 40 ? -9.429  -12.580 -9.323  1.00 47.33 ? 39 MET C C   1 
ATOM   1394 O O   . MET C 1 40 ? -9.118  -13.548 -8.634  1.00 47.15 ? 39 MET C O   1 
ATOM   1395 C CB  . MET C 1 40 ? -10.412 -10.642 -8.108  1.00 50.59 ? 39 MET C CB  1 
ATOM   1396 C CG  . MET C 1 40 ? -10.153 -9.562  -7.074  1.00 56.46 ? 39 MET C CG  1 
ATOM   1397 S SD  . MET C 1 40 ? -11.709 -8.849  -6.486  1.00 63.96 ? 39 MET C SD  1 
ATOM   1398 C CE  . MET C 1 40 ? -12.402 -10.225 -5.501  1.00 60.63 ? 39 MET C CE  1 
ATOM   1399 N N   . ASN C 1 41 ? -10.009 -12.700 -10.513 1.00 46.86 ? 40 ASN C N   1 
ATOM   1400 C CA  . ASN C 1 41 ? -10.308 -14.008 -11.083 1.00 45.93 ? 40 ASN C CA  1 
ATOM   1401 C C   . ASN C 1 41 ? -9.115  -14.524 -11.873 1.00 45.76 ? 40 ASN C C   1 
ATOM   1402 O O   . ASN C 1 41 ? -9.226  -15.502 -12.614 1.00 46.33 ? 40 ASN C O   1 
ATOM   1403 C CB  . ASN C 1 41 ? -11.535 -13.925 -11.992 1.00 47.07 ? 40 ASN C CB  1 
ATOM   1404 C CG  . ASN C 1 41 ? -12.740 -13.318 -11.292 1.00 47.95 ? 40 ASN C CG  1 
ATOM   1405 O OD1 . ASN C 1 41 ? -13.021 -13.624 -10.136 1.00 47.83 ? 40 ASN C OD1 1 
ATOM   1406 N ND2 . ASN C 1 41 ? -13.462 -12.461 -11.997 1.00 49.19 ? 40 ASN C ND2 1 
ATOM   1407 N N   . HIS C 1 42 ? -7.982  -13.840 -11.719 1.00 43.48 ? 41 HIS C N   1 
ATOM   1408 C CA  . HIS C 1 42 ? -6.737  -14.213 -12.380 1.00 40.54 ? 41 HIS C CA  1 
ATOM   1409 C C   . HIS C 1 42 ? -6.834  -14.240 -13.905 1.00 38.23 ? 41 HIS C C   1 
ATOM   1410 O O   . HIS C 1 42 ? -6.199  -15.077 -14.552 1.00 36.46 ? 41 HIS C O   1 
ATOM   1411 C CB  . HIS C 1 42 ? -6.281  -15.584 -11.875 1.00 41.85 ? 41 HIS C CB  1 
ATOM   1412 C CG  . HIS C 1 42 ? -6.284  -15.710 -10.382 1.00 42.60 ? 41 HIS C CG  1 
ATOM   1413 N ND1 . HIS C 1 42 ? -5.526  -14.896 -9.564  1.00 43.18 ? 41 HIS C ND1 1 
ATOM   1414 C CD2 . HIS C 1 42 ? -6.959  -16.547 -9.559  1.00 42.24 ? 41 HIS C CD2 1 
ATOM   1415 C CE1 . HIS C 1 42 ? -5.737  -15.229 -8.301  1.00 44.23 ? 41 HIS C CE1 1 
ATOM   1416 N NE2 . HIS C 1 42 ? -6.602  -16.227 -8.271  1.00 42.18 ? 41 HIS C NE2 1 
ATOM   1417 N N   . MET C 1 43 ? -7.607  -13.322 -14.480 1.00 35.81 ? 42 MET C N   1 
ATOM   1418 C CA  . MET C 1 43 ? -7.749  -13.286 -15.930 1.00 33.99 ? 42 MET C CA  1 
ATOM   1419 C C   . MET C 1 43 ? -6.863  -12.248 -16.607 1.00 32.16 ? 42 MET C C   1 
ATOM   1420 O O   . MET C 1 43 ? -6.772  -12.203 -17.834 1.00 31.99 ? 42 MET C O   1 
ATOM   1421 C CB  . MET C 1 43 ? -9.220  -13.117 -16.303 1.00 35.65 ? 42 MET C CB  1 
ATOM   1422 C CG  . MET C 1 43 ? -10.039 -14.319 -15.847 1.00 38.30 ? 42 MET C CG  1 
ATOM   1423 S SD  . MET C 1 43 ? -11.708 -14.365 -16.480 1.00 39.73 ? 42 MET C SD  1 
ATOM   1424 C CE  . MET C 1 43 ? -12.634 -14.152 -15.002 1.00 38.46 ? 42 MET C CE  1 
ATOM   1425 N N   . ILE C 1 44 ? -6.221  -11.407 -15.804 1.00 29.17 ? 43 ILE C N   1 
ATOM   1426 C CA  . ILE C 1 44 ? -5.265  -10.431 -16.323 1.00 30.06 ? 43 ILE C CA  1 
ATOM   1427 C C   . ILE C 1 44 ? -4.089  -10.418 -15.348 1.00 28.63 ? 43 ILE C C   1 
ATOM   1428 O O   . ILE C 1 44 ? -4.266  -10.662 -14.156 1.00 27.95 ? 43 ILE C O   1 
ATOM   1429 C CB  . ILE C 1 44 ? -5.847  -8.979  -16.474 1.00 27.78 ? 43 ILE C CB  1 
ATOM   1430 C CG1 . ILE C 1 44 ? -6.403  -8.462  -15.151 1.00 28.78 ? 43 ILE C CG1 1 
ATOM   1431 C CG2 . ILE C 1 44 ? -6.924  -8.963  -17.535 1.00 28.22 ? 43 ILE C CG2 1 
ATOM   1432 C CD1 . ILE C 1 44 ? -7.010  -7.046  -15.267 1.00 31.72 ? 43 ILE C CD1 1 
ATOM   1433 N N   . GLU C 1 45 ? -2.890  -10.190 -15.868 1.00 29.59 ? 44 GLU C N   1 
ATOM   1434 C CA  . GLU C 1 45 ? -1.689  -10.129 -15.040 1.00 33.24 ? 44 GLU C CA  1 
ATOM   1435 C C   . GLU C 1 45 ? -1.713  -8.880  -14.157 1.00 33.29 ? 44 GLU C C   1 
ATOM   1436 O O   . GLU C 1 45 ? -2.450  -7.923  -14.425 1.00 29.84 ? 44 GLU C O   1 
ATOM   1437 C CB  . GLU C 1 45 ? -0.443  -10.077 -15.927 1.00 36.88 ? 44 GLU C CB  1 
ATOM   1438 C CG  . GLU C 1 45 ? 0.395   -11.352 -15.925 1.00 43.93 ? 44 GLU C CG  1 
ATOM   1439 C CD  . GLU C 1 45 ? -0.436  -12.595 -16.169 1.00 44.69 ? 44 GLU C CD  1 
ATOM   1440 O OE1 . GLU C 1 45 ? -1.019  -13.135 -15.198 1.00 44.62 ? 44 GLU C OE1 1 
ATOM   1441 O OE2 . GLU C 1 45 ? -0.511  -13.019 -17.341 1.00 48.23 ? 44 GLU C OE2 1 
ATOM   1442 N N   . LYS C 1 46 ? -0.899  -8.891  -13.106 1.00 34.21 ? 45 LYS C N   1 
ATOM   1443 C CA  . LYS C 1 46 ? -0.824  -7.745  -12.207 1.00 34.77 ? 45 LYS C CA  1 
ATOM   1444 C C   . LYS C 1 46 ? -0.264  -6.546  -12.976 1.00 33.33 ? 45 LYS C C   1 
ATOM   1445 O O   . LYS C 1 46 ? -0.620  -5.406  -12.693 1.00 34.60 ? 45 LYS C O   1 
ATOM   1446 C CB  . LYS C 1 46 ? 0.068   -8.060  -11.005 1.00 34.96 ? 45 LYS C CB  1 
ATOM   1447 C CG  . LYS C 1 46 ? 1.556   -8.024  -11.323 1.00 37.72 ? 45 LYS C CG  1 
ATOM   1448 C CD  . LYS C 1 46 ? 2.400   -8.249  -10.086 1.00 39.72 ? 45 LYS C CD  1 
ATOM   1449 C CE  . LYS C 1 46 ? 2.587   -9.724  -9.817  1.00 41.99 ? 45 LYS C CE  1 
ATOM   1450 N NZ  . LYS C 1 46 ? 3.352   -10.350 -10.933 1.00 41.29 ? 45 LYS C NZ  1 
ATOM   1451 N N   . GLU C 1 47 ? 0.614   -6.804  -13.946 1.00 33.16 ? 46 GLU C N   1 
ATOM   1452 C CA  . GLU C 1 47 ? 1.195   -5.728  -14.753 1.00 33.89 ? 46 GLU C CA  1 
ATOM   1453 C C   . GLU C 1 47 ? 0.115   -5.074  -15.590 1.00 33.80 ? 46 GLU C C   1 
ATOM   1454 O O   . GLU C 1 47 ? -0.038  -3.843  -15.581 1.00 29.84 ? 46 GLU C O   1 
ATOM   1455 C CB  . GLU C 1 47 ? 2.300   -6.265  -15.667 1.00 37.17 ? 46 GLU C CB  1 
ATOM   1456 C CG  . GLU C 1 47 ? 3.494   -6.887  -14.968 1.00 41.94 ? 46 GLU C CG  1 
ATOM   1457 C CD  . GLU C 1 47 ? 3.153   -8.185  -14.271 1.00 45.04 ? 46 GLU C CD  1 
ATOM   1458 O OE1 . GLU C 1 47 ? 2.266   -8.912  -14.765 1.00 46.97 ? 46 GLU C OE1 1 
ATOM   1459 O OE2 . GLU C 1 47 ? 3.788   -8.490  -13.237 1.00 49.11 ? 46 GLU C OE2 1 
ATOM   1460 N N   . GLN C 1 48 ? -0.626  -5.905  -16.320 1.00 32.46 ? 47 GLN C N   1 
ATOM   1461 C CA  . GLN C 1 48 ? -1.730  -5.443  -17.189 1.00 33.18 ? 47 GLN C CA  1 
ATOM   1462 C C   . GLN C 1 48 ? -2.704  -4.590  -16.405 1.00 31.65 ? 47 GLN C C   1 
ATOM   1463 O O   . GLN C 1 48 ? -3.152  -3.540  -16.835 1.00 31.54 ? 47 GLN C O   1 
ATOM   1464 C CB  . GLN C 1 48 ? -2.500  -6.663  -17.738 1.00 35.95 ? 47 GLN C CB  1 
ATOM   1465 C CG  . GLN C 1 48 ? -1.850  -7.477  -18.835 1.00 41.53 ? 47 GLN C CG  1 
ATOM   1466 C CD  . GLN C 1 48 ? -2.794  -8.578  -19.290 1.00 44.27 ? 47 GLN C CD  1 
ATOM   1467 O OE1 . GLN C 1 48 ? -2.897  -9.632  -18.655 1.00 44.79 ? 47 GLN C OE1 1 
ATOM   1468 N NE2 . GLN C 1 48 ? -3.514  -8.323  -20.378 1.00 43.70 ? 47 GLN C NE2 1 
ATOM   1469 N N   . TRP C 1 49 ? -3.030  -5.117  -15.243 1.00 31.94 ? 48 TRP C N   1 
ATOM   1470 C CA  . TRP C 1 49 ? -3.967  -4.474  -14.327 1.00 33.02 ? 48 TRP C CA  1 
ATOM   1471 C C   . TRP C 1 49 ? -3.484  -3.141  -13.759 1.00 31.72 ? 48 TRP C C   1 
ATOM   1472 O O   . TRP C 1 49 ? -4.224  -2.155  -13.766 1.00 31.27 ? 48 TRP C O   1 
ATOM   1473 C CB  . TRP C 1 49 ? -4.311  -5.462  -13.225 1.00 34.67 ? 48 TRP C CB  1 
ATOM   1474 C CG  . TRP C 1 49 ? -4.760  -4.864  -11.907 1.00 39.89 ? 48 TRP C CG  1 
ATOM   1475 C CD1 . TRP C 1 49 ? -4.183  -5.055  -10.662 1.00 42.05 ? 48 TRP C CD1 1 
ATOM   1476 C CD2 . TRP C 1 49 ? -5.899  -4.025  -11.690 1.00 40.94 ? 48 TRP C CD2 1 
ATOM   1477 N NE1 . TRP C 1 49 ? -4.907  -4.387  -9.699  1.00 43.63 ? 48 TRP C NE1 1 
ATOM   1478 C CE2 . TRP C 1 49 ? -5.964  -3.747  -10.299 1.00 42.24 ? 48 TRP C CE2 1 
ATOM   1479 C CE3 . TRP C 1 49 ? -6.880  -3.484  -12.532 1.00 42.12 ? 48 TRP C CE3 1 
ATOM   1480 C CZ2 . TRP C 1 49 ? -6.969  -2.939  -9.737  1.00 43.49 ? 48 TRP C CZ2 1 
ATOM   1481 C CZ3 . TRP C 1 49 ? -7.885  -2.678  -11.973 1.00 43.81 ? 48 TRP C CZ3 1 
ATOM   1482 C CH2 . TRP C 1 49 ? -7.920  -2.418  -10.588 1.00 44.54 ? 48 TRP C CH2 1 
ATOM   1483 N N   . ALA C 1 50 ? -2.265  -3.129  -13.238 1.00 31.17 ? 49 ALA C N   1 
ATOM   1484 C CA  . ALA C 1 50 ? -1.709  -1.885  -12.711 1.00 29.14 ? 49 ALA C CA  1 
ATOM   1485 C C   . ALA C 1 50 ? -1.677  -0.818  -13.837 1.00 27.91 ? 49 ALA C C   1 
ATOM   1486 O O   . ALA C 1 50 ? -2.001  0.356   -13.638 1.00 26.12 ? 49 ALA C O   1 
ATOM   1487 C CB  . ALA C 1 50 ? -0.283  -2.121  -12.181 1.00 29.11 ? 49 ALA C CB  1 
ATOM   1488 N N   . ARG C 1 51 ? -1.256  -1.241  -15.023 1.00 26.06 ? 50 ARG C N   1 
ATOM   1489 C CA  . ARG C 1 51 ? -1.178  -0.334  -16.152 1.00 25.77 ? 50 ARG C CA  1 
ATOM   1490 C C   . ARG C 1 51 ? -2.539  0.145   -16.669 1.00 26.31 ? 50 ARG C C   1 
ATOM   1491 O O   . ARG C 1 51 ? -2.699  1.328   -16.988 1.00 26.99 ? 50 ARG C O   1 
ATOM   1492 C CB  . ARG C 1 51 ? -0.414  -0.971  -17.299 1.00 24.60 ? 50 ARG C CB  1 
ATOM   1493 C CG  . ARG C 1 51 ? -0.373  -0.115  -18.539 1.00 27.09 ? 50 ARG C CG  1 
ATOM   1494 C CD  . ARG C 1 51 ? 0.540   1.093   -18.335 1.00 28.90 ? 50 ARG C CD  1 
ATOM   1495 N NE  . ARG C 1 51 ? 0.802   1.793   -19.590 1.00 29.17 ? 50 ARG C NE  1 
ATOM   1496 C CZ  . ARG C 1 51 ? 1.757   2.706   -19.761 1.00 32.10 ? 50 ARG C CZ  1 
ATOM   1497 N NH1 . ARG C 1 51 ? 2.555   3.050   -18.759 1.00 32.98 ? 50 ARG C NH1 1 
ATOM   1498 N NH2 . ARG C 1 51 ? 1.926   3.270   -20.946 1.00 32.74 ? 50 ARG C NH2 1 
ATOM   1499 N N   . ALA C 1 52 ? -3.519  -0.750  -16.764 1.00 24.42 ? 51 ALA C N   1 
ATOM   1500 C CA  . ALA C 1 52 ? -4.843  -0.351  -17.264 1.00 23.46 ? 51 ALA C CA  1 
ATOM   1501 C C   . ALA C 1 52 ? -5.536  0.580   -16.285 1.00 21.07 ? 51 ALA C C   1 
ATOM   1502 O O   . ALA C 1 52 ? -6.206  1.531   -16.682 1.00 21.11 ? 51 ALA C O   1 
ATOM   1503 C CB  . ALA C 1 52 ? -5.739  -1.589  -17.525 1.00 21.24 ? 51 ALA C CB  1 
ATOM   1504 N N   . ALA C 1 53 ? -5.386  0.292   -14.997 1.00 21.34 ? 52 ALA C N   1 
ATOM   1505 C CA  . ALA C 1 53 ? -6.008  1.115   -13.971 1.00 21.28 ? 52 ALA C CA  1 
ATOM   1506 C C   . ALA C 1 53 ? -5.374  2.513   -14.003 1.00 23.69 ? 52 ALA C C   1 
ATOM   1507 O O   . ALA C 1 53 ? -6.081  3.511   -13.892 1.00 23.12 ? 52 ALA C O   1 
ATOM   1508 C CB  . ALA C 1 53 ? -5.827  0.469   -12.602 1.00 21.97 ? 52 ALA C CB  1 
ATOM   1509 N N   . ALA C 1 54 ? -4.052  2.587   -14.189 1.00 23.08 ? 53 ALA C N   1 
ATOM   1510 C CA  . ALA C 1 54 ? -3.363  3.881   -14.238 1.00 23.69 ? 53 ALA C CA  1 
ATOM   1511 C C   . ALA C 1 54 ? -3.783  4.679   -15.470 1.00 24.09 ? 53 ALA C C   1 
ATOM   1512 O O   . ALA C 1 54 ? -4.010  5.885   -15.382 1.00 23.44 ? 53 ALA C O   1 
ATOM   1513 C CB  . ALA C 1 54 ? -1.849  3.686   -14.232 1.00 23.01 ? 53 ALA C CB  1 
ATOM   1514 N N   . VAL C 1 55 ? -3.885  4.012   -16.617 1.00 22.29 ? 54 VAL C N   1 
ATOM   1515 C CA  . VAL C 1 55 ? -4.311  4.689   -17.842 1.00 23.23 ? 54 VAL C CA  1 
ATOM   1516 C C   . VAL C 1 55 ? -5.728  5.274   -17.654 1.00 24.54 ? 54 VAL C C   1 
ATOM   1517 O O   . VAL C 1 55 ? -6.034  6.361   -18.142 1.00 25.47 ? 54 VAL C O   1 
ATOM   1518 C CB  . VAL C 1 55 ? -4.327  3.712   -19.048 1.00 24.96 ? 54 VAL C CB  1 
ATOM   1519 C CG1 . VAL C 1 55 ? -4.909  4.401   -20.281 1.00 23.78 ? 54 VAL C CG1 1 
ATOM   1520 C CG2 . VAL C 1 55 ? -2.912  3.211   -19.333 1.00 25.57 ? 54 VAL C CG2 1 
ATOM   1521 N N   . LEU C 1 56 ? -6.585  4.548   -16.945 1.00 24.21 ? 55 LEU C N   1 
ATOM   1522 C CA  . LEU C 1 56 ? -7.944  5.009   -16.691 1.00 26.76 ? 55 LEU C CA  1 
ATOM   1523 C C   . LEU C 1 56 ? -7.990  6.156   -15.685 1.00 27.16 ? 55 LEU C C   1 
ATOM   1524 O O   . LEU C 1 56 ? -8.802  7.070   -15.818 1.00 27.02 ? 55 LEU C O   1 
ATOM   1525 C CB  . LEU C 1 56 ? -8.809  3.855   -16.188 1.00 23.56 ? 55 LEU C CB  1 
ATOM   1526 C CG  . LEU C 1 56 ? -9.151  2.869   -17.297 1.00 24.30 ? 55 LEU C CG  1 
ATOM   1527 C CD1 . LEU C 1 56 ? -9.903  1.680   -16.737 1.00 25.08 ? 55 LEU C CD1 1 
ATOM   1528 C CD2 . LEU C 1 56 ? -9.966  3.590   -18.346 1.00 25.86 ? 55 LEU C CD2 1 
ATOM   1529 N N   . ARG C 1 57 ? -7.125  6.105   -14.676 1.00 29.74 ? 56 ARG C N   1 
ATOM   1530 C CA  . ARG C 1 57 ? -7.090  7.159   -13.672 1.00 32.64 ? 56 ARG C CA  1 
ATOM   1531 C C   . ARG C 1 57 ? -6.569  8.464   -14.269 1.00 33.42 ? 56 ARG C C   1 
ATOM   1532 O O   . ARG C 1 57 ? -6.869  9.552   -13.770 1.00 33.60 ? 56 ARG C O   1 
ATOM   1533 C CB  . ARG C 1 57 ? -6.239  6.725   -12.482 1.00 34.33 ? 56 ARG C CB  1 
ATOM   1534 C CG  . ARG C 1 57 ? -6.880  5.585   -11.715 1.00 37.53 ? 56 ARG C CG  1 
ATOM   1535 C CD  . ARG C 1 57 ? -6.198  5.296   -10.389 1.00 41.97 ? 56 ARG C CD  1 
ATOM   1536 N NE  . ARG C 1 57 ? -7.005  4.379   -9.583  1.00 46.02 ? 56 ARG C NE  1 
ATOM   1537 C CZ  . ARG C 1 57 ? -8.190  4.689   -9.061  1.00 46.27 ? 56 ARG C CZ  1 
ATOM   1538 N NH1 . ARG C 1 57 ? -8.711  5.895   -9.251  1.00 46.46 ? 56 ARG C NH1 1 
ATOM   1539 N NH2 . ARG C 1 57 ? -8.861  3.794   -8.350  1.00 46.55 ? 56 ARG C NH2 1 
ATOM   1540 N N   . LYS C 1 58 ? -5.790  8.346   -15.341 1.00 32.08 ? 57 LYS C N   1 
ATOM   1541 C CA  . LYS C 1 58 ? -5.256  9.511   -16.036 1.00 31.95 ? 57 LYS C CA  1 
ATOM   1542 C C   . LYS C 1 58 ? -6.397  10.002  -16.907 1.00 33.01 ? 57 LYS C C   1 
ATOM   1543 O O   . LYS C 1 58 ? -6.641  11.200  -17.042 1.00 30.45 ? 57 LYS C O   1 
ATOM   1544 C CB  . LYS C 1 58 ? -4.066  9.113   -16.913 1.00 29.07 ? 57 LYS C CB  1 
ATOM   1545 C CG  . LYS C 1 58 ? -3.588  10.211  -17.854 1.00 31.43 ? 57 LYS C CG  1 
ATOM   1546 C CD  . LYS C 1 58 ? -2.281  9.830   -18.531 1.00 32.09 ? 57 LYS C CD  1 
ATOM   1547 C CE  . LYS C 1 58 ? -1.861  10.838  -19.602 1.00 34.61 ? 57 LYS C CE  1 
ATOM   1548 N NZ  . LYS C 1 58 ? -2.772  10.828  -20.791 1.00 34.70 ? 57 LYS C NZ  1 
ATOM   1549 N N   . GLU C 1 59 ? -7.093  9.043   -17.498 1.00 35.73 ? 58 GLU C N   1 
ATOM   1550 C CA  . GLU C 1 59 ? -8.232  9.327   -18.351 1.00 39.52 ? 58 GLU C CA  1 
ATOM   1551 C C   . GLU C 1 59 ? -9.293  10.076  -17.563 1.00 40.86 ? 58 GLU C C   1 
ATOM   1552 O O   . GLU C 1 59 ? -9.883  11.043  -18.049 1.00 42.33 ? 58 GLU C O   1 
ATOM   1553 C CB  . GLU C 1 59 ? -8.812  8.022   -18.887 1.00 41.13 ? 58 GLU C CB  1 
ATOM   1554 C CG  . GLU C 1 59 ? -8.519  7.812   -20.344 1.00 46.68 ? 58 GLU C CG  1 
ATOM   1555 C CD  . GLU C 1 59 ? -9.132  8.906   -21.191 1.00 50.04 ? 58 GLU C CD  1 
ATOM   1556 O OE1 . GLU C 1 59 ? -8.742  9.036   -22.369 1.00 52.38 ? 58 GLU C OE1 1 
ATOM   1557 O OE2 . GLU C 1 59 ? -10.011 9.632   -20.677 1.00 52.49 ? 58 GLU C OE2 1 
ATOM   1558 N N   . LEU C 1 60 ? -9.517  9.633   -16.335 1.00 41.41 ? 59 LEU C N   1 
ATOM   1559 C CA  . LEU C 1 60 ? -10.517 10.242  -15.474 1.00 44.82 ? 59 LEU C CA  1 
ATOM   1560 C C   . LEU C 1 60 ? -10.134 11.656  -15.058 1.00 47.04 ? 59 LEU C C   1 
ATOM   1561 O O   . LEU C 1 60 ? -10.991 12.525  -14.952 1.00 47.15 ? 59 LEU C O   1 
ATOM   1562 C CB  . LEU C 1 60 ? -10.724 9.369   -14.234 1.00 46.12 ? 59 LEU C CB  1 
ATOM   1563 C CG  . LEU C 1 60 ? -12.106 9.403   -13.575 1.00 46.31 ? 59 LEU C CG  1 
ATOM   1564 C CD1 . LEU C 1 60 ? -13.185 9.102   -14.614 1.00 48.06 ? 59 LEU C CD1 1 
ATOM   1565 C CD2 . LEU C 1 60 ? -12.148 8.382   -12.465 1.00 46.61 ? 59 LEU C CD2 1 
ATOM   1566 N N   . GLU C 1 61 ? -8.844  11.884  -14.830 1.00 49.02 ? 60 GLU C N   1 
ATOM   1567 C CA  . GLU C 1 61 ? -8.363  13.198  -14.417 1.00 51.16 ? 60 GLU C CA  1 
ATOM   1568 C C   . GLU C 1 61 ? -8.417  14.210  -15.555 1.00 51.96 ? 60 GLU C C   1 
ATOM   1569 O O   . GLU C 1 61 ? -8.593  15.403  -15.321 1.00 50.99 ? 60 GLU C O   1 
ATOM   1570 C CB  . GLU C 1 61 ? -6.931  13.094  -13.885 1.00 53.64 ? 60 GLU C CB  1 
ATOM   1571 C CG  . GLU C 1 61 ? -6.321  14.429  -13.506 1.00 56.60 ? 60 GLU C CG  1 
ATOM   1572 C CD  . GLU C 1 61 ? -7.171  15.189  -12.505 1.00 59.76 ? 60 GLU C CD  1 
ATOM   1573 O OE1 . GLU C 1 61 ? -7.268  14.733  -11.348 1.00 60.72 ? 60 GLU C OE1 1 
ATOM   1574 O OE2 . GLU C 1 61 ? -7.749  16.237  -12.877 1.00 61.12 ? 60 GLU C OE2 1 
ATOM   1575 N N   . GLN C 1 62 ? -8.270  13.727  -16.785 1.00 53.73 ? 61 GLN C N   1 
ATOM   1576 C CA  . GLN C 1 62 ? -8.303  14.594  -17.956 1.00 56.63 ? 61 GLN C CA  1 
ATOM   1577 C C   . GLN C 1 62 ? -9.708  15.080  -18.314 1.00 58.14 ? 61 GLN C C   1 
ATOM   1578 O O   . GLN C 1 62 ? -9.886  16.227  -18.720 1.00 58.94 ? 61 GLN C O   1 
ATOM   1579 C CB  . GLN C 1 62 ? -7.683  13.878  -19.156 1.00 56.77 ? 61 GLN C CB  1 
ATOM   1580 C CG  . GLN C 1 62 ? -6.172  13.729  -19.064 1.00 58.11 ? 61 GLN C CG  1 
ATOM   1581 C CD  . GLN C 1 62 ? -5.580  12.955  -20.230 1.00 58.76 ? 61 GLN C CD  1 
ATOM   1582 O OE1 . GLN C 1 62 ? -4.362  12.862  -20.369 1.00 60.27 ? 61 GLN C OE1 1 
ATOM   1583 N NE2 . GLN C 1 62 ? -6.441  12.390  -21.070 1.00 58.54 ? 61 GLN C NE2 1 
ATOM   1584 N N   . THR C 1 63 ? -10.707 14.215  -18.177 1.00 59.60 ? 62 THR C N   1 
ATOM   1585 C CA  . THR C 1 63 ? -12.071 14.619  -18.489 1.00 61.53 ? 62 THR C CA  1 
ATOM   1586 C C   . THR C 1 63 ? -12.746 15.186  -17.241 1.00 61.87 ? 62 THR C C   1 
ATOM   1587 O O   . THR C 1 63 ? -13.064 16.394  -17.236 1.00 62.78 ? 62 THR C O   1 
ATOM   1588 C CB  . THR C 1 63 ? -12.911 13.432  -19.046 1.00 62.01 ? 62 THR C CB  1 
ATOM   1589 O OG1 . THR C 1 63 ? -12.957 12.365  -18.089 1.00 62.31 ? 62 THR C OG1 1 
ATOM   1590 C CG2 . THR C 1 63 ? -12.301 12.917  -20.341 1.00 61.73 ? 62 THR C CG2 1 
HETATM 1591 O O   . HOH D 2 .  ? -9.041  12.140  19.914  1.00 25.36 ? 72 HOH A O   1 
HETATM 1592 O O   . HOH D 2 .  ? 5.042   14.603  7.957   1.00 24.93 ? 73 HOH A O   1 
HETATM 1593 O O   . HOH D 2 .  ? 6.240   7.579   13.844  1.00 35.55 ? 74 HOH A O   1 
HETATM 1594 O O   . HOH D 2 .  ? 7.097   -0.365  -7.910  1.00 36.48 ? 75 HOH A O   1 
HETATM 1595 O O   . HOH D 2 .  ? 3.912   -9.803  -3.618  1.00 47.04 ? 76 HOH A O   1 
HETATM 1596 O O   . HOH D 2 .  ? -5.529  15.300  16.822  1.00 30.03 ? 77 HOH A O   1 
HETATM 1597 O O   . HOH D 2 .  ? 8.724   -4.451  -9.498  1.00 47.67 ? 78 HOH A O   1 
HETATM 1598 O O   . HOH D 2 .  ? 2.944   -1.946  -7.050  1.00 26.44 ? 79 HOH A O   1 
HETATM 1599 O O   . HOH D 2 .  ? -13.976 10.637  6.966   1.00 37.62 ? 80 HOH A O   1 
HETATM 1600 O O   . HOH D 2 .  ? 11.704  15.895  -0.918  1.00 42.06 ? 81 HOH A O   1 
HETATM 1601 O O   . HOH D 2 .  ? -6.614  1.152   -0.336  1.00 30.78 ? 82 HOH A O   1 
HETATM 1602 O O   . HOH D 2 .  ? 2.426   -4.114  -5.877  1.00 42.46 ? 83 HOH A O   1 
HETATM 1603 O O   . HOH D 2 .  ? 10.848  6.051   -1.731  1.00 32.21 ? 84 HOH A O   1 
HETATM 1604 O O   . HOH D 2 .  ? 0.369   4.296   17.983  1.00 50.72 ? 85 HOH A O   1 
HETATM 1605 O O   . HOH D 2 .  ? 3.392   -6.958  -3.809  1.00 47.05 ? 86 HOH A O   1 
HETATM 1606 O O   . HOH D 2 .  ? 5.299   18.855  -1.432  1.00 49.82 ? 87 HOH A O   1 
HETATM 1607 O O   . HOH D 2 .  ? -3.658  19.182  5.337   1.00 44.67 ? 88 HOH A O   1 
HETATM 1608 O O   . HOH D 2 .  ? -2.208  20.029  9.432   1.00 44.40 ? 89 HOH A O   1 
HETATM 1609 O O   . HOH D 2 .  ? -5.012  19.652  -4.936  1.00 30.34 ? 90 HOH A O   1 
HETATM 1610 O O   . HOH D 2 .  ? 4.718   -6.022  -5.884  1.00 47.91 ? 91 HOH A O   1 
HETATM 1611 O O   . HOH D 2 .  ? 6.383   -1.627  -11.109 1.00 48.62 ? 92 HOH A O   1 
HETATM 1612 O O   . HOH D 2 .  ? 2.834   -4.304  -10.993 1.00 36.71 ? 93 HOH A O   1 
HETATM 1613 O O   . HOH D 2 .  ? 4.409   -5.985  -9.046  1.00 37.29 ? 94 HOH A O   1 
HETATM 1614 O O   . HOH D 2 .  ? 6.696   -3.927  -7.103  1.00 43.51 ? 95 HOH A O   1 
HETATM 1615 O O   . HOH D 2 .  ? 3.598   -0.713  -9.924  1.00 34.90 ? 96 HOH A O   1 
HETATM 1616 O O   . HOH D 2 .  ? 6.682   15.927  6.649   1.00 37.78 ? 97 HOH A O   1 
HETATM 1617 O O   . HOH E 2 .  ? 13.115  -12.379 9.071   1.00 25.48 ? 72 HOH B O   1 
HETATM 1618 O O   . HOH E 2 .  ? 13.083  -0.942  3.829   1.00 31.50 ? 73 HOH B O   1 
HETATM 1619 O O   . HOH E 2 .  ? 20.435  -15.478 18.240  1.00 28.30 ? 74 HOH B O   1 
HETATM 1620 O O   . HOH E 2 .  ? 18.978  -16.299 25.643  1.00 36.51 ? 75 HOH B O   1 
HETATM 1621 O O   . HOH E 2 .  ? 0.867   -6.474  15.488  1.00 47.30 ? 76 HOH B O   1 
HETATM 1622 O O   . HOH E 2 .  ? 7.485   -17.019 29.765  1.00 38.95 ? 77 HOH B O   1 
HETATM 1623 O O   . HOH E 2 .  ? 21.935  -5.146  6.193   1.00 36.70 ? 78 HOH B O   1 
HETATM 1624 O O   . HOH E 2 .  ? 13.658  -18.775 19.932  1.00 41.35 ? 79 HOH B O   1 
HETATM 1625 O O   . HOH E 2 .  ? 11.910  -8.130  -1.356  1.00 39.22 ? 80 HOH B O   1 
HETATM 1626 O O   . HOH E 2 .  ? 15.522  -5.034  -1.651  1.00 28.23 ? 81 HOH B O   1 
HETATM 1627 O O   . HOH E 2 .  ? 18.591  -3.129  0.047   1.00 36.26 ? 82 HOH B O   1 
HETATM 1628 O O   . HOH E 2 .  ? 17.102  0.283   0.921   1.00 41.59 ? 83 HOH B O   1 
HETATM 1629 O O   . HOH E 2 .  ? 20.016  -6.406  19.547  1.00 39.68 ? 84 HOH B O   1 
HETATM 1630 O O   . HOH E 2 .  ? 7.035   -18.499 15.324  1.00 54.48 ? 85 HOH B O   1 
HETATM 1631 O O   . HOH E 2 .  ? 7.272   -5.745  20.363  1.00 40.24 ? 86 HOH B O   1 
HETATM 1632 O O   . HOH F 2 .  ? 1.932   -0.910  -22.974 1.00 41.76 ? 72 HOH C O   1 
HETATM 1633 O O   . HOH F 2 .  ? 1.608   -11.658 -13.048 1.00 44.80 ? 73 HOH C O   1 
HETATM 1634 O O   . HOH F 2 .  ? -3.591  -12.369 -11.967 1.00 42.00 ? 74 HOH C O   1 
HETATM 1635 O O   . HOH F 2 .  ? 1.056   6.752   -22.443 1.00 45.38 ? 75 HOH C O   1 
HETATM 1636 O O   . HOH F 2 .  ? -12.567 -12.446 -26.966 1.00 29.92 ? 76 HOH C O   1 
HETATM 1637 O O   . HOH F 2 .  ? -2.085  0.862   -11.195 1.00 34.70 ? 77 HOH C O   1 
# 
